data_1J21
#
_entry.id   1J21
#
_cell.length_a   229.20
_cell.length_b   229.20
_cell.length_c   161.25
_cell.angle_alpha   90
_cell.angle_beta   90
_cell.angle_gamma   120
#
_symmetry.space_group_name_H-M   'H 3'
#
loop_
_entity.id
_entity.type
_entity.pdbx_description
1 polymer 'Argininosuccinate Synthetase'
2 non-polymer "ADENOSINE-5'-TRIPHOSPHATE"
3 non-polymer CITRULLINE
4 water water
#
_entity_poly.entity_id   1
_entity_poly.type   'polypeptide(L)'
_entity_poly.pdbx_seq_one_letter_code
;MKIVLAYSGGLDTSIILKWLKETYRAEVIAFTADIGQGEEVEEAREKALRTGASKAIALDLKEEFVRDFVFPMMRAGAVY
EGYYLLGTSIARPLIAKHLVRIAEEEGAEAIAHGATGKGNDQVRFELTAYALKPDIKVIAPWREWSFQGRKEMIAYAEAH
GIPVPVTQEKPYSMDANLLHISYEGGVLEDPWAEPPKGMFRMTQDPEEAPDAPEYVEVEFFEGDPVAVNGERLSPAALLQ
RLNEIGGRHGVGRVDIVENRFVGMKSRGVYETPGGTILYHARRAVESLTLDREVLHQRDMLSPKYAELVYYGFWYAPERE
ALQAYFDHVARSVTGVARLKLYKGNVYVVGRKAPKSLYRQDLVSFDEAGGYDQKDAEGFIKIQALRLRVRALVEREGHGA
;
_entity_poly.pdbx_strand_id   A,B,C,D
#
# COMPACT_ATOMS: atom_id res chain seq x y z
N MET A 1 -9.58 -35.87 -32.63
CA MET A 1 -9.21 -35.03 -31.46
C MET A 1 -7.70 -34.96 -31.29
N LYS A 2 -7.19 -33.74 -31.13
CA LYS A 2 -5.76 -33.51 -30.94
C LYS A 2 -5.52 -32.85 -29.58
N ILE A 3 -4.38 -33.18 -28.97
CA ILE A 3 -4.01 -32.62 -27.68
C ILE A 3 -2.56 -32.17 -27.73
N VAL A 4 -2.31 -30.92 -27.41
CA VAL A 4 -0.95 -30.38 -27.39
C VAL A 4 -0.42 -30.58 -25.97
N LEU A 5 0.55 -31.47 -25.84
CA LEU A 5 1.12 -31.79 -24.55
C LEU A 5 2.46 -31.11 -24.28
N ALA A 6 2.59 -30.53 -23.10
CA ALA A 6 3.83 -29.89 -22.71
C ALA A 6 4.68 -31.09 -22.35
N TYR A 7 5.56 -31.49 -23.26
CA TYR A 7 6.41 -32.66 -23.08
C TYR A 7 7.85 -32.29 -22.76
N SER A 8 8.30 -32.67 -21.56
CA SER A 8 9.66 -32.36 -21.13
C SER A 8 10.64 -33.51 -21.38
N GLY A 9 10.11 -34.66 -21.82
CA GLY A 9 10.98 -35.79 -22.13
C GLY A 9 11.23 -36.80 -21.03
N GLY A 10 10.81 -36.51 -19.80
CA GLY A 10 11.03 -37.43 -18.70
C GLY A 10 10.07 -38.60 -18.67
N LEU A 11 10.14 -39.39 -17.59
CA LEU A 11 9.27 -40.54 -17.44
C LEU A 11 7.79 -40.17 -17.36
N ASP A 12 7.44 -39.25 -16.45
CA ASP A 12 6.04 -38.86 -16.28
C ASP A 12 5.35 -38.31 -17.53
N THR A 13 5.96 -37.35 -18.20
CA THR A 13 5.32 -36.80 -19.39
C THR A 13 5.25 -37.85 -20.51
N SER A 14 6.15 -38.82 -20.48
CA SER A 14 6.15 -39.88 -21.48
C SER A 14 4.97 -40.80 -21.17
N ILE A 15 4.78 -41.09 -19.90
CA ILE A 15 3.68 -41.92 -19.43
C ILE A 15 2.38 -41.17 -19.75
N ILE A 16 2.41 -39.86 -19.55
CA ILE A 16 1.26 -39.01 -19.83
C ILE A 16 0.94 -39.04 -21.33
N LEU A 17 1.98 -39.12 -22.14
CA LEU A 17 1.75 -39.16 -23.58
C LEU A 17 0.96 -40.42 -23.92
N LYS A 18 1.38 -41.57 -23.37
CA LYS A 18 0.65 -42.82 -23.63
C LYS A 18 -0.77 -42.75 -23.08
N TRP A 19 -0.88 -42.28 -21.85
CA TRP A 19 -2.16 -42.15 -21.16
C TRP A 19 -3.17 -41.33 -21.96
N LEU A 20 -2.73 -40.18 -22.49
CA LEU A 20 -3.61 -39.31 -23.27
C LEU A 20 -4.11 -39.98 -24.54
N LYS A 21 -3.23 -40.74 -25.20
CA LYS A 21 -3.61 -41.42 -26.44
C LYS A 21 -4.73 -42.42 -26.20
N GLU A 22 -4.54 -43.28 -25.20
CA GLU A 22 -5.53 -44.29 -24.90
C GLU A 22 -6.78 -43.73 -24.25
N THR A 23 -6.61 -42.85 -23.27
CA THR A 23 -7.71 -42.26 -22.54
C THR A 23 -8.60 -41.34 -23.36
N TYR A 24 -8.01 -40.62 -24.30
CA TYR A 24 -8.80 -39.71 -25.11
C TYR A 24 -8.85 -40.14 -26.55
N ARG A 25 -8.15 -41.21 -26.87
CA ARG A 25 -8.15 -41.72 -28.23
C ARG A 25 -7.89 -40.51 -29.10
N ALA A 26 -6.92 -39.73 -28.67
CA ALA A 26 -6.56 -38.51 -29.37
C ALA A 26 -5.17 -38.56 -29.94
N GLU A 27 -4.96 -37.73 -30.94
CA GLU A 27 -3.67 -37.62 -31.57
C GLU A 27 -2.91 -36.62 -30.67
N VAL A 28 -1.72 -37.02 -30.20
CA VAL A 28 -0.95 -36.15 -29.31
C VAL A 28 0.28 -35.47 -29.95
N ILE A 29 0.27 -34.14 -29.90
CA ILE A 29 1.33 -33.30 -30.44
C ILE A 29 2.20 -32.84 -29.27
N ALA A 30 3.43 -33.34 -29.22
CA ALA A 30 4.35 -32.99 -28.15
C ALA A 30 5.07 -31.66 -28.38
N PHE A 31 5.24 -30.90 -27.31
CA PHE A 31 5.95 -29.63 -27.38
C PHE A 31 6.98 -29.60 -26.27
N THR A 32 8.23 -29.33 -26.66
CA THR A 32 9.31 -29.26 -25.71
C THR A 32 9.98 -27.92 -25.95
N ALA A 33 10.19 -27.17 -24.89
CA ALA A 33 10.83 -25.87 -25.02
C ALA A 33 12.20 -25.88 -24.39
N ASP A 34 13.11 -25.16 -25.03
CA ASP A 34 14.46 -25.04 -24.50
C ASP A 34 14.49 -23.68 -23.80
N ILE A 35 14.50 -23.70 -22.47
CA ILE A 35 14.54 -22.48 -21.67
C ILE A 35 15.77 -22.52 -20.77
N GLY A 36 16.77 -23.30 -21.18
CA GLY A 36 18.01 -23.40 -20.43
C GLY A 36 18.09 -24.50 -19.40
N GLN A 37 17.30 -25.56 -19.56
CA GLN A 37 17.32 -26.68 -18.62
C GLN A 37 18.63 -27.45 -18.72
N GLY A 38 19.36 -27.24 -19.81
CA GLY A 38 20.62 -27.94 -19.98
C GLY A 38 20.50 -29.34 -20.56
N GLU A 39 19.40 -29.60 -21.26
CA GLU A 39 19.15 -30.89 -21.88
C GLU A 39 19.03 -30.70 -23.38
N GLU A 40 19.20 -31.77 -24.13
CA GLU A 40 19.06 -31.65 -25.59
C GLU A 40 17.59 -31.80 -25.94
N VAL A 41 16.94 -30.67 -26.18
CA VAL A 41 15.53 -30.72 -26.50
C VAL A 41 15.24 -31.63 -27.69
N GLU A 42 16.17 -31.68 -28.65
CA GLU A 42 15.96 -32.55 -29.81
C GLU A 42 15.82 -34.03 -29.44
N GLU A 43 16.50 -34.43 -28.37
CA GLU A 43 16.41 -35.81 -27.93
C GLU A 43 15.05 -36.07 -27.28
N ALA A 44 14.43 -35.01 -26.77
CA ALA A 44 13.12 -35.13 -26.15
C ALA A 44 12.10 -35.24 -27.28
N ARG A 45 12.29 -34.40 -28.29
CA ARG A 45 11.41 -34.39 -29.45
C ARG A 45 11.39 -35.73 -30.17
N GLU A 46 12.52 -36.43 -30.18
CA GLU A 46 12.59 -37.73 -30.85
C GLU A 46 11.96 -38.80 -29.99
N LYS A 47 12.20 -38.74 -28.68
CA LYS A 47 11.61 -39.70 -27.77
C LYS A 47 10.08 -39.60 -27.84
N ALA A 48 9.57 -38.38 -28.01
CA ALA A 48 8.12 -38.19 -28.09
C ALA A 48 7.57 -38.96 -29.27
N LEU A 49 8.28 -38.91 -30.39
CA LEU A 49 7.85 -39.63 -31.59
C LEU A 49 7.91 -41.14 -31.31
N ARG A 50 8.99 -41.58 -30.64
CA ARG A 50 9.15 -42.99 -30.29
C ARG A 50 8.03 -43.41 -29.35
N THR A 51 7.67 -42.50 -28.45
CA THR A 51 6.62 -42.77 -27.47
C THR A 51 5.21 -42.75 -28.05
N GLY A 52 5.04 -42.19 -29.25
CA GLY A 52 3.72 -42.20 -29.85
C GLY A 52 3.10 -40.90 -30.32
N ALA A 53 3.80 -39.78 -30.17
CA ALA A 53 3.25 -38.50 -30.60
C ALA A 53 3.03 -38.49 -32.12
N SER A 54 1.98 -37.81 -32.57
CA SER A 54 1.69 -37.71 -33.99
C SER A 54 2.57 -36.63 -34.57
N LYS A 55 3.18 -35.85 -33.69
CA LYS A 55 4.04 -34.76 -34.10
C LYS A 55 4.78 -34.28 -32.87
N ALA A 56 6.01 -33.85 -33.06
CA ALA A 56 6.81 -33.38 -31.95
C ALA A 56 7.44 -32.06 -32.36
N ILE A 57 7.31 -31.05 -31.50
CA ILE A 57 7.87 -29.73 -31.75
C ILE A 57 8.86 -29.39 -30.64
N ALA A 58 9.95 -28.74 -31.02
CA ALA A 58 10.98 -28.34 -30.09
C ALA A 58 11.47 -26.97 -30.52
N LEU A 59 11.44 -26.01 -29.60
CA LEU A 59 11.87 -24.66 -29.91
C LEU A 59 12.86 -24.09 -28.91
N ASP A 60 13.78 -23.28 -29.41
CA ASP A 60 14.76 -22.64 -28.55
C ASP A 60 14.06 -21.36 -28.11
N LEU A 61 13.64 -21.30 -26.86
CA LEU A 61 12.92 -20.13 -26.35
C LEU A 61 13.69 -19.35 -25.27
N LYS A 62 15.01 -19.51 -25.24
CA LYS A 62 15.83 -18.84 -24.24
C LYS A 62 15.82 -17.31 -24.34
N GLU A 63 15.91 -16.80 -25.57
CA GLU A 63 15.90 -15.36 -25.80
C GLU A 63 14.53 -14.75 -25.45
N GLU A 64 13.45 -15.36 -25.94
CA GLU A 64 12.11 -14.84 -25.64
C GLU A 64 11.88 -14.90 -24.13
N PHE A 65 12.36 -15.97 -23.50
CA PHE A 65 12.24 -16.16 -22.05
C PHE A 65 12.84 -15.01 -21.25
N VAL A 66 14.12 -14.72 -21.48
CA VAL A 66 14.79 -13.65 -20.75
C VAL A 66 14.28 -12.27 -21.12
N ARG A 67 14.11 -12.03 -22.41
CA ARG A 67 13.65 -10.75 -22.92
C ARG A 67 12.20 -10.39 -22.59
N ASP A 68 11.27 -11.31 -22.79
CA ASP A 68 9.86 -11.04 -22.55
C ASP A 68 9.27 -11.46 -21.21
N PHE A 69 10.05 -12.15 -20.37
CA PHE A 69 9.52 -12.57 -19.09
C PHE A 69 10.44 -12.24 -17.91
N VAL A 70 11.68 -12.70 -17.97
CA VAL A 70 12.63 -12.43 -16.90
C VAL A 70 12.96 -10.94 -16.77
N PHE A 71 13.27 -10.28 -17.89
CA PHE A 71 13.61 -8.85 -17.86
C PHE A 71 12.49 -7.95 -17.33
N PRO A 72 11.25 -8.12 -17.81
CA PRO A 72 10.14 -7.29 -17.32
C PRO A 72 9.92 -7.50 -15.82
N MET A 73 10.14 -8.73 -15.37
CA MET A 73 9.97 -9.07 -13.96
C MET A 73 11.07 -8.45 -13.11
N MET A 74 12.29 -8.44 -13.62
CA MET A 74 13.40 -7.86 -12.89
C MET A 74 13.26 -6.35 -12.79
N ARG A 75 12.74 -5.73 -13.84
CA ARG A 75 12.55 -4.27 -13.83
C ARG A 75 11.70 -3.89 -12.63
N ALA A 76 10.81 -4.80 -12.24
CA ALA A 76 9.91 -4.60 -11.13
C ALA A 76 10.53 -4.85 -9.75
N GLY A 77 11.74 -5.38 -9.74
CA GLY A 77 12.41 -5.67 -8.48
C GLY A 77 11.67 -6.75 -7.72
N ALA A 78 11.03 -7.66 -8.47
CA ALA A 78 10.24 -8.74 -7.89
C ALA A 78 10.98 -9.78 -7.05
N VAL A 79 10.58 -9.91 -5.80
CA VAL A 79 11.16 -10.88 -4.90
C VAL A 79 10.01 -11.44 -4.05
N TYR A 80 9.78 -12.74 -4.13
CA TYR A 80 8.70 -13.35 -3.37
C TYR A 80 9.17 -13.70 -1.96
N GLU A 81 8.38 -13.29 -0.98
CA GLU A 81 8.63 -13.53 0.44
C GLU A 81 10.08 -13.32 0.87
N GLY A 82 10.65 -12.18 0.46
CA GLY A 82 12.01 -11.83 0.84
C GLY A 82 13.19 -12.50 0.18
N TYR A 83 13.01 -13.64 -0.49
CA TYR A 83 14.18 -14.28 -1.09
C TYR A 83 14.01 -14.93 -2.45
N TYR A 84 12.83 -15.51 -2.71
CA TYR A 84 12.60 -16.18 -3.97
C TYR A 84 12.57 -15.29 -5.21
N LEU A 85 13.55 -15.49 -6.07
CA LEU A 85 13.67 -14.71 -7.30
C LEU A 85 12.76 -15.22 -8.42
N LEU A 86 11.88 -16.15 -8.07
CA LEU A 86 10.87 -16.66 -9.00
C LEU A 86 11.33 -17.36 -10.28
N GLY A 87 12.44 -18.10 -10.22
CA GLY A 87 12.94 -18.78 -11.40
C GLY A 87 11.97 -19.67 -12.16
N THR A 88 11.24 -20.52 -11.44
CA THR A 88 10.26 -21.40 -12.10
C THR A 88 8.97 -20.64 -12.45
N SER A 89 8.57 -19.75 -11.54
CA SER A 89 7.35 -18.97 -11.72
C SER A 89 7.20 -18.21 -13.06
N ILE A 90 8.18 -17.42 -13.47
CA ILE A 90 8.08 -16.67 -14.74
C ILE A 90 8.28 -17.52 -15.98
N ALA A 91 8.74 -18.75 -15.80
CA ALA A 91 8.96 -19.63 -16.95
C ALA A 91 7.67 -20.29 -17.43
N ARG A 92 6.82 -20.67 -16.49
CA ARG A 92 5.57 -21.36 -16.81
C ARG A 92 4.64 -20.65 -17.80
N PRO A 93 4.45 -19.33 -17.67
CA PRO A 93 3.57 -18.60 -18.60
C PRO A 93 4.02 -18.72 -20.06
N LEU A 94 5.33 -18.74 -20.26
CA LEU A 94 5.90 -18.85 -21.60
C LEU A 94 5.59 -20.21 -22.22
N ILE A 95 5.71 -21.28 -21.45
CA ILE A 95 5.41 -22.60 -21.97
C ILE A 95 3.94 -22.66 -22.40
N ALA A 96 3.04 -22.31 -21.48
CA ALA A 96 1.60 -22.33 -21.76
C ALA A 96 1.26 -21.44 -22.95
N LYS A 97 1.92 -20.29 -23.05
CA LYS A 97 1.67 -19.39 -24.16
C LYS A 97 1.87 -20.14 -25.48
N HIS A 98 2.94 -20.93 -25.56
CA HIS A 98 3.19 -21.69 -26.77
C HIS A 98 2.24 -22.89 -26.97
N LEU A 99 1.79 -23.50 -25.89
CA LEU A 99 0.87 -24.64 -26.03
C LEU A 99 -0.39 -24.16 -26.73
N VAL A 100 -0.93 -23.04 -26.27
CA VAL A 100 -2.14 -22.47 -26.84
C VAL A 100 -1.95 -22.06 -28.30
N ARG A 101 -0.80 -21.48 -28.60
CA ARG A 101 -0.49 -21.05 -29.96
C ARG A 101 -0.42 -22.28 -30.89
N ILE A 102 0.35 -23.28 -30.47
CA ILE A 102 0.49 -24.50 -31.25
C ILE A 102 -0.87 -25.16 -31.41
N ALA A 103 -1.63 -25.20 -30.32
CA ALA A 103 -2.96 -25.79 -30.37
C ALA A 103 -3.80 -25.07 -31.43
N GLU A 104 -3.62 -23.76 -31.54
CA GLU A 104 -4.35 -22.96 -32.51
C GLU A 104 -3.96 -23.33 -33.95
N GLU A 105 -2.67 -23.54 -34.16
CA GLU A 105 -2.14 -23.88 -35.47
C GLU A 105 -2.45 -25.30 -35.94
N GLU A 106 -2.45 -26.24 -35.01
CA GLU A 106 -2.71 -27.64 -35.31
C GLU A 106 -4.17 -28.02 -35.27
N GLY A 107 -5.02 -27.08 -34.87
CA GLY A 107 -6.44 -27.38 -34.80
C GLY A 107 -6.73 -28.31 -33.64
N ALA A 108 -6.01 -28.13 -32.54
CA ALA A 108 -6.21 -28.96 -31.35
C ALA A 108 -7.17 -28.25 -30.39
N GLU A 109 -8.13 -29.00 -29.85
CA GLU A 109 -9.09 -28.41 -28.94
C GLU A 109 -8.60 -28.37 -27.50
N ALA A 110 -7.55 -29.15 -27.20
CA ALA A 110 -7.03 -29.20 -25.83
C ALA A 110 -5.52 -29.19 -25.69
N ILE A 111 -5.06 -28.93 -24.48
CA ILE A 111 -3.64 -28.93 -24.16
C ILE A 111 -3.54 -29.72 -22.86
N ALA A 112 -2.36 -30.22 -22.57
CA ALA A 112 -2.13 -30.98 -21.34
C ALA A 112 -0.75 -30.70 -20.76
N HIS A 113 -0.61 -30.96 -19.46
CA HIS A 113 0.65 -30.74 -18.78
C HIS A 113 0.78 -31.76 -17.65
N GLY A 114 2.00 -31.97 -17.19
CA GLY A 114 2.23 -32.93 -16.12
C GLY A 114 2.47 -32.35 -14.75
N ALA A 115 1.92 -31.17 -14.47
CA ALA A 115 2.07 -30.56 -13.15
C ALA A 115 1.08 -31.27 -12.24
N THR A 116 1.47 -31.53 -11.00
CA THR A 116 0.58 -32.20 -10.05
C THR A 116 -0.60 -31.33 -9.60
N GLY A 117 -1.56 -31.95 -8.92
CA GLY A 117 -2.73 -31.22 -8.44
C GLY A 117 -2.54 -30.65 -7.05
N LYS A 118 -1.33 -30.75 -6.53
CA LYS A 118 -1.03 -30.24 -5.20
C LYS A 118 -0.15 -29.00 -5.19
N GLY A 119 0.43 -28.66 -6.34
CA GLY A 119 1.32 -27.51 -6.38
C GLY A 119 0.88 -26.27 -7.13
N ASN A 120 1.81 -25.33 -7.27
CA ASN A 120 1.59 -24.06 -7.94
C ASN A 120 1.60 -24.07 -9.46
N ASP A 121 2.44 -24.91 -10.05
CA ASP A 121 2.55 -24.91 -11.51
C ASP A 121 1.28 -25.11 -12.30
N GLN A 122 0.40 -26.01 -11.84
CA GLN A 122 -0.85 -26.25 -12.54
C GLN A 122 -1.63 -24.93 -12.70
N VAL A 123 -1.65 -24.13 -11.64
CA VAL A 123 -2.36 -22.85 -11.66
C VAL A 123 -1.76 -21.94 -12.70
N ARG A 124 -0.43 -21.84 -12.70
CA ARG A 124 0.28 -20.99 -13.64
C ARG A 124 -0.02 -21.39 -15.09
N PHE A 125 0.16 -22.67 -15.39
CA PHE A 125 -0.09 -23.17 -16.74
C PHE A 125 -1.52 -22.85 -17.20
N GLU A 126 -2.48 -23.14 -16.35
CA GLU A 126 -3.87 -22.95 -16.70
C GLU A 126 -4.40 -21.54 -16.69
N LEU A 127 -3.99 -20.73 -15.72
CA LEU A 127 -4.43 -19.35 -15.71
C LEU A 127 -3.98 -18.68 -17.01
N THR A 128 -2.76 -18.96 -17.46
CA THR A 128 -2.32 -18.33 -18.70
C THR A 128 -3.04 -18.91 -19.91
N ALA A 129 -3.31 -20.21 -19.89
CA ALA A 129 -4.00 -20.86 -21.00
C ALA A 129 -5.42 -20.29 -21.13
N TYR A 130 -6.13 -20.22 -20.01
CA TYR A 130 -7.49 -19.69 -20.02
C TYR A 130 -7.55 -18.20 -20.41
N ALA A 131 -6.55 -17.43 -19.97
CA ALA A 131 -6.49 -16.00 -20.26
C ALA A 131 -6.20 -15.70 -21.73
N LEU A 132 -5.38 -16.53 -22.37
CA LEU A 132 -5.01 -16.35 -23.76
C LEU A 132 -6.06 -16.92 -24.71
N LYS A 133 -6.65 -18.06 -24.33
CA LYS A 133 -7.68 -18.70 -25.13
C LYS A 133 -8.72 -19.26 -24.15
N PRO A 134 -9.76 -18.46 -23.86
CA PRO A 134 -10.84 -18.79 -22.94
C PRO A 134 -11.58 -20.11 -23.14
N ASP A 135 -11.68 -20.57 -24.38
CA ASP A 135 -12.40 -21.82 -24.61
C ASP A 135 -11.54 -23.06 -24.83
N ILE A 136 -10.24 -22.94 -24.59
CA ILE A 136 -9.34 -24.08 -24.75
C ILE A 136 -9.72 -25.07 -23.66
N LYS A 137 -9.42 -26.35 -23.87
CA LYS A 137 -9.70 -27.38 -22.89
C LYS A 137 -8.36 -27.80 -22.32
N VAL A 138 -8.31 -28.02 -21.01
CA VAL A 138 -7.08 -28.41 -20.36
C VAL A 138 -7.23 -29.79 -19.77
N ILE A 139 -6.15 -30.57 -19.84
CA ILE A 139 -6.17 -31.90 -19.29
C ILE A 139 -4.94 -32.07 -18.42
N ALA A 140 -5.16 -32.22 -17.12
CA ALA A 140 -4.09 -32.44 -16.18
C ALA A 140 -4.28 -33.86 -15.64
N PRO A 141 -3.60 -34.83 -16.28
CA PRO A 141 -3.69 -36.24 -15.89
C PRO A 141 -3.53 -36.51 -14.39
N TRP A 142 -2.65 -35.76 -13.73
CA TRP A 142 -2.45 -35.99 -12.30
C TRP A 142 -3.72 -35.77 -11.49
N ARG A 143 -4.66 -35.01 -12.04
CA ARG A 143 -5.92 -34.75 -11.36
C ARG A 143 -7.03 -35.66 -11.90
N GLU A 144 -6.77 -36.37 -13.00
CA GLU A 144 -7.76 -37.24 -13.63
C GLU A 144 -7.57 -38.75 -13.57
N TRP A 145 -6.33 -39.22 -13.42
CA TRP A 145 -6.10 -40.65 -13.38
C TRP A 145 -6.14 -41.17 -11.94
N SER A 146 -5.92 -42.47 -11.77
CA SER A 146 -5.99 -43.01 -10.41
C SER A 146 -4.81 -43.87 -9.99
N PHE A 147 -3.65 -43.69 -10.63
CA PHE A 147 -2.46 -44.46 -10.27
C PHE A 147 -2.32 -44.40 -8.76
N GLN A 148 -1.98 -45.52 -8.14
CA GLN A 148 -1.86 -45.55 -6.69
C GLN A 148 -0.41 -45.53 -6.21
N GLY A 149 0.47 -44.90 -6.99
CA GLY A 149 1.87 -44.83 -6.59
C GLY A 149 2.85 -45.05 -7.73
N ARG A 150 4.10 -44.67 -7.49
CA ARG A 150 5.19 -44.80 -8.47
C ARG A 150 5.22 -46.25 -8.95
N LYS A 151 5.22 -47.17 -8.00
CA LYS A 151 5.27 -48.59 -8.29
C LYS A 151 4.39 -48.88 -9.50
N GLU A 152 3.12 -48.54 -9.36
CA GLU A 152 2.13 -48.75 -10.41
C GLU A 152 2.44 -47.97 -11.68
N MET A 153 3.04 -46.78 -11.53
CA MET A 153 3.37 -45.98 -12.70
C MET A 153 4.54 -46.60 -13.46
N ILE A 154 5.52 -47.12 -12.73
CA ILE A 154 6.67 -47.75 -13.38
C ILE A 154 6.14 -48.92 -14.21
N ALA A 155 5.30 -49.73 -13.59
CA ALA A 155 4.70 -50.89 -14.25
C ALA A 155 3.97 -50.46 -15.51
N TYR A 156 3.20 -49.38 -15.42
CA TYR A 156 2.45 -48.90 -16.58
C TYR A 156 3.40 -48.53 -17.70
N ALA A 157 4.47 -47.82 -17.34
CA ALA A 157 5.45 -47.39 -18.32
C ALA A 157 6.18 -48.60 -18.91
N GLU A 158 6.63 -49.52 -18.05
CA GLU A 158 7.31 -50.72 -18.53
C GLU A 158 6.42 -51.39 -19.56
N ALA A 159 5.16 -51.55 -19.19
CA ALA A 159 4.16 -52.16 -20.07
C ALA A 159 4.18 -51.51 -21.44
N HIS A 160 4.29 -50.19 -21.50
CA HIS A 160 4.31 -49.48 -22.77
C HIS A 160 5.69 -49.35 -23.38
N GLY A 161 6.68 -49.96 -22.74
CA GLY A 161 8.04 -49.86 -23.26
C GLY A 161 8.66 -48.51 -23.02
N ILE A 162 8.24 -47.84 -21.94
CA ILE A 162 8.80 -46.54 -21.62
C ILE A 162 9.95 -46.76 -20.65
N PRO A 163 11.18 -46.54 -21.12
CA PRO A 163 12.35 -46.74 -20.25
C PRO A 163 12.20 -46.08 -18.89
N VAL A 164 12.58 -46.81 -17.85
CA VAL A 164 12.50 -46.35 -16.47
C VAL A 164 13.90 -46.31 -15.87
N PRO A 165 14.38 -45.13 -15.47
CA PRO A 165 15.71 -45.00 -14.88
C PRO A 165 15.88 -45.74 -13.55
N PRO A 171 15.85 -38.44 -4.25
CA PRO A 171 16.03 -37.87 -2.89
C PRO A 171 15.38 -36.49 -2.82
N TYR A 172 15.17 -35.88 -3.99
CA TYR A 172 14.53 -34.57 -4.08
C TYR A 172 14.16 -34.25 -5.52
N SER A 173 13.27 -33.28 -5.70
CA SER A 173 12.80 -32.86 -7.02
C SER A 173 13.58 -31.65 -7.54
N MET A 174 13.64 -31.49 -8.85
CA MET A 174 14.38 -30.38 -9.46
C MET A 174 13.71 -29.75 -10.67
N ASP A 175 13.99 -28.47 -10.86
CA ASP A 175 13.50 -27.74 -12.02
C ASP A 175 14.64 -26.79 -12.37
N ALA A 176 15.09 -26.82 -13.62
CA ALA A 176 16.18 -25.96 -14.04
C ALA A 176 15.93 -25.24 -15.35
N ASN A 177 16.35 -23.98 -15.39
CA ASN A 177 16.23 -23.14 -16.57
C ASN A 177 17.32 -22.07 -16.48
N LEU A 178 17.43 -21.24 -17.51
CA LEU A 178 18.44 -20.19 -17.54
C LEU A 178 18.48 -19.27 -16.32
N LEU A 179 17.36 -19.12 -15.61
CA LEU A 179 17.32 -18.25 -14.45
C LEU A 179 17.81 -18.91 -13.16
N HIS A 180 17.43 -20.15 -12.92
CA HIS A 180 17.84 -20.81 -11.69
C HIS A 180 17.63 -22.32 -11.71
N ILE A 181 17.90 -22.94 -10.56
CA ILE A 181 17.62 -24.36 -10.41
C ILE A 181 16.94 -24.46 -9.05
N SER A 182 15.79 -25.14 -9.04
CA SER A 182 15.00 -25.33 -7.84
C SER A 182 15.05 -26.76 -7.30
N TYR A 183 15.18 -26.88 -5.98
CA TYR A 183 15.24 -28.19 -5.34
C TYR A 183 14.23 -28.25 -4.19
N GLU A 184 13.41 -29.29 -4.18
CA GLU A 184 12.44 -29.48 -3.11
C GLU A 184 11.90 -30.90 -3.11
N GLY A 185 11.35 -31.31 -1.96
CA GLY A 185 10.80 -32.63 -1.82
C GLY A 185 11.80 -33.56 -1.18
N GLY A 186 11.40 -34.81 -0.97
CA GLY A 186 12.27 -35.79 -0.36
C GLY A 186 12.97 -35.32 0.89
N VAL A 187 14.30 -35.45 0.89
CA VAL A 187 15.15 -35.05 2.02
C VAL A 187 14.93 -33.60 2.48
N LEU A 188 14.54 -32.75 1.53
CA LEU A 188 14.34 -31.33 1.80
C LEU A 188 13.05 -30.96 2.53
N GLU A 189 12.12 -31.90 2.67
CA GLU A 189 10.86 -31.60 3.33
C GLU A 189 10.98 -31.25 4.81
N ASP A 190 12.00 -31.77 5.47
CA ASP A 190 12.23 -31.46 6.88
C ASP A 190 12.96 -30.11 6.89
N PRO A 191 12.24 -29.02 7.22
CA PRO A 191 12.84 -27.68 7.27
C PRO A 191 13.98 -27.49 8.24
N TRP A 192 14.21 -28.47 9.11
CA TRP A 192 15.28 -28.37 10.08
C TRP A 192 16.56 -29.03 9.58
N ALA A 193 16.47 -29.71 8.44
CA ALA A 193 17.63 -30.40 7.87
C ALA A 193 18.31 -29.60 6.77
N GLU A 194 19.62 -29.38 6.91
CA GLU A 194 20.36 -28.65 5.88
C GLU A 194 20.38 -29.47 4.59
N PRO A 195 20.38 -28.81 3.42
CA PRO A 195 20.42 -29.60 2.18
C PRO A 195 21.65 -30.50 2.12
N PRO A 196 21.51 -31.69 1.53
CA PRO A 196 22.66 -32.60 1.44
C PRO A 196 23.80 -32.02 0.62
N LYS A 197 25.02 -32.43 0.94
CA LYS A 197 26.19 -31.95 0.22
C LYS A 197 26.20 -32.47 -1.22
N GLY A 198 26.63 -31.62 -2.15
CA GLY A 198 26.68 -32.04 -3.54
C GLY A 198 25.37 -31.85 -4.28
N MET A 199 24.33 -31.36 -3.61
CA MET A 199 23.05 -31.17 -4.28
C MET A 199 23.13 -30.10 -5.37
N PHE A 200 23.76 -28.97 -5.06
CA PHE A 200 23.86 -27.87 -6.03
C PHE A 200 24.59 -28.24 -7.31
N ARG A 201 24.10 -27.72 -8.42
CA ARG A 201 24.67 -28.03 -9.72
C ARG A 201 25.11 -26.80 -10.51
N MET A 202 24.29 -25.76 -10.45
CA MET A 202 24.56 -24.52 -11.19
C MET A 202 25.60 -23.61 -10.53
N THR A 203 25.81 -23.79 -9.23
CA THR A 203 26.75 -22.95 -8.52
C THR A 203 27.80 -23.76 -7.79
N GLN A 204 29.02 -23.26 -7.78
CA GLN A 204 30.12 -23.91 -7.10
C GLN A 204 29.92 -23.76 -5.59
N ASP A 205 30.34 -24.78 -4.85
CA ASP A 205 30.23 -24.76 -3.41
C ASP A 205 31.10 -23.59 -2.91
N PRO A 206 30.51 -22.66 -2.17
CA PRO A 206 31.30 -21.52 -1.67
C PRO A 206 32.64 -21.95 -1.05
N GLU A 207 32.62 -23.05 -0.32
CA GLU A 207 33.85 -23.54 0.31
C GLU A 207 34.88 -23.95 -0.73
N GLU A 208 34.43 -24.09 -1.98
CA GLU A 208 35.30 -24.49 -3.10
C GLU A 208 35.48 -23.38 -4.13
N ALA A 209 34.97 -22.19 -3.83
CA ALA A 209 35.08 -21.07 -4.75
C ALA A 209 36.50 -20.50 -4.79
N PRO A 210 36.83 -19.73 -5.84
CA PRO A 210 38.16 -19.11 -6.00
C PRO A 210 38.63 -18.36 -4.75
N ASP A 211 39.92 -18.48 -4.47
CA ASP A 211 40.50 -17.81 -3.32
C ASP A 211 40.64 -16.31 -3.56
N ALA A 212 40.51 -15.90 -4.82
CA ALA A 212 40.60 -14.48 -5.16
C ALA A 212 39.22 -13.99 -5.58
N PRO A 213 38.85 -12.78 -5.15
CA PRO A 213 37.54 -12.26 -5.54
C PRO A 213 37.60 -11.84 -7.00
N GLU A 214 36.44 -11.74 -7.64
CA GLU A 214 36.36 -11.35 -9.04
C GLU A 214 35.42 -10.16 -9.19
N TYR A 215 35.90 -9.13 -9.88
CA TYR A 215 35.10 -7.95 -10.13
C TYR A 215 34.36 -8.12 -11.44
N VAL A 216 33.15 -7.56 -11.50
CA VAL A 216 32.31 -7.67 -12.69
C VAL A 216 31.52 -6.36 -12.82
N GLU A 217 31.32 -5.91 -14.05
CA GLU A 217 30.57 -4.70 -14.30
C GLU A 217 29.38 -5.02 -15.17
N VAL A 218 28.22 -4.46 -14.82
CA VAL A 218 27.03 -4.70 -15.61
C VAL A 218 26.41 -3.37 -15.99
N GLU A 219 26.19 -3.19 -17.29
CA GLU A 219 25.60 -1.97 -17.80
C GLU A 219 24.11 -2.15 -18.03
N PHE A 220 23.33 -1.15 -17.63
CA PHE A 220 21.89 -1.17 -17.83
C PHE A 220 21.55 -0.02 -18.77
N PHE A 221 20.62 -0.24 -19.69
CA PHE A 221 20.28 0.87 -20.56
C PHE A 221 19.00 1.54 -20.12
N GLU A 222 17.85 0.99 -20.43
CA GLU A 222 16.64 1.67 -19.97
C GLU A 222 15.85 0.74 -19.10
N GLY A 223 16.51 0.21 -18.07
CA GLY A 223 15.87 -0.73 -17.17
C GLY A 223 16.34 -2.16 -17.38
N ASP A 224 16.99 -2.41 -18.52
CA ASP A 224 17.49 -3.75 -18.83
C ASP A 224 19.00 -3.83 -18.97
N PRO A 225 19.61 -4.93 -18.49
CA PRO A 225 21.07 -5.10 -18.60
C PRO A 225 21.42 -5.38 -20.06
N VAL A 226 22.38 -4.61 -20.59
CA VAL A 226 22.79 -4.76 -21.98
C VAL A 226 24.24 -5.17 -22.20
N ALA A 227 25.03 -5.17 -21.14
CA ALA A 227 26.44 -5.54 -21.27
C ALA A 227 27.08 -6.05 -19.97
N VAL A 228 28.11 -6.87 -20.14
CA VAL A 228 28.85 -7.43 -19.01
C VAL A 228 30.34 -7.21 -19.28
N ASN A 229 31.00 -6.49 -18.39
CA ASN A 229 32.42 -6.19 -18.53
C ASN A 229 32.70 -5.53 -19.88
N GLY A 230 31.83 -4.62 -20.29
CA GLY A 230 32.02 -3.92 -21.53
C GLY A 230 31.62 -4.67 -22.80
N GLU A 231 31.16 -5.91 -22.67
CA GLU A 231 30.76 -6.65 -23.86
C GLU A 231 29.24 -6.65 -24.01
N ARG A 232 28.75 -6.11 -25.11
CA ARG A 232 27.32 -6.09 -25.35
C ARG A 232 26.87 -7.52 -25.57
N LEU A 233 25.79 -7.92 -24.90
CA LEU A 233 25.26 -9.28 -24.98
C LEU A 233 23.73 -9.31 -25.03
N SER A 234 23.18 -10.22 -25.83
CA SER A 234 21.74 -10.35 -25.95
C SER A 234 21.19 -10.83 -24.60
N PRO A 235 19.90 -10.61 -24.36
CA PRO A 235 19.28 -11.03 -23.10
C PRO A 235 19.69 -12.43 -22.63
N ALA A 236 19.47 -13.44 -23.47
CA ALA A 236 19.81 -14.83 -23.11
C ALA A 236 21.30 -15.03 -22.85
N ALA A 237 22.13 -14.50 -23.75
CA ALA A 237 23.57 -14.64 -23.60
C ALA A 237 24.09 -13.88 -22.38
N LEU A 238 23.41 -12.79 -22.03
CA LEU A 238 23.84 -12.00 -20.88
C LEU A 238 23.57 -12.73 -19.57
N LEU A 239 22.43 -13.41 -19.48
CA LEU A 239 22.08 -14.16 -18.26
C LEU A 239 23.06 -15.33 -18.11
N GLN A 240 23.39 -15.95 -19.25
CA GLN A 240 24.30 -17.09 -19.29
C GLN A 240 25.67 -16.69 -18.77
N ARG A 241 26.18 -15.57 -19.26
CA ARG A 241 27.48 -15.08 -18.84
C ARG A 241 27.53 -14.84 -17.33
N LEU A 242 26.51 -14.16 -16.82
CA LEU A 242 26.43 -13.87 -15.40
C LEU A 242 26.21 -15.15 -14.58
N ASN A 243 25.63 -16.18 -15.17
CA ASN A 243 25.45 -17.43 -14.46
C ASN A 243 26.81 -18.10 -14.31
N GLU A 244 27.64 -17.95 -15.33
CA GLU A 244 28.99 -18.53 -15.31
C GLU A 244 29.84 -17.82 -14.26
N ILE A 245 29.92 -16.50 -14.36
CA ILE A 245 30.71 -15.71 -13.42
C ILE A 245 30.20 -15.84 -12.00
N GLY A 246 28.89 -15.72 -11.81
CA GLY A 246 28.33 -15.84 -10.48
C GLY A 246 28.38 -17.28 -9.98
N GLY A 247 28.10 -18.22 -10.88
CA GLY A 247 28.12 -19.62 -10.50
C GLY A 247 29.47 -20.09 -9.98
N ARG A 248 30.54 -19.72 -10.67
CA ARG A 248 31.90 -20.13 -10.27
C ARG A 248 32.17 -19.69 -8.84
N HIS A 249 31.53 -18.62 -8.39
CA HIS A 249 31.76 -18.14 -7.02
C HIS A 249 30.74 -18.60 -5.98
N GLY A 250 29.81 -19.45 -6.38
CA GLY A 250 28.82 -19.95 -5.44
C GLY A 250 27.77 -18.94 -5.01
N VAL A 251 27.58 -17.91 -5.82
CA VAL A 251 26.61 -16.85 -5.53
C VAL A 251 25.16 -17.23 -5.86
N GLY A 252 24.21 -16.63 -5.13
CA GLY A 252 22.80 -16.84 -5.38
C GLY A 252 22.05 -18.01 -4.75
N ARG A 253 22.55 -18.52 -3.62
CA ARG A 253 21.90 -19.64 -2.95
C ARG A 253 20.89 -19.21 -1.88
N VAL A 254 19.69 -19.77 -1.96
CA VAL A 254 18.62 -19.47 -1.01
C VAL A 254 17.93 -20.72 -0.46
N ASP A 255 17.64 -20.71 0.84
CA ASP A 255 16.98 -21.84 1.52
C ASP A 255 15.77 -21.29 2.28
N ILE A 256 14.57 -21.52 1.77
CA ILE A 256 13.37 -20.99 2.42
C ILE A 256 12.16 -21.91 2.52
N VAL A 257 11.27 -21.59 3.45
CA VAL A 257 10.00 -22.30 3.57
C VAL A 257 9.04 -21.24 3.04
N GLU A 258 8.40 -21.52 1.92
CA GLU A 258 7.50 -20.57 1.27
C GLU A 258 6.02 -20.90 1.39
N ASN A 259 5.17 -19.91 1.15
CA ASN A 259 3.73 -20.13 1.20
C ASN A 259 3.24 -20.37 -0.22
N ARG A 260 2.65 -21.53 -0.45
CA ARG A 260 2.15 -21.87 -1.78
C ARG A 260 0.80 -21.20 -2.02
N PHE A 261 0.42 -21.11 -3.29
CA PHE A 261 -0.85 -20.50 -3.65
C PHE A 261 -1.99 -21.47 -3.36
N VAL A 262 -1.73 -22.76 -3.44
CA VAL A 262 -2.80 -23.70 -3.17
C VAL A 262 -3.18 -23.72 -1.68
N GLY A 263 -2.34 -23.12 -0.83
CA GLY A 263 -2.68 -23.07 0.59
C GLY A 263 -1.78 -23.65 1.67
N MET A 264 -0.68 -24.31 1.32
CA MET A 264 0.22 -24.87 2.35
C MET A 264 1.58 -24.17 2.38
N LYS A 265 2.55 -24.78 3.04
CA LYS A 265 3.91 -24.24 3.11
C LYS A 265 4.84 -25.30 2.49
N SER A 266 5.90 -24.84 1.85
CA SER A 266 6.83 -25.74 1.20
C SER A 266 8.28 -25.30 1.44
N ARG A 267 9.18 -26.26 1.60
CA ARG A 267 10.59 -25.96 1.82
C ARG A 267 11.29 -26.00 0.47
N GLY A 268 11.89 -24.88 0.07
CA GLY A 268 12.58 -24.82 -1.21
C GLY A 268 14.00 -24.27 -1.14
N VAL A 269 14.87 -24.80 -1.99
CA VAL A 269 16.25 -24.36 -2.07
C VAL A 269 16.46 -23.91 -3.52
N TYR A 270 17.00 -22.71 -3.68
CA TYR A 270 17.21 -22.16 -5.02
C TYR A 270 18.56 -21.52 -5.24
N GLU A 271 19.12 -21.72 -6.43
CA GLU A 271 20.38 -21.10 -6.79
C GLU A 271 20.09 -20.27 -8.06
N THR A 272 20.37 -18.97 -7.95
CA THR A 272 20.13 -18.01 -9.03
C THR A 272 21.37 -17.12 -9.13
N PRO A 273 22.51 -17.69 -9.56
CA PRO A 273 23.74 -16.90 -9.69
C PRO A 273 23.61 -15.60 -10.49
N GLY A 274 23.28 -15.71 -11.77
CA GLY A 274 23.15 -14.54 -12.61
C GLY A 274 22.09 -13.55 -12.16
N GLY A 275 20.92 -14.05 -11.79
CA GLY A 275 19.85 -13.18 -11.36
C GLY A 275 20.14 -12.44 -10.06
N THR A 276 20.92 -13.06 -9.18
CA THR A 276 21.28 -12.45 -7.92
C THR A 276 22.25 -11.31 -8.17
N ILE A 277 23.15 -11.50 -9.13
CA ILE A 277 24.09 -10.44 -9.47
C ILE A 277 23.29 -9.29 -10.07
N LEU A 278 22.35 -9.62 -10.95
CA LEU A 278 21.53 -8.60 -11.59
C LEU A 278 20.69 -7.83 -10.58
N TYR A 279 20.15 -8.54 -9.58
CA TYR A 279 19.33 -7.89 -8.56
C TYR A 279 20.08 -6.75 -7.86
N HIS A 280 21.31 -7.01 -7.42
CA HIS A 280 22.11 -6.00 -6.73
C HIS A 280 22.69 -4.97 -7.68
N ALA A 281 22.96 -5.37 -8.92
CA ALA A 281 23.51 -4.47 -9.92
C ALA A 281 22.43 -3.44 -10.29
N ARG A 282 21.20 -3.90 -10.44
CA ARG A 282 20.09 -3.02 -10.76
C ARG A 282 19.85 -1.97 -9.67
N ARG A 283 19.78 -2.40 -8.42
CA ARG A 283 19.55 -1.47 -7.33
C ARG A 283 20.70 -0.49 -7.19
N ALA A 284 21.91 -0.92 -7.56
CA ALA A 284 23.08 -0.06 -7.50
C ALA A 284 22.93 1.08 -8.51
N VAL A 285 22.47 0.76 -9.71
CA VAL A 285 22.29 1.79 -10.72
C VAL A 285 21.09 2.67 -10.35
N GLU A 286 20.06 2.05 -9.77
CA GLU A 286 18.87 2.79 -9.34
C GLU A 286 19.23 3.81 -8.25
N SER A 287 20.22 3.48 -7.44
CA SER A 287 20.63 4.35 -6.33
C SER A 287 21.18 5.72 -6.77
N LEU A 288 21.51 5.84 -8.06
CA LEU A 288 22.01 7.10 -8.60
C LEU A 288 21.00 7.71 -9.56
N THR A 289 20.15 6.87 -10.15
CA THR A 289 19.20 7.36 -11.14
C THR A 289 17.74 7.54 -10.76
N LEU A 290 17.29 6.89 -9.67
CA LEU A 290 15.91 7.03 -9.28
C LEU A 290 15.69 8.05 -8.18
N ASP A 291 14.57 8.75 -8.27
CA ASP A 291 14.19 9.73 -7.26
C ASP A 291 13.78 9.01 -5.99
N ARG A 292 14.07 9.63 -4.85
CA ARG A 292 13.76 9.05 -3.54
C ARG A 292 12.30 8.59 -3.38
N GLU A 293 11.36 9.48 -3.65
CA GLU A 293 9.96 9.13 -3.49
C GLU A 293 9.52 8.07 -4.50
N VAL A 294 10.06 8.14 -5.71
CA VAL A 294 9.72 7.16 -6.73
C VAL A 294 10.18 5.78 -6.25
N LEU A 295 11.44 5.70 -5.81
CA LEU A 295 12.00 4.44 -5.32
C LEU A 295 11.18 3.86 -4.18
N HIS A 296 10.82 4.70 -3.21
CA HIS A 296 10.05 4.24 -2.06
C HIS A 296 8.65 3.70 -2.44
N GLN A 297 8.00 4.31 -3.42
CA GLN A 297 6.68 3.85 -3.85
C GLN A 297 6.86 2.52 -4.61
N ARG A 298 7.88 2.48 -5.45
CA ARG A 298 8.18 1.30 -6.25
C ARG A 298 8.40 0.08 -5.36
N ASP A 299 9.29 0.21 -4.37
CA ASP A 299 9.57 -0.90 -3.47
C ASP A 299 8.36 -1.40 -2.68
N MET A 300 7.37 -0.53 -2.48
CA MET A 300 6.19 -0.98 -1.76
C MET A 300 5.21 -1.71 -2.66
N LEU A 301 5.41 -1.63 -3.96
CA LEU A 301 4.55 -2.33 -4.92
C LEU A 301 5.19 -3.63 -5.41
N SER A 302 6.51 -3.70 -5.36
CA SER A 302 7.24 -4.89 -5.79
C SER A 302 6.68 -6.19 -5.24
N PRO A 303 6.51 -6.30 -3.91
CA PRO A 303 5.99 -7.53 -3.29
C PRO A 303 4.66 -8.01 -3.87
N LYS A 304 3.76 -7.08 -4.16
CA LYS A 304 2.46 -7.42 -4.71
C LYS A 304 2.67 -8.05 -6.09
N TYR A 305 3.57 -7.45 -6.86
CA TYR A 305 3.90 -7.94 -8.19
C TYR A 305 4.50 -9.35 -8.11
N ALA A 306 5.40 -9.56 -7.15
CA ALA A 306 6.04 -10.86 -6.97
C ALA A 306 5.02 -11.96 -6.72
N GLU A 307 4.03 -11.68 -5.87
CA GLU A 307 3.04 -12.68 -5.57
C GLU A 307 2.14 -12.94 -6.77
N LEU A 308 1.98 -11.94 -7.64
CA LEU A 308 1.17 -12.13 -8.82
C LEU A 308 1.92 -13.12 -9.73
N VAL A 309 3.21 -12.93 -9.85
CA VAL A 309 4.04 -13.80 -10.66
C VAL A 309 4.01 -15.20 -10.05
N TYR A 310 4.23 -15.28 -8.75
CA TYR A 310 4.25 -16.55 -8.03
C TYR A 310 2.94 -17.32 -8.15
N TYR A 311 1.82 -16.61 -8.07
CA TYR A 311 0.49 -17.22 -8.17
C TYR A 311 0.12 -17.68 -9.57
N GLY A 312 0.68 -17.04 -10.59
CA GLY A 312 0.37 -17.42 -11.96
C GLY A 312 -0.36 -16.37 -12.75
N PHE A 313 -0.62 -15.20 -12.15
CA PHE A 313 -1.32 -14.15 -12.86
C PHE A 313 -0.36 -13.28 -13.67
N TRP A 314 0.25 -13.86 -14.71
CA TRP A 314 1.17 -13.12 -15.55
C TRP A 314 0.39 -12.43 -16.64
N TYR A 315 -0.44 -13.17 -17.35
CA TYR A 315 -1.28 -12.59 -18.39
C TYR A 315 -2.60 -12.24 -17.72
N ALA A 316 -2.51 -11.26 -16.84
CA ALA A 316 -3.64 -10.75 -16.07
C ALA A 316 -3.59 -9.22 -16.07
N PRO A 317 -4.76 -8.56 -16.13
CA PRO A 317 -4.78 -7.09 -16.14
C PRO A 317 -4.04 -6.39 -14.99
N GLU A 318 -4.10 -6.95 -13.78
CA GLU A 318 -3.41 -6.35 -12.63
C GLU A 318 -1.90 -6.29 -12.83
N ARG A 319 -1.33 -7.41 -13.30
CA ARG A 319 0.09 -7.49 -13.51
C ARG A 319 0.51 -6.54 -14.64
N GLU A 320 -0.28 -6.50 -15.72
CA GLU A 320 0.02 -5.61 -16.82
C GLU A 320 -0.03 -4.13 -16.41
N ALA A 321 -0.96 -3.80 -15.51
CA ALA A 321 -1.11 -2.44 -15.02
C ALA A 321 0.11 -2.05 -14.19
N LEU A 322 0.45 -2.87 -13.20
CA LEU A 322 1.61 -2.59 -12.38
C LEU A 322 2.84 -2.48 -13.27
N GLN A 323 2.86 -3.27 -14.33
CA GLN A 323 3.99 -3.28 -15.25
C GLN A 323 4.18 -1.91 -15.89
N ALA A 324 3.07 -1.23 -16.18
CA ALA A 324 3.13 0.10 -16.78
C ALA A 324 3.86 1.06 -15.85
N TYR A 325 3.63 0.89 -14.56
CA TYR A 325 4.28 1.71 -13.53
C TYR A 325 5.77 1.34 -13.46
N PHE A 326 6.05 0.05 -13.26
CA PHE A 326 7.44 -0.39 -13.16
C PHE A 326 8.28 -0.03 -14.39
N ASP A 327 7.72 -0.23 -15.58
CA ASP A 327 8.43 0.10 -16.81
C ASP A 327 8.73 1.59 -16.86
N HIS A 328 7.73 2.41 -16.50
CA HIS A 328 7.90 3.86 -16.50
C HIS A 328 9.11 4.21 -15.62
N VAL A 329 9.16 3.65 -14.42
CA VAL A 329 10.26 3.91 -13.48
C VAL A 329 11.60 3.37 -13.97
N ALA A 330 11.58 2.14 -14.46
CA ALA A 330 12.78 1.47 -14.94
C ALA A 330 13.45 2.18 -16.11
N ARG A 331 12.69 2.98 -16.84
CA ARG A 331 13.23 3.69 -18.00
C ARG A 331 14.39 4.62 -17.63
N SER A 332 14.46 5.02 -16.36
CA SER A 332 15.53 5.90 -15.90
C SER A 332 16.78 5.14 -15.49
N VAL A 333 16.68 3.82 -15.36
CA VAL A 333 17.83 3.03 -14.92
C VAL A 333 18.85 2.76 -16.02
N THR A 334 19.76 3.73 -16.15
CA THR A 334 20.82 3.71 -17.15
C THR A 334 22.14 4.01 -16.43
N GLY A 335 23.09 3.10 -16.58
CA GLY A 335 24.38 3.30 -15.93
C GLY A 335 25.09 1.97 -15.75
N VAL A 336 26.16 1.97 -14.98
CA VAL A 336 26.94 0.77 -14.75
C VAL A 336 27.11 0.42 -13.27
N ALA A 337 26.90 -0.86 -12.95
CA ALA A 337 27.09 -1.33 -11.59
C ALA A 337 28.37 -2.15 -11.59
N ARG A 338 29.19 -2.01 -10.55
CA ARG A 338 30.43 -2.77 -10.43
C ARG A 338 30.35 -3.58 -9.14
N LEU A 339 30.47 -4.89 -9.27
CA LEU A 339 30.38 -5.78 -8.12
C LEU A 339 31.64 -6.63 -7.89
N LYS A 340 31.80 -7.06 -6.65
CA LYS A 340 32.92 -7.90 -6.24
C LYS A 340 32.36 -9.23 -5.78
N LEU A 341 32.76 -10.31 -6.44
CA LEU A 341 32.26 -11.64 -6.11
C LEU A 341 33.24 -12.45 -5.29
N TYR A 342 32.82 -12.92 -4.11
CA TYR A 342 33.70 -13.70 -3.26
C TYR A 342 32.99 -14.76 -2.42
N LYS A 343 33.42 -16.00 -2.60
CA LYS A 343 32.90 -17.16 -1.90
C LYS A 343 31.45 -17.08 -1.42
N GLY A 344 30.52 -17.11 -2.37
CA GLY A 344 29.10 -17.06 -2.06
C GLY A 344 28.45 -15.70 -1.97
N ASN A 345 29.26 -14.67 -1.73
CA ASN A 345 28.73 -13.33 -1.60
C ASN A 345 28.91 -12.41 -2.81
N VAL A 346 28.00 -11.44 -2.92
CA VAL A 346 28.02 -10.45 -3.98
C VAL A 346 28.11 -9.08 -3.28
N TYR A 347 29.14 -8.30 -3.58
CA TYR A 347 29.27 -6.99 -2.96
C TYR A 347 29.29 -5.87 -3.98
N VAL A 348 28.34 -4.94 -3.85
CA VAL A 348 28.31 -3.79 -4.73
C VAL A 348 29.54 -3.01 -4.30
N VAL A 349 30.33 -2.58 -5.25
CA VAL A 349 31.54 -1.89 -4.89
C VAL A 349 31.70 -0.55 -5.61
N GLY A 350 30.83 -0.31 -6.59
CA GLY A 350 30.84 0.93 -7.34
C GLY A 350 29.65 1.04 -8.28
N ARG A 351 29.33 2.27 -8.67
CA ARG A 351 28.24 2.54 -9.61
C ARG A 351 28.40 3.93 -10.22
N LYS A 352 27.95 4.08 -11.46
CA LYS A 352 28.03 5.35 -12.15
C LYS A 352 26.88 5.44 -13.14
N ALA A 353 26.53 6.66 -13.52
CA ALA A 353 25.42 6.86 -14.46
C ALA A 353 25.52 8.21 -15.14
N PRO A 354 25.13 8.28 -16.42
CA PRO A 354 25.15 9.52 -17.21
C PRO A 354 24.31 10.61 -16.57
N LYS A 355 23.15 10.24 -16.05
CA LYS A 355 22.27 11.18 -15.37
C LYS A 355 22.17 10.90 -13.89
N SER A 356 23.31 10.64 -13.26
CA SER A 356 23.32 10.40 -11.82
C SER A 356 22.71 11.62 -11.12
N LEU A 357 22.00 11.39 -10.02
CA LEU A 357 21.40 12.49 -9.27
C LEU A 357 22.26 12.78 -8.04
N TYR A 358 23.37 12.06 -7.95
CA TYR A 358 24.28 12.23 -6.83
C TYR A 358 25.14 13.47 -7.07
N ARG A 359 24.86 14.55 -6.33
CA ARG A 359 25.58 15.83 -6.48
C ARG A 359 25.59 16.30 -7.93
N GLY A 370 21.77 23.12 -2.66
CA GLY A 370 20.72 24.17 -2.93
C GLY A 370 19.99 24.59 -1.67
N TYR A 371 20.72 24.69 -0.57
CA TYR A 371 20.13 25.09 0.70
C TYR A 371 21.21 25.30 1.73
N ASP A 372 20.86 26.01 2.80
CA ASP A 372 21.77 26.31 3.88
C ASP A 372 21.17 25.83 5.20
N GLN A 373 21.96 25.95 6.26
CA GLN A 373 21.54 25.53 7.59
C GLN A 373 20.20 26.11 8.01
N LYS A 374 20.00 27.40 7.78
CA LYS A 374 18.75 28.04 8.15
C LYS A 374 17.52 27.37 7.54
N ASP A 375 17.68 26.84 6.33
CA ASP A 375 16.57 26.18 5.66
C ASP A 375 16.18 24.93 6.44
N ALA A 376 17.17 24.19 6.93
CA ALA A 376 16.92 22.96 7.68
C ALA A 376 16.11 23.20 8.95
N GLU A 377 16.36 24.32 9.63
CA GLU A 377 15.61 24.61 10.84
C GLU A 377 14.14 24.80 10.50
N GLY A 378 13.88 25.49 9.40
CA GLY A 378 12.50 25.72 8.98
C GLY A 378 11.81 24.41 8.66
N PHE A 379 12.50 23.55 7.92
CA PHE A 379 11.98 22.24 7.55
C PHE A 379 11.61 21.51 8.84
N ILE A 380 12.52 21.52 9.80
CA ILE A 380 12.28 20.84 11.06
C ILE A 380 11.07 21.41 11.82
N LYS A 381 11.02 22.73 11.96
CA LYS A 381 9.90 23.36 12.66
C LYS A 381 8.55 22.96 12.09
N ILE A 382 8.44 22.96 10.77
CA ILE A 382 7.19 22.61 10.10
C ILE A 382 6.84 21.13 10.25
N GLN A 383 7.84 20.25 10.16
CA GLN A 383 7.58 18.82 10.30
C GLN A 383 7.18 18.49 11.74
N ALA A 384 7.68 19.29 12.68
CA ALA A 384 7.41 19.06 14.09
C ALA A 384 6.06 19.56 14.61
N LEU A 385 5.50 20.56 13.94
CA LEU A 385 4.23 21.15 14.38
C LEU A 385 3.16 20.17 14.84
N ARG A 386 2.73 19.25 13.97
CA ARG A 386 1.70 18.30 14.38
C ARG A 386 2.12 17.48 15.60
N LEU A 387 3.40 17.17 15.71
CA LEU A 387 3.88 16.41 16.86
C LEU A 387 3.79 17.25 18.14
N ARG A 388 4.09 18.54 18.04
CA ARG A 388 4.01 19.44 19.20
C ARG A 388 2.54 19.64 19.64
N VAL A 389 1.65 19.84 18.68
CA VAL A 389 0.24 20.01 18.98
C VAL A 389 -0.28 18.77 19.70
N ARG A 390 0.07 17.61 19.18
CA ARG A 390 -0.33 16.33 19.79
C ARG A 390 0.09 16.27 21.26
N ALA A 391 1.33 16.68 21.52
CA ALA A 391 1.89 16.66 22.88
C ALA A 391 1.20 17.69 23.77
N LEU A 392 0.91 18.86 23.24
CA LEU A 392 0.25 19.90 24.02
C LEU A 392 -1.15 19.42 24.38
N VAL A 393 -1.85 18.83 23.42
CA VAL A 393 -3.18 18.33 23.71
C VAL A 393 -3.11 17.23 24.75
N GLU A 394 -2.04 16.43 24.73
CA GLU A 394 -1.90 15.37 25.72
C GLU A 394 -1.72 16.04 27.06
N ARG A 395 -1.24 17.30 27.00
CA ARG A 395 -1.01 18.13 28.17
C ARG A 395 -0.11 17.41 29.13
N MET B 1 20.32 30.47 33.01
CA MET B 1 19.86 29.54 31.94
C MET B 1 20.68 28.26 31.99
N LYS B 2 20.00 27.12 31.86
CA LYS B 2 20.65 25.81 31.85
C LYS B 2 20.40 25.12 30.52
N ILE B 3 21.45 24.54 29.95
CA ILE B 3 21.35 23.85 28.66
C ILE B 3 21.90 22.44 28.81
N VAL B 4 21.09 21.44 28.46
CA VAL B 4 21.55 20.06 28.54
C VAL B 4 22.12 19.69 27.18
N LEU B 5 23.41 19.41 27.15
CA LEU B 5 24.09 19.09 25.89
C LEU B 5 24.38 17.60 25.70
N ALA B 6 24.08 17.11 24.51
CA ALA B 6 24.38 15.73 24.16
C ALA B 6 25.87 15.83 23.89
N TYR B 7 26.65 15.36 24.85
CA TYR B 7 28.10 15.44 24.78
C TYR B 7 28.74 14.10 24.45
N SER B 8 29.37 14.01 23.27
CA SER B 8 30.00 12.76 22.87
C SER B 8 31.42 12.64 23.40
N GLY B 9 32.01 13.76 23.82
CA GLY B 9 33.37 13.72 24.35
C GLY B 9 34.43 14.15 23.36
N GLY B 10 34.08 14.20 22.08
CA GLY B 10 35.04 14.60 21.06
C GLY B 10 35.38 16.09 21.04
N LEU B 11 36.07 16.53 20.00
CA LEU B 11 36.47 17.93 19.88
C LEU B 11 35.30 18.90 19.65
N ASP B 12 34.45 18.60 18.68
CA ASP B 12 33.33 19.49 18.40
C ASP B 12 32.35 19.71 19.55
N THR B 13 31.98 18.66 20.28
CA THR B 13 31.06 18.85 21.40
C THR B 13 31.74 19.57 22.57
N SER B 14 33.07 19.47 22.66
CA SER B 14 33.80 20.16 23.71
C SER B 14 33.81 21.65 23.35
N ILE B 15 34.03 21.94 22.07
CA ILE B 15 34.02 23.30 21.55
C ILE B 15 32.63 23.89 21.78
N ILE B 16 31.62 23.08 21.50
CA ILE B 16 30.23 23.48 21.66
C ILE B 16 29.91 23.81 23.12
N LEU B 17 30.46 23.02 24.04
CA LEU B 17 30.20 23.25 25.46
C LEU B 17 30.65 24.66 25.85
N LYS B 18 31.85 25.04 25.42
CA LYS B 18 32.37 26.38 25.70
C LYS B 18 31.51 27.43 24.97
N TRP B 19 31.25 27.18 23.69
CA TRP B 19 30.46 28.10 22.86
C TRP B 19 29.12 28.44 23.50
N LEU B 20 28.41 27.42 23.98
CA LEU B 20 27.11 27.57 24.62
C LEU B 20 27.15 28.42 25.89
N LYS B 21 28.16 28.19 26.72
CA LYS B 21 28.27 28.94 27.97
C LYS B 21 28.37 30.43 27.67
N GLU B 22 29.30 30.80 26.81
CA GLU B 22 29.50 32.20 26.48
C GLU B 22 28.41 32.82 25.60
N THR B 23 27.90 32.04 24.65
CA THR B 23 26.90 32.56 23.74
C THR B 23 25.55 32.79 24.41
N TYR B 24 25.12 31.85 25.23
CA TYR B 24 23.85 31.98 25.91
C TYR B 24 23.96 32.39 27.37
N ARG B 25 25.19 32.63 27.82
CA ARG B 25 25.42 33.03 29.20
C ARG B 25 24.68 32.05 30.11
N ALA B 26 24.88 30.77 29.87
CA ALA B 26 24.22 29.73 30.66
C ALA B 26 25.18 28.65 31.16
N GLU B 27 24.68 27.79 32.04
CA GLU B 27 25.49 26.70 32.54
C GLU B 27 25.13 25.48 31.69
N VAL B 28 26.10 24.61 31.46
CA VAL B 28 25.86 23.43 30.63
C VAL B 28 25.96 22.11 31.37
N ILE B 29 24.92 21.30 31.26
CA ILE B 29 24.89 19.99 31.86
C ILE B 29 25.17 19.03 30.71
N ALA B 30 26.31 18.33 30.79
CA ALA B 30 26.70 17.39 29.74
C ALA B 30 26.11 16.00 29.97
N PHE B 31 25.62 15.39 28.90
CA PHE B 31 25.07 14.04 28.95
C PHE B 31 25.75 13.16 27.91
N THR B 32 26.41 12.10 28.37
CA THR B 32 27.08 11.18 27.47
C THR B 32 26.40 9.82 27.65
N ALA B 33 26.01 9.23 26.53
CA ALA B 33 25.36 7.94 26.60
C ALA B 33 26.24 6.83 26.04
N ASP B 34 26.28 5.71 26.73
CA ASP B 34 27.03 4.58 26.23
C ASP B 34 26.01 3.70 25.53
N ILE B 35 26.09 3.65 24.21
CA ILE B 35 25.18 2.84 23.41
C ILE B 35 26.01 1.83 22.60
N GLY B 36 27.19 1.53 23.12
CA GLY B 36 28.08 0.58 22.48
C GLY B 36 29.03 1.17 21.45
N GLN B 37 29.50 2.40 21.68
CA GLN B 37 30.41 3.02 20.72
C GLN B 37 31.82 2.57 21.00
N GLY B 38 32.00 1.79 22.05
CA GLY B 38 33.33 1.31 22.39
C GLY B 38 34.23 2.41 22.92
N GLU B 39 33.65 3.32 23.71
CA GLU B 39 34.39 4.43 24.31
C GLU B 39 34.21 4.30 25.81
N GLU B 40 35.07 4.97 26.58
CA GLU B 40 34.92 4.95 28.02
C GLU B 40 34.14 6.23 28.30
N VAL B 41 32.86 6.05 28.64
CA VAL B 41 31.98 7.18 28.89
C VAL B 41 32.32 8.01 30.12
N GLU B 42 32.96 7.40 31.11
CA GLU B 42 33.33 8.13 32.32
C GLU B 42 34.44 9.12 31.97
N GLU B 43 35.25 8.77 30.99
CA GLU B 43 36.32 9.65 30.55
C GLU B 43 35.71 10.86 29.84
N ALA B 44 34.57 10.66 29.20
CA ALA B 44 33.91 11.76 28.52
C ALA B 44 33.22 12.62 29.57
N ARG B 45 32.64 11.96 30.58
CA ARG B 45 31.95 12.66 31.65
C ARG B 45 32.91 13.57 32.41
N GLU B 46 34.11 13.07 32.69
CA GLU B 46 35.10 13.84 33.41
C GLU B 46 35.72 14.93 32.54
N LYS B 47 35.80 14.67 31.24
CA LYS B 47 36.35 15.65 30.33
C LYS B 47 35.37 16.82 30.25
N ALA B 48 34.07 16.53 30.30
CA ALA B 48 33.06 17.57 30.24
C ALA B 48 33.23 18.53 31.42
N LEU B 49 33.43 17.97 32.61
CA LEU B 49 33.61 18.79 33.79
C LEU B 49 34.82 19.69 33.61
N ARG B 50 35.90 19.12 33.09
CA ARG B 50 37.12 19.86 32.84
C ARG B 50 36.91 20.96 31.80
N THR B 51 35.94 20.75 30.91
CA THR B 51 35.66 21.70 29.87
C THR B 51 34.72 22.81 30.35
N GLY B 52 34.16 22.64 31.54
CA GLY B 52 33.28 23.66 32.09
C GLY B 52 31.84 23.31 32.39
N ALA B 53 31.45 22.06 32.21
CA ALA B 53 30.08 21.68 32.48
C ALA B 53 29.81 21.86 33.97
N SER B 54 28.63 22.38 34.31
CA SER B 54 28.29 22.58 35.72
C SER B 54 27.94 21.22 36.32
N LYS B 55 27.68 20.25 35.45
CA LYS B 55 27.33 18.89 35.85
C LYS B 55 27.42 17.97 34.64
N ALA B 56 28.02 16.79 34.83
CA ALA B 56 28.15 15.84 33.75
C ALA B 56 27.56 14.47 34.12
N ILE B 57 26.67 13.97 33.27
CA ILE B 57 26.00 12.69 33.46
C ILE B 57 26.44 11.70 32.38
N ALA B 58 26.65 10.44 32.78
CA ALA B 58 27.04 9.38 31.86
C ALA B 58 26.21 8.15 32.22
N LEU B 59 25.47 7.65 31.26
CA LEU B 59 24.61 6.49 31.50
C LEU B 59 24.85 5.33 30.54
N ASP B 60 24.72 4.12 31.08
CA ASP B 60 24.88 2.92 30.28
C ASP B 60 23.48 2.66 29.75
N LEU B 61 23.26 2.93 28.46
CA LEU B 61 21.94 2.74 27.88
C LEU B 61 21.87 1.58 26.88
N LYS B 62 22.85 0.69 26.93
CA LYS B 62 22.87 -0.45 26.02
C LYS B 62 21.63 -1.32 26.09
N GLU B 63 21.24 -1.72 27.29
CA GLU B 63 20.06 -2.56 27.45
C GLU B 63 18.79 -1.85 26.97
N GLU B 64 18.65 -0.56 27.30
CA GLU B 64 17.47 0.17 26.87
C GLU B 64 17.48 0.34 25.36
N PHE B 65 18.66 0.65 24.82
CA PHE B 65 18.80 0.82 23.37
C PHE B 65 18.25 -0.40 22.61
N VAL B 66 18.75 -1.59 22.93
CA VAL B 66 18.32 -2.82 22.26
C VAL B 66 16.89 -3.28 22.61
N ARG B 67 16.54 -3.21 23.89
CA ARG B 67 15.21 -3.63 24.32
C ARG B 67 14.05 -2.75 23.81
N ASP B 68 14.21 -1.43 23.91
CA ASP B 68 13.15 -0.51 23.50
C ASP B 68 13.26 0.17 22.14
N PHE B 69 14.35 -0.02 21.42
CA PHE B 69 14.46 0.62 20.12
C PHE B 69 14.80 -0.36 19.01
N VAL B 70 15.91 -1.08 19.16
CA VAL B 70 16.33 -2.04 18.16
C VAL B 70 15.31 -3.17 17.96
N PHE B 71 14.92 -3.84 19.04
CA PHE B 71 13.98 -4.95 18.94
C PHE B 71 12.64 -4.52 18.33
N PRO B 72 12.05 -3.43 18.84
CA PRO B 72 10.76 -3.00 18.26
C PRO B 72 10.88 -2.84 16.73
N MET B 73 11.98 -2.22 16.31
CA MET B 73 12.25 -1.98 14.90
C MET B 73 12.45 -3.29 14.11
N MET B 74 13.24 -4.21 14.67
CA MET B 74 13.50 -5.49 14.01
C MET B 74 12.20 -6.29 13.86
N ARG B 75 11.35 -6.21 14.87
CA ARG B 75 10.06 -6.89 14.86
C ARG B 75 9.27 -6.50 13.61
N ALA B 76 9.51 -5.29 13.13
CA ALA B 76 8.81 -4.79 11.94
C ALA B 76 9.50 -5.15 10.62
N GLY B 77 10.69 -5.76 10.70
CA GLY B 77 11.42 -6.13 9.49
C GLY B 77 11.88 -4.89 8.74
N ALA B 78 12.20 -3.85 9.50
CA ALA B 78 12.62 -2.57 8.94
C ALA B 78 13.94 -2.56 8.17
N VAL B 79 13.85 -2.18 6.89
CA VAL B 79 15.03 -2.07 6.05
C VAL B 79 14.84 -0.87 5.13
N TYR B 80 15.79 0.06 5.18
CA TYR B 80 15.70 1.26 4.35
C TYR B 80 16.33 1.07 2.97
N GLU B 81 15.53 1.35 1.95
CA GLU B 81 15.95 1.24 0.56
C GLU B 81 16.74 -0.04 0.26
N GLY B 82 16.15 -1.18 0.60
CA GLY B 82 16.77 -2.46 0.35
C GLY B 82 17.93 -2.98 1.19
N TYR B 83 18.73 -2.12 1.80
CA TYR B 83 19.87 -2.65 2.56
C TYR B 83 20.19 -2.05 3.91
N TYR B 84 19.79 -0.80 4.15
CA TYR B 84 20.14 -0.17 5.41
C TYR B 84 19.36 -0.60 6.63
N LEU B 85 20.06 -1.26 7.55
CA LEU B 85 19.46 -1.75 8.78
C LEU B 85 19.22 -0.66 9.83
N LEU B 86 19.42 0.59 9.44
CA LEU B 86 19.15 1.73 10.32
C LEU B 86 19.94 1.77 11.63
N GLY B 87 21.20 1.35 11.59
CA GLY B 87 22.02 1.37 12.78
C GLY B 87 22.10 2.71 13.50
N THR B 88 22.33 3.79 12.77
CA THR B 88 22.41 5.09 13.41
C THR B 88 21.03 5.69 13.67
N SER B 89 20.12 5.49 12.73
CA SER B 89 18.75 6.02 12.86
C SER B 89 18.02 5.73 14.18
N ILE B 90 17.96 4.47 14.61
CA ILE B 90 17.24 4.12 15.85
C ILE B 90 17.92 4.52 17.13
N ALA B 91 19.17 4.94 17.06
CA ALA B 91 19.89 5.33 18.27
C ALA B 91 19.63 6.79 18.64
N ARG B 92 19.37 7.62 17.64
CA ARG B 92 19.14 9.03 17.90
C ARG B 92 17.97 9.36 18.84
N PRO B 93 16.79 8.73 18.64
CA PRO B 93 15.63 8.99 19.50
C PRO B 93 15.90 8.71 20.97
N LEU B 94 16.67 7.65 21.21
CA LEU B 94 17.03 7.26 22.57
C LEU B 94 17.85 8.37 23.24
N ILE B 95 18.81 8.93 22.51
CA ILE B 95 19.65 9.99 23.05
C ILE B 95 18.78 11.19 23.45
N ALA B 96 18.00 11.67 22.50
CA ALA B 96 17.13 12.82 22.71
C ALA B 96 16.10 12.59 23.81
N LYS B 97 15.63 11.36 23.95
CA LYS B 97 14.66 11.07 24.99
C LYS B 97 15.29 11.44 26.33
N HIS B 98 16.56 11.06 26.53
CA HIS B 98 17.25 11.37 27.76
C HIS B 98 17.57 12.86 27.94
N LEU B 99 17.89 13.55 26.84
CA LEU B 99 18.19 14.97 26.93
C LEU B 99 16.98 15.71 27.50
N VAL B 100 15.80 15.36 27.01
CA VAL B 100 14.57 15.99 27.47
C VAL B 100 14.24 15.65 28.92
N ARG B 101 14.51 14.42 29.34
CA ARG B 101 14.24 14.01 30.71
C ARG B 101 15.18 14.73 31.67
N ILE B 102 16.45 14.83 31.28
CA ILE B 102 17.42 15.50 32.12
C ILE B 102 17.11 16.99 32.23
N ALA B 103 16.73 17.60 31.12
CA ALA B 103 16.37 19.02 31.13
C ALA B 103 15.22 19.25 32.11
N GLU B 104 14.28 18.31 32.12
CA GLU B 104 13.10 18.38 32.98
C GLU B 104 13.48 18.26 34.46
N GLU B 105 14.39 17.34 34.76
CA GLU B 105 14.83 17.13 36.12
C GLU B 105 15.75 18.24 36.60
N GLU B 106 16.55 18.79 35.68
CA GLU B 106 17.50 19.84 36.01
C GLU B 106 16.93 21.24 35.90
N GLY B 107 15.71 21.34 35.39
CA GLY B 107 15.12 22.66 35.25
C GLY B 107 15.77 23.43 34.10
N ALA B 108 16.27 22.71 33.10
CA ALA B 108 16.89 23.35 31.94
C ALA B 108 15.81 23.67 30.91
N GLU B 109 15.85 24.88 30.36
CA GLU B 109 14.87 25.30 29.37
C GLU B 109 15.25 24.85 27.96
N ALA B 110 16.50 24.43 27.79
CA ALA B 110 16.97 24.02 26.47
C ALA B 110 17.93 22.84 26.45
N ILE B 111 18.08 22.26 25.26
CA ILE B 111 18.99 21.14 25.02
C ILE B 111 19.79 21.50 23.78
N ALA B 112 20.95 20.88 23.64
CA ALA B 112 21.81 21.13 22.49
C ALA B 112 22.48 19.84 22.02
N HIS B 113 22.77 19.77 20.71
CA HIS B 113 23.41 18.61 20.10
C HIS B 113 24.40 19.13 19.07
N GLY B 114 25.37 18.30 18.69
CA GLY B 114 26.35 18.72 17.71
C GLY B 114 26.15 18.21 16.30
N ALA B 115 24.94 17.82 15.93
CA ALA B 115 24.68 17.34 14.58
C ALA B 115 24.74 18.55 13.64
N THR B 116 25.26 18.37 12.43
CA THR B 116 25.36 19.50 11.51
C THR B 116 24.01 19.88 10.90
N GLY B 117 23.94 21.07 10.33
CA GLY B 117 22.70 21.53 9.74
C GLY B 117 22.38 20.98 8.37
N LYS B 118 23.19 20.04 7.88
CA LYS B 118 22.96 19.48 6.57
C LYS B 118 22.74 17.97 6.54
N GLY B 119 22.57 17.36 7.70
CA GLY B 119 22.38 15.93 7.74
C GLY B 119 21.02 15.50 8.23
N ASN B 120 20.88 14.18 8.43
CA ASN B 120 19.64 13.58 8.92
C ASN B 120 19.49 13.58 10.45
N ASP B 121 20.61 13.43 11.16
CA ASP B 121 20.57 13.36 12.63
C ASP B 121 19.92 14.55 13.35
N GLN B 122 20.12 15.76 12.84
CA GLN B 122 19.50 16.95 13.45
C GLN B 122 17.98 16.77 13.52
N VAL B 123 17.39 16.29 12.43
CA VAL B 123 15.95 16.07 12.37
C VAL B 123 15.52 15.04 13.40
N ARG B 124 16.31 13.98 13.53
CA ARG B 124 16.01 12.91 14.47
C ARG B 124 16.05 13.44 15.90
N PHE B 125 17.08 14.20 16.23
CA PHE B 125 17.21 14.75 17.57
C PHE B 125 16.07 15.70 17.90
N GLU B 126 15.78 16.59 16.98
CA GLU B 126 14.75 17.58 17.20
C GLU B 126 13.30 17.10 17.07
N LEU B 127 13.04 16.18 16.15
CA LEU B 127 11.69 15.67 16.05
C LEU B 127 11.31 14.96 17.35
N THR B 128 12.23 14.18 17.93
CA THR B 128 11.86 13.51 19.18
C THR B 128 11.78 14.47 20.36
N ALA B 129 12.67 15.47 20.38
CA ALA B 129 12.68 16.47 21.45
C ALA B 129 11.34 17.19 21.51
N TYR B 130 10.93 17.76 20.38
CA TYR B 130 9.66 18.47 20.31
C TYR B 130 8.46 17.58 20.57
N ALA B 131 8.52 16.33 20.11
CA ALA B 131 7.42 15.39 20.31
C ALA B 131 7.24 15.06 21.79
N LEU B 132 8.34 14.97 22.53
CA LEU B 132 8.29 14.64 23.96
C LEU B 132 8.09 15.85 24.87
N LYS B 133 8.60 17.00 24.45
CA LYS B 133 8.49 18.21 25.24
C LYS B 133 8.36 19.35 24.24
N PRO B 134 7.13 19.67 23.82
CA PRO B 134 6.80 20.72 22.86
C PRO B 134 7.33 22.13 23.12
N ASP B 135 7.51 22.50 24.39
CA ASP B 135 8.02 23.84 24.69
C ASP B 135 9.52 23.87 24.92
N ILE B 136 10.20 22.74 24.72
CA ILE B 136 11.64 22.70 24.90
C ILE B 136 12.32 23.60 23.87
N LYS B 137 13.45 24.18 24.23
CA LYS B 137 14.19 25.02 23.31
C LYS B 137 15.35 24.19 22.79
N VAL B 138 15.55 24.21 21.48
CA VAL B 138 16.63 23.46 20.88
C VAL B 138 17.70 24.35 20.27
N ILE B 139 18.95 24.12 20.68
CA ILE B 139 20.05 24.89 20.17
C ILE B 139 20.99 23.96 19.42
N ALA B 140 21.16 24.22 18.13
CA ALA B 140 22.04 23.43 17.30
C ALA B 140 23.11 24.41 16.84
N PRO B 141 24.26 24.43 17.51
CA PRO B 141 25.37 25.34 17.18
C PRO B 141 25.76 25.38 15.70
N TRP B 142 25.80 24.23 15.03
CA TRP B 142 26.18 24.20 13.62
C TRP B 142 25.28 25.05 12.74
N ARG B 143 24.04 25.24 13.15
CA ARG B 143 23.11 26.07 12.38
C ARG B 143 23.10 27.50 12.91
N GLU B 144 23.86 27.77 13.98
CA GLU B 144 23.87 29.10 14.60
C GLU B 144 25.17 29.88 14.66
N TRP B 145 26.29 29.20 14.85
CA TRP B 145 27.55 29.91 14.99
C TRP B 145 28.14 30.48 13.73
N SER B 146 29.28 31.15 13.89
CA SER B 146 29.91 31.79 12.75
C SER B 146 31.27 31.25 12.36
N PHE B 147 31.66 30.10 12.92
CA PHE B 147 32.94 29.51 12.55
C PHE B 147 32.90 29.32 11.06
N GLN B 148 33.94 29.72 10.37
CA GLN B 148 33.96 29.59 8.93
C GLN B 148 35.01 28.61 8.44
N GLY B 149 35.45 27.72 9.32
CA GLY B 149 36.44 26.74 8.93
C GLY B 149 36.94 25.88 10.07
N ARG B 150 37.57 24.78 9.70
CA ARG B 150 38.12 23.82 10.65
C ARG B 150 39.28 24.44 11.40
N LYS B 151 40.06 25.24 10.68
CA LYS B 151 41.23 25.89 11.27
C LYS B 151 40.80 26.83 12.39
N GLU B 152 39.79 27.65 12.13
CA GLU B 152 39.31 28.58 13.14
C GLU B 152 38.81 27.83 14.37
N MET B 153 38.16 26.68 14.15
CA MET B 153 37.65 25.87 15.25
C MET B 153 38.78 25.31 16.10
N ILE B 154 39.87 24.88 15.45
CA ILE B 154 41.00 24.34 16.20
C ILE B 154 41.63 25.43 17.05
N ALA B 155 41.80 26.61 16.48
CA ALA B 155 42.39 27.75 17.18
C ALA B 155 41.54 28.12 18.40
N TYR B 156 40.23 28.03 18.24
CA TYR B 156 39.28 28.34 19.30
C TYR B 156 39.50 27.30 20.41
N ALA B 157 39.54 26.03 20.02
CA ALA B 157 39.73 24.94 20.98
C ALA B 157 41.02 25.13 21.75
N GLU B 158 42.12 25.35 21.03
CA GLU B 158 43.39 25.55 21.71
C GLU B 158 43.29 26.77 22.61
N ALA B 159 42.65 27.83 22.14
CA ALA B 159 42.51 29.03 22.95
C ALA B 159 41.83 28.71 24.27
N HIS B 160 40.90 27.76 24.26
CA HIS B 160 40.18 27.40 25.49
C HIS B 160 40.73 26.18 26.22
N GLY B 161 41.94 25.76 25.85
CA GLY B 161 42.58 24.64 26.51
C GLY B 161 42.07 23.24 26.17
N ILE B 162 41.24 23.13 25.14
CA ILE B 162 40.69 21.84 24.74
C ILE B 162 41.68 21.07 23.89
N PRO B 163 42.10 19.88 24.35
CA PRO B 163 43.05 19.14 23.53
C PRO B 163 42.54 18.87 22.12
N VAL B 164 43.41 19.05 21.14
CA VAL B 164 43.06 18.82 19.76
C VAL B 164 43.88 17.65 19.22
N PRO B 165 43.28 16.84 18.33
CA PRO B 165 43.96 15.70 17.75
C PRO B 165 45.39 16.08 17.35
N PRO B 171 39.88 10.49 6.84
CA PRO B 171 39.73 9.88 5.49
C PRO B 171 38.23 9.68 5.23
N TYR B 172 37.49 9.51 6.31
CA TYR B 172 36.05 9.31 6.28
C TYR B 172 35.54 9.49 7.70
N SER B 173 34.23 9.56 7.84
CA SER B 173 33.59 9.73 9.15
C SER B 173 32.98 8.41 9.59
N MET B 174 32.87 8.20 10.90
CA MET B 174 32.32 6.95 11.42
C MET B 174 31.36 7.14 12.56
N ASP B 175 30.39 6.25 12.66
CA ASP B 175 29.45 6.28 13.78
C ASP B 175 29.30 4.83 14.22
N ALA B 176 29.62 4.57 15.49
CA ALA B 176 29.55 3.21 16.02
C ALA B 176 28.73 3.04 17.28
N ASN B 177 27.89 2.01 17.30
CA ASN B 177 27.07 1.67 18.46
C ASN B 177 26.87 0.16 18.44
N LEU B 178 26.14 -0.37 19.40
CA LEU B 178 25.90 -1.82 19.48
C LEU B 178 25.34 -2.49 18.22
N LEU B 179 24.61 -1.74 17.40
CA LEU B 179 24.01 -2.31 16.19
C LEU B 179 24.91 -2.30 14.96
N HIS B 180 25.72 -1.25 14.79
CA HIS B 180 26.59 -1.19 13.62
C HIS B 180 27.67 -0.13 13.70
N ILE B 181 28.37 0.05 12.59
CA ILE B 181 29.36 1.08 12.45
C ILE B 181 29.12 1.61 11.04
N SER B 182 28.88 2.91 10.95
CA SER B 182 28.63 3.56 9.67
C SER B 182 29.88 4.28 9.19
N TYR B 183 30.10 4.28 7.88
CA TYR B 183 31.24 4.95 7.30
C TYR B 183 30.74 5.77 6.12
N GLU B 184 31.13 7.05 6.08
CA GLU B 184 30.77 7.92 4.98
C GLU B 184 31.64 9.18 4.94
N GLY B 185 31.62 9.85 3.79
CA GLY B 185 32.40 11.06 3.62
C GLY B 185 33.81 10.78 3.12
N GLY B 186 34.56 11.85 2.90
CA GLY B 186 35.93 11.72 2.43
C GLY B 186 36.09 10.90 1.17
N VAL B 187 37.01 9.94 1.21
CA VAL B 187 37.26 9.09 0.06
C VAL B 187 36.03 8.28 -0.36
N LEU B 188 35.14 8.03 0.58
CA LEU B 188 33.92 7.27 0.30
C LEU B 188 32.90 8.05 -0.52
N GLU B 189 33.13 9.34 -0.69
CA GLU B 189 32.21 10.18 -1.45
C GLU B 189 32.15 9.87 -2.94
N ASP B 190 33.14 9.16 -3.45
CA ASP B 190 33.12 8.80 -4.86
C ASP B 190 32.45 7.42 -4.94
N PRO B 191 31.19 7.38 -5.42
CA PRO B 191 30.41 6.15 -5.55
C PRO B 191 30.99 5.04 -6.44
N TRP B 192 31.97 5.40 -7.25
CA TRP B 192 32.59 4.44 -8.15
C TRP B 192 33.84 3.83 -7.50
N ALA B 193 34.27 4.41 -6.40
CA ALA B 193 35.47 3.95 -5.70
C ALA B 193 35.16 2.94 -4.60
N GLU B 194 35.83 1.80 -4.62
CA GLU B 194 35.62 0.79 -3.59
C GLU B 194 36.22 1.34 -2.29
N PRO B 195 35.59 1.06 -1.14
CA PRO B 195 36.10 1.56 0.14
C PRO B 195 37.55 1.12 0.33
N PRO B 196 38.34 1.93 1.06
CA PRO B 196 39.75 1.60 1.31
C PRO B 196 39.96 0.32 2.11
N LYS B 197 41.08 -0.35 1.85
CA LYS B 197 41.41 -1.58 2.54
C LYS B 197 41.51 -1.32 4.05
N GLY B 198 41.13 -2.31 4.84
CA GLY B 198 41.21 -2.19 6.29
C GLY B 198 40.29 -1.18 6.95
N MET B 199 39.30 -0.68 6.24
CA MET B 199 38.39 0.29 6.83
C MET B 199 37.48 -0.28 7.91
N PHE B 200 36.95 -1.49 7.67
CA PHE B 200 36.05 -2.12 8.63
C PHE B 200 36.70 -2.42 9.97
N ARG B 201 35.92 -2.27 11.04
CA ARG B 201 36.44 -2.48 12.36
C ARG B 201 35.66 -3.52 13.16
N MET B 202 34.36 -3.54 12.97
CA MET B 202 33.49 -4.46 13.68
C MET B 202 33.47 -5.85 13.05
N THR B 203 33.86 -5.93 11.79
CA THR B 203 33.85 -7.21 11.10
C THR B 203 35.17 -7.52 10.44
N GLN B 204 35.55 -8.80 10.47
CA GLN B 204 36.79 -9.23 9.83
C GLN B 204 36.54 -9.34 8.34
N ASP B 205 37.56 -9.12 7.52
CA ASP B 205 37.38 -9.23 6.08
C ASP B 205 37.12 -10.70 5.75
N PRO B 206 36.18 -10.96 4.85
CA PRO B 206 35.89 -12.36 4.49
C PRO B 206 37.14 -13.09 4.06
N GLU B 207 38.08 -12.36 3.47
CA GLU B 207 39.34 -12.96 3.03
C GLU B 207 40.11 -13.52 4.22
N GLU B 208 39.91 -12.93 5.40
CA GLU B 208 40.61 -13.37 6.60
C GLU B 208 39.71 -14.19 7.52
N ALA B 209 38.44 -14.35 7.16
CA ALA B 209 37.51 -15.11 8.00
C ALA B 209 37.87 -16.60 7.99
N PRO B 210 37.45 -17.34 9.02
CA PRO B 210 37.71 -18.78 9.15
C PRO B 210 37.36 -19.60 7.91
N ASP B 211 38.13 -20.65 7.67
CA ASP B 211 37.88 -21.54 6.54
C ASP B 211 36.76 -22.49 6.91
N ALA B 212 36.50 -22.62 8.20
CA ALA B 212 35.43 -23.48 8.67
C ALA B 212 34.15 -22.71 8.95
N PRO B 213 33.03 -23.12 8.32
CA PRO B 213 31.78 -22.41 8.57
C PRO B 213 31.32 -22.66 10.00
N GLU B 214 30.51 -21.75 10.55
CA GLU B 214 30.03 -21.90 11.91
C GLU B 214 28.52 -21.89 11.93
N TYR B 215 27.94 -22.84 12.65
CA TYR B 215 26.50 -22.92 12.76
C TYR B 215 26.10 -22.16 14.01
N VAL B 216 24.99 -21.45 13.94
CA VAL B 216 24.52 -20.68 15.08
C VAL B 216 23.00 -20.76 15.14
N GLU B 217 22.50 -20.95 16.35
CA GLU B 217 21.06 -21.02 16.54
C GLU B 217 20.58 -19.86 17.37
N VAL B 218 19.46 -19.30 16.94
CA VAL B 218 18.85 -18.17 17.61
C VAL B 218 17.40 -18.50 17.92
N GLU B 219 17.06 -18.45 19.21
CA GLU B 219 15.70 -18.72 19.63
C GLU B 219 14.92 -17.40 19.72
N PHE B 220 13.72 -17.38 19.16
CA PHE B 220 12.85 -16.20 19.23
C PHE B 220 11.67 -16.54 20.13
N PHE B 221 11.35 -15.70 21.10
CA PHE B 221 10.19 -16.02 21.92
C PHE B 221 8.94 -15.41 21.31
N GLU B 222 8.64 -14.15 21.56
CA GLU B 222 7.44 -13.60 20.94
C GLU B 222 7.79 -12.43 20.08
N GLY B 223 8.59 -12.70 19.05
CA GLY B 223 9.02 -11.65 18.15
C GLY B 223 10.42 -11.15 18.46
N ASP B 224 10.93 -11.47 19.66
CA ASP B 224 12.26 -11.03 20.05
C ASP B 224 13.24 -12.18 20.30
N PRO B 225 14.51 -11.98 19.93
CA PRO B 225 15.53 -13.00 20.14
C PRO B 225 15.84 -13.08 21.64
N VAL B 226 15.73 -14.28 22.20
CA VAL B 226 15.95 -14.51 23.62
C VAL B 226 17.10 -15.47 23.96
N ALA B 227 17.66 -16.15 22.97
CA ALA B 227 18.76 -17.08 23.23
C ALA B 227 19.63 -17.36 22.01
N VAL B 228 20.91 -17.59 22.26
CA VAL B 228 21.87 -17.92 21.22
C VAL B 228 22.54 -19.24 21.62
N ASN B 229 22.46 -20.23 20.73
CA ASN B 229 23.05 -21.55 21.00
C ASN B 229 22.64 -22.08 22.38
N GLY B 230 21.36 -21.93 22.71
CA GLY B 230 20.84 -22.42 23.98
C GLY B 230 21.08 -21.54 25.19
N GLU B 231 21.96 -20.55 25.07
CA GLU B 231 22.23 -19.68 26.19
C GLU B 231 21.31 -18.46 26.20
N ARG B 232 20.53 -18.35 27.29
CA ARG B 232 19.60 -17.23 27.45
C ARG B 232 20.41 -15.96 27.58
N LEU B 233 20.08 -14.94 26.79
CA LEU B 233 20.82 -13.68 26.88
C LEU B 233 19.93 -12.46 26.86
N SER B 234 20.29 -11.46 27.65
CA SER B 234 19.54 -10.22 27.69
C SER B 234 19.72 -9.59 26.31
N PRO B 235 18.79 -8.71 25.89
CA PRO B 235 18.86 -8.05 24.58
C PRO B 235 20.24 -7.53 24.18
N ALA B 236 20.85 -6.71 25.04
CA ALA B 236 22.17 -6.15 24.74
C ALA B 236 23.26 -7.24 24.74
N ALA B 237 23.19 -8.18 25.70
CA ALA B 237 24.18 -9.25 25.75
C ALA B 237 24.04 -10.14 24.52
N LEU B 238 22.81 -10.27 24.04
CA LEU B 238 22.52 -11.10 22.87
C LEU B 238 23.02 -10.46 21.58
N LEU B 239 22.79 -9.16 21.40
CA LEU B 239 23.24 -8.45 20.21
C LEU B 239 24.76 -8.48 20.20
N GLN B 240 25.35 -8.28 21.38
CA GLN B 240 26.79 -8.32 21.54
C GLN B 240 27.34 -9.67 21.09
N ARG B 241 26.72 -10.73 21.59
CA ARG B 241 27.15 -12.10 21.25
C ARG B 241 27.14 -12.35 19.75
N LEU B 242 26.04 -11.96 19.10
CA LEU B 242 25.92 -12.16 17.66
C LEU B 242 26.85 -11.28 16.86
N ASN B 243 27.31 -10.16 17.43
CA ASN B 243 28.26 -9.30 16.74
C ASN B 243 29.62 -10.03 16.73
N GLU B 244 29.94 -10.68 17.85
CA GLU B 244 31.20 -11.41 17.97
C GLU B 244 31.22 -12.58 16.98
N ILE B 245 30.23 -13.45 17.06
CA ILE B 245 30.13 -14.60 16.17
C ILE B 245 30.07 -14.15 14.72
N GLY B 246 29.15 -13.24 14.42
CA GLY B 246 29.02 -12.76 13.06
C GLY B 246 30.19 -11.93 12.58
N GLY B 247 30.78 -11.14 13.47
CA GLY B 247 31.90 -10.32 13.09
C GLY B 247 33.11 -11.15 12.68
N ARG B 248 33.36 -12.22 13.44
CA ARG B 248 34.50 -13.08 13.13
C ARG B 248 34.40 -13.62 11.71
N HIS B 249 33.18 -13.73 11.19
CA HIS B 249 33.01 -14.25 9.83
C HIS B 249 32.83 -13.16 8.77
N GLY B 250 32.97 -11.90 9.16
CA GLY B 250 32.84 -10.79 8.21
C GLY B 250 31.44 -10.58 7.64
N VAL B 251 30.44 -11.00 8.40
CA VAL B 251 29.03 -10.90 8.02
C VAL B 251 28.43 -9.50 8.21
N GLY B 252 27.50 -9.14 7.33
CA GLY B 252 26.79 -7.87 7.45
C GLY B 252 27.33 -6.59 6.82
N ARG B 253 28.09 -6.69 5.75
CA ARG B 253 28.62 -5.50 5.10
C ARG B 253 27.74 -5.03 3.95
N VAL B 254 27.44 -3.73 3.94
CA VAL B 254 26.60 -3.11 2.91
C VAL B 254 27.26 -1.84 2.38
N ASP B 255 27.13 -1.62 1.08
CA ASP B 255 27.69 -0.44 0.41
C ASP B 255 26.57 0.13 -0.47
N ILE B 256 26.01 1.25 -0.05
CA ILE B 256 24.89 1.86 -0.78
C ILE B 256 24.95 3.38 -0.91
N VAL B 257 24.21 3.90 -1.87
CA VAL B 257 24.06 5.32 -2.05
C VAL B 257 22.59 5.45 -1.64
N GLU B 258 22.36 6.15 -0.55
CA GLU B 258 21.03 6.31 0.02
C GLU B 258 20.45 7.70 -0.19
N ASN B 259 19.13 7.80 -0.07
CA ASN B 259 18.47 9.09 -0.19
C ASN B 259 18.27 9.66 1.21
N ARG B 260 18.87 10.82 1.45
CA ARG B 260 18.75 11.48 2.73
C ARG B 260 17.42 12.19 2.83
N PHE B 261 16.98 12.47 4.05
CA PHE B 261 15.72 13.16 4.27
C PHE B 261 15.90 14.65 4.00
N VAL B 262 17.11 15.17 4.24
CA VAL B 262 17.35 16.57 3.96
C VAL B 262 17.37 16.85 2.47
N GLY B 263 16.92 15.86 1.67
CA GLY B 263 16.82 16.07 0.24
C GLY B 263 17.91 15.63 -0.75
N MET B 264 19.06 15.12 -0.29
CA MET B 264 20.09 14.71 -1.23
C MET B 264 20.52 13.22 -1.13
N LYS B 265 21.55 12.82 -1.86
CA LYS B 265 22.03 11.44 -1.80
C LYS B 265 23.41 11.37 -1.13
N SER B 266 23.74 10.23 -0.53
CA SER B 266 25.03 10.05 0.11
C SER B 266 25.47 8.60 0.07
N ARG B 267 26.77 8.40 -0.08
CA ARG B 267 27.36 7.06 -0.16
C ARG B 267 27.66 6.59 1.25
N GLY B 268 27.03 5.50 1.67
CA GLY B 268 27.27 4.98 3.01
C GLY B 268 27.67 3.52 3.03
N VAL B 269 28.59 3.17 3.91
CA VAL B 269 29.06 1.80 4.04
C VAL B 269 28.74 1.36 5.46
N TYR B 270 28.03 0.25 5.59
CA TYR B 270 27.64 -0.24 6.91
C TYR B 270 27.96 -1.69 7.20
N GLU B 271 28.39 -1.95 8.44
CA GLU B 271 28.67 -3.31 8.86
C GLU B 271 27.74 -3.55 10.05
N THR B 272 26.85 -4.53 9.91
CA THR B 272 25.87 -4.88 10.92
C THR B 272 25.84 -6.41 11.11
N PRO B 273 26.95 -7.00 11.60
CA PRO B 273 27.05 -8.44 11.82
C PRO B 273 25.90 -9.11 12.59
N GLY B 274 25.70 -8.69 13.84
CA GLY B 274 24.63 -9.26 14.64
C GLY B 274 23.25 -8.97 14.09
N GLY B 275 23.01 -7.72 13.72
CA GLY B 275 21.71 -7.35 13.18
C GLY B 275 21.37 -8.12 11.93
N THR B 276 22.38 -8.43 11.12
CA THR B 276 22.14 -9.16 9.88
C THR B 276 21.78 -10.62 10.15
N ILE B 277 22.39 -11.21 11.16
CA ILE B 277 22.07 -12.59 11.50
C ILE B 277 20.62 -12.60 11.99
N LEU B 278 20.31 -11.66 12.87
CA LEU B 278 18.96 -11.54 13.43
C LEU B 278 17.90 -11.34 12.35
N TYR B 279 18.24 -10.56 11.33
CA TYR B 279 17.30 -10.30 10.24
C TYR B 279 16.85 -11.60 9.58
N HIS B 280 17.82 -12.43 9.18
CA HIS B 280 17.52 -13.71 8.52
C HIS B 280 16.95 -14.74 9.49
N ALA B 281 17.43 -14.69 10.73
CA ALA B 281 16.96 -15.62 11.76
C ALA B 281 15.47 -15.41 11.97
N ARG B 282 15.08 -14.14 12.07
CA ARG B 282 13.68 -13.74 12.27
C ARG B 282 12.80 -14.27 11.13
N ARG B 283 13.19 -14.01 9.88
CA ARG B 283 12.39 -14.47 8.75
C ARG B 283 12.31 -15.99 8.68
N ALA B 284 13.35 -16.66 9.15
CA ALA B 284 13.37 -18.12 9.13
C ALA B 284 12.31 -18.66 10.09
N VAL B 285 12.21 -18.05 11.26
CA VAL B 285 11.22 -18.47 12.24
C VAL B 285 9.84 -18.03 11.74
N GLU B 286 9.77 -16.87 11.10
CA GLU B 286 8.48 -16.40 10.58
C GLU B 286 7.97 -17.31 9.46
N SER B 287 8.87 -17.96 8.74
CA SER B 287 8.46 -18.83 7.63
C SER B 287 7.60 -20.01 8.09
N LEU B 288 7.70 -20.36 9.36
CA LEU B 288 6.91 -21.48 9.89
C LEU B 288 5.75 -20.98 10.75
N THR B 289 5.91 -19.80 11.34
CA THR B 289 4.91 -19.28 12.25
C THR B 289 3.90 -18.26 11.71
N LEU B 290 4.20 -17.59 10.62
CA LEU B 290 3.28 -16.62 10.09
C LEU B 290 2.42 -17.12 8.94
N ASP B 291 1.19 -16.64 8.89
CA ASP B 291 0.26 -16.98 7.85
C ASP B 291 0.69 -16.27 6.56
N ARG B 292 0.37 -16.87 5.42
CA ARG B 292 0.73 -16.31 4.12
C ARG B 292 0.25 -14.88 3.88
N GLU B 293 -1.05 -14.66 4.04
CA GLU B 293 -1.58 -13.34 3.80
C GLU B 293 -1.05 -12.31 4.80
N VAL B 294 -0.86 -12.73 6.05
CA VAL B 294 -0.33 -11.82 7.06
C VAL B 294 1.07 -11.36 6.66
N LEU B 295 1.93 -12.31 6.31
CA LEU B 295 3.30 -12.00 5.91
C LEU B 295 3.33 -11.02 4.74
N HIS B 296 2.54 -11.30 3.72
CA HIS B 296 2.52 -10.44 2.55
C HIS B 296 2.11 -9.00 2.87
N GLN B 297 1.12 -8.83 3.74
CA GLN B 297 0.67 -7.50 4.13
C GLN B 297 1.78 -6.81 4.93
N ARG B 298 2.33 -7.56 5.88
CA ARG B 298 3.40 -7.06 6.74
C ARG B 298 4.60 -6.54 5.92
N ASP B 299 5.04 -7.33 4.94
CA ASP B 299 6.18 -6.94 4.11
C ASP B 299 5.92 -5.71 3.24
N MET B 300 4.65 -5.47 2.92
CA MET B 300 4.32 -4.28 2.14
C MET B 300 4.31 -3.02 3.01
N LEU B 301 4.20 -3.18 4.33
CA LEU B 301 4.22 -2.04 5.24
C LEU B 301 5.61 -1.74 5.83
N SER B 302 6.48 -2.74 5.86
CA SER B 302 7.83 -2.58 6.40
C SER B 302 8.63 -1.41 5.85
N PRO B 303 8.64 -1.22 4.51
CA PRO B 303 9.40 -0.10 3.95
C PRO B 303 8.94 1.25 4.47
N LYS B 304 7.62 1.40 4.64
CA LYS B 304 7.06 2.65 5.13
C LYS B 304 7.59 2.91 6.55
N TYR B 305 7.55 1.88 7.37
CA TYR B 305 8.05 1.99 8.73
C TYR B 305 9.54 2.34 8.70
N ALA B 306 10.26 1.76 7.73
CA ALA B 306 11.70 1.99 7.60
C ALA B 306 12.01 3.47 7.30
N GLU B 307 11.23 4.09 6.43
CA GLU B 307 11.49 5.48 6.10
C GLU B 307 11.14 6.36 7.31
N LEU B 308 10.13 5.96 8.08
CA LEU B 308 9.76 6.73 9.27
C LEU B 308 10.94 6.78 10.24
N VAL B 309 11.56 5.62 10.46
CA VAL B 309 12.71 5.52 11.34
C VAL B 309 13.88 6.31 10.78
N TYR B 310 14.08 6.21 9.47
CA TYR B 310 15.17 6.92 8.81
C TYR B 310 15.03 8.44 8.89
N TYR B 311 13.82 8.94 8.68
CA TYR B 311 13.56 10.37 8.74
C TYR B 311 13.58 10.92 10.15
N GLY B 312 13.34 10.07 11.14
CA GLY B 312 13.36 10.49 12.52
C GLY B 312 12.01 10.52 13.20
N PHE B 313 11.01 9.91 12.58
CA PHE B 313 9.68 9.89 13.17
C PHE B 313 9.46 8.67 14.07
N TRP B 314 10.26 8.58 15.14
CA TRP B 314 10.15 7.47 16.07
C TRP B 314 9.01 7.70 17.05
N TYR B 315 9.09 8.75 17.85
CA TYR B 315 8.01 9.06 18.77
C TYR B 315 7.01 9.89 18.00
N ALA B 316 6.32 9.24 17.08
CA ALA B 316 5.32 9.85 16.23
C ALA B 316 4.13 8.89 16.13
N PRO B 317 2.91 9.43 16.00
CA PRO B 317 1.71 8.60 15.89
C PRO B 317 1.70 7.55 14.78
N GLU B 318 2.19 7.90 13.59
CA GLU B 318 2.21 6.95 12.47
C GLU B 318 3.02 5.70 12.82
N ARG B 319 4.22 5.93 13.33
CA ARG B 319 5.12 4.84 13.69
C ARG B 319 4.53 3.96 14.79
N GLU B 320 3.96 4.58 15.82
CA GLU B 320 3.39 3.82 16.92
C GLU B 320 2.13 3.05 16.50
N ALA B 321 1.40 3.57 15.51
CA ALA B 321 0.20 2.90 14.99
C ALA B 321 0.64 1.65 14.20
N LEU B 322 1.65 1.83 13.35
CA LEU B 322 2.17 0.71 12.57
C LEU B 322 2.76 -0.30 13.56
N GLN B 323 3.44 0.19 14.58
CA GLN B 323 4.05 -0.69 15.59
C GLN B 323 3.03 -1.60 16.24
N ALA B 324 1.79 -1.12 16.33
CA ALA B 324 0.71 -1.91 16.92
C ALA B 324 0.44 -3.10 15.98
N TYR B 325 0.53 -2.86 14.67
CA TYR B 325 0.33 -3.92 13.69
C TYR B 325 1.49 -4.91 13.74
N PHE B 326 2.71 -4.39 13.70
CA PHE B 326 3.90 -5.24 13.71
C PHE B 326 4.03 -6.08 14.98
N ASP B 327 3.77 -5.49 16.13
CA ASP B 327 3.85 -6.22 17.38
C ASP B 327 2.79 -7.32 17.42
N HIS B 328 1.61 -7.04 16.84
CA HIS B 328 0.56 -8.04 16.82
C HIS B 328 1.04 -9.27 16.06
N VAL B 329 1.56 -9.05 14.86
CA VAL B 329 2.07 -10.12 14.00
C VAL B 329 3.23 -10.83 14.66
N ALA B 330 4.22 -10.05 15.09
CA ALA B 330 5.42 -10.58 15.71
C ALA B 330 5.16 -11.48 16.90
N ARG B 331 4.01 -11.30 17.56
CA ARG B 331 3.69 -12.10 18.73
C ARG B 331 3.71 -13.61 18.43
N SER B 332 3.43 -13.97 17.17
CA SER B 332 3.42 -15.35 16.73
C SER B 332 4.80 -15.91 16.39
N VAL B 333 5.79 -15.03 16.32
CA VAL B 333 7.13 -15.47 15.97
C VAL B 333 7.88 -16.11 17.13
N THR B 334 7.64 -17.40 17.30
CA THR B 334 8.27 -18.19 18.37
C THR B 334 8.87 -19.47 17.78
N GLY B 335 10.17 -19.65 17.99
CA GLY B 335 10.83 -20.82 17.46
C GLY B 335 12.33 -20.60 17.41
N VAL B 336 13.02 -21.49 16.72
CA VAL B 336 14.48 -21.40 16.58
C VAL B 336 14.93 -21.41 15.13
N ALA B 337 15.92 -20.57 14.83
CA ALA B 337 16.49 -20.49 13.49
C ALA B 337 17.91 -21.04 13.55
N ARG B 338 18.29 -21.80 12.53
CA ARG B 338 19.64 -22.35 12.49
C ARG B 338 20.32 -21.79 11.26
N LEU B 339 21.40 -21.03 11.46
CA LEU B 339 22.11 -20.43 10.34
C LEU B 339 23.57 -20.89 10.27
N LYS B 340 24.10 -20.85 9.05
CA LYS B 340 25.46 -21.24 8.78
C LYS B 340 26.23 -20.00 8.32
N LEU B 341 27.27 -19.63 9.06
CA LEU B 341 28.07 -18.45 8.74
C LEU B 341 29.35 -18.82 8.02
N TYR B 342 29.61 -18.18 6.88
CA TYR B 342 30.82 -18.48 6.12
C TYR B 342 31.27 -17.34 5.23
N LYS B 343 32.48 -16.87 5.50
CA LYS B 343 33.11 -15.80 4.73
C LYS B 343 32.18 -14.73 4.15
N GLY B 344 31.65 -13.90 5.04
CA GLY B 344 30.78 -12.80 4.64
C GLY B 344 29.31 -13.13 4.53
N ASN B 345 28.99 -14.41 4.39
CA ASN B 345 27.61 -14.81 4.25
C ASN B 345 26.91 -15.41 5.45
N VAL B 346 25.59 -15.28 5.44
CA VAL B 346 24.73 -15.83 6.47
C VAL B 346 23.76 -16.74 5.74
N TYR B 347 23.83 -18.04 5.99
CA TYR B 347 22.94 -18.98 5.33
C TYR B 347 21.97 -19.61 6.30
N VAL B 348 20.69 -19.56 5.96
CA VAL B 348 19.68 -20.21 6.78
C VAL B 348 19.74 -21.68 6.33
N VAL B 349 19.95 -22.58 7.27
CA VAL B 349 20.02 -24.01 6.95
C VAL B 349 18.94 -24.83 7.66
N GLY B 350 18.20 -24.18 8.55
CA GLY B 350 17.13 -24.88 9.25
C GLY B 350 16.32 -23.97 10.16
N ARG B 351 15.11 -24.41 10.48
CA ARG B 351 14.22 -23.67 11.37
C ARG B 351 13.20 -24.62 11.95
N LYS B 352 12.72 -24.31 13.15
CA LYS B 352 11.73 -25.13 13.82
C LYS B 352 10.88 -24.24 14.71
N ALA B 353 9.67 -24.71 15.04
CA ALA B 353 8.77 -23.93 15.88
C ALA B 353 7.72 -24.83 16.52
N PRO B 354 7.33 -24.52 17.77
CA PRO B 354 6.32 -25.29 18.51
C PRO B 354 4.96 -25.22 17.86
N LYS B 355 4.64 -24.07 17.27
CA LYS B 355 3.35 -23.91 16.63
C LYS B 355 3.52 -23.69 15.15
N SER B 356 4.51 -24.40 14.59
CA SER B 356 4.79 -24.31 13.16
C SER B 356 3.57 -24.65 12.34
N LEU B 357 3.30 -23.85 11.31
CA LEU B 357 2.16 -24.07 10.44
C LEU B 357 2.56 -24.96 9.26
N TYR B 358 3.73 -25.57 9.37
CA TYR B 358 4.25 -26.44 8.33
C TYR B 358 4.02 -27.92 8.72
N ARG B 359 2.92 -28.51 8.25
CA ARG B 359 2.62 -29.92 8.56
C ARG B 359 3.52 -30.84 7.76
N GLY B 370 -6.37 -32.23 3.11
CA GLY B 370 -7.36 -31.12 3.34
C GLY B 370 -8.03 -30.75 2.02
N TYR B 371 -7.70 -31.49 0.97
CA TYR B 371 -8.25 -31.25 -0.35
C TYR B 371 -7.66 -32.26 -1.33
N ASP B 372 -8.37 -32.49 -2.43
CA ASP B 372 -7.89 -33.42 -3.45
C ASP B 372 -7.70 -32.64 -4.75
N GLN B 373 -7.05 -33.29 -5.72
CA GLN B 373 -6.79 -32.64 -7.01
C GLN B 373 -8.04 -31.99 -7.56
N LYS B 374 -9.18 -32.65 -7.35
CA LYS B 374 -10.45 -32.12 -7.84
C LYS B 374 -10.70 -30.71 -7.29
N ASP B 375 -10.38 -30.50 -6.01
CA ASP B 375 -10.56 -29.20 -5.40
C ASP B 375 -9.72 -28.20 -6.17
N ALA B 376 -8.48 -28.59 -6.46
CA ALA B 376 -7.58 -27.72 -7.19
C ALA B 376 -8.18 -27.25 -8.52
N GLU B 377 -8.93 -28.12 -9.20
CA GLU B 377 -9.50 -27.71 -10.48
C GLU B 377 -10.57 -26.62 -10.31
N GLY B 378 -11.39 -26.73 -9.27
CA GLY B 378 -12.42 -25.73 -9.03
C GLY B 378 -11.79 -24.38 -8.73
N PHE B 379 -10.72 -24.41 -7.94
CA PHE B 379 -9.97 -23.22 -7.57
C PHE B 379 -9.55 -22.50 -8.85
N ILE B 380 -8.87 -23.22 -9.73
CA ILE B 380 -8.40 -22.66 -10.99
C ILE B 380 -9.53 -22.07 -11.83
N LYS B 381 -10.61 -22.83 -11.97
CA LYS B 381 -11.77 -22.39 -12.76
C LYS B 381 -12.28 -21.04 -12.25
N ILE B 382 -12.52 -20.95 -10.95
CA ILE B 382 -13.03 -19.72 -10.35
C ILE B 382 -12.01 -18.60 -10.52
N GLN B 383 -10.75 -18.88 -10.18
CA GLN B 383 -9.70 -17.88 -10.30
C GLN B 383 -9.58 -17.39 -11.74
N ALA B 384 -9.88 -18.26 -12.70
CA ALA B 384 -9.76 -17.91 -14.11
C ALA B 384 -10.99 -17.24 -14.75
N LEU B 385 -12.14 -17.33 -14.10
CA LEU B 385 -13.36 -16.75 -14.68
C LEU B 385 -13.21 -15.32 -15.21
N ARG B 386 -12.79 -14.37 -14.36
CA ARG B 386 -12.67 -12.98 -14.81
C ARG B 386 -11.70 -12.84 -15.99
N LEU B 387 -10.64 -13.63 -16.00
CA LEU B 387 -9.68 -13.58 -17.10
C LEU B 387 -10.33 -14.10 -18.39
N ARG B 388 -11.14 -15.16 -18.28
CA ARG B 388 -11.81 -15.69 -19.46
C ARG B 388 -12.82 -14.67 -20.02
N VAL B 389 -13.59 -14.06 -19.12
CA VAL B 389 -14.56 -13.04 -19.53
C VAL B 389 -13.84 -11.90 -20.24
N ARG B 390 -12.70 -11.48 -19.69
CA ARG B 390 -11.90 -10.41 -20.28
C ARG B 390 -11.54 -10.80 -21.71
N ALA B 391 -10.99 -12.01 -21.86
CA ALA B 391 -10.57 -12.51 -23.16
C ALA B 391 -11.73 -12.59 -24.17
N LEU B 392 -12.86 -13.12 -23.75
CA LEU B 392 -14.00 -13.21 -24.67
C LEU B 392 -14.45 -11.82 -25.10
N VAL B 393 -14.44 -10.87 -24.17
CA VAL B 393 -14.86 -9.50 -24.51
C VAL B 393 -13.89 -8.89 -25.52
N GLU B 394 -12.60 -9.11 -25.33
CA GLU B 394 -11.64 -8.58 -26.28
C GLU B 394 -11.95 -9.26 -27.61
N ARG B 395 -12.87 -10.23 -27.53
CA ARG B 395 -13.32 -11.02 -28.67
C ARG B 395 -12.28 -11.97 -29.18
N MET C 1 15.45 45.37 -12.22
CA MET C 1 15.24 43.90 -12.41
C MET C 1 13.76 43.65 -12.74
N LYS C 2 13.47 42.52 -13.37
CA LYS C 2 12.10 42.17 -13.72
C LYS C 2 11.52 41.09 -12.79
N ILE C 3 10.25 41.25 -12.46
CA ILE C 3 9.56 40.29 -11.60
C ILE C 3 8.18 40.00 -12.16
N VAL C 4 7.91 38.73 -12.46
CA VAL C 4 6.61 38.34 -12.99
C VAL C 4 5.71 38.01 -11.81
N LEU C 5 4.60 38.73 -11.72
CA LEU C 5 3.67 38.55 -10.60
C LEU C 5 2.34 37.90 -10.92
N ALA C 6 2.04 36.82 -10.21
CA ALA C 6 0.76 36.16 -10.38
C ALA C 6 -0.18 37.19 -9.78
N TYR C 7 -0.83 37.96 -10.65
CA TYR C 7 -1.74 39.03 -10.24
C TYR C 7 -3.18 38.63 -10.51
N SER C 8 -4.00 38.56 -9.46
CA SER C 8 -5.39 38.17 -9.63
C SER C 8 -6.38 39.33 -9.70
N GLY C 9 -5.88 40.56 -9.57
CA GLY C 9 -6.76 41.73 -9.63
C GLY C 9 -7.44 42.11 -8.31
N GLY C 10 -7.05 41.45 -7.23
CA GLY C 10 -7.65 41.76 -5.94
C GLY C 10 -6.85 42.79 -5.15
N LEU C 11 -7.35 43.14 -3.97
CA LEU C 11 -6.70 44.12 -3.09
C LEU C 11 -5.24 43.78 -2.81
N ASP C 12 -5.02 42.61 -2.24
CA ASP C 12 -3.68 42.16 -1.88
C ASP C 12 -2.65 42.07 -3.00
N THR C 13 -3.02 41.53 -4.16
CA THR C 13 -2.04 41.46 -5.23
C THR C 13 -1.78 42.86 -5.77
N SER C 14 -2.75 43.75 -5.60
CA SER C 14 -2.55 45.13 -6.05
C SER C 14 -1.55 45.74 -5.07
N ILE C 15 -1.82 45.55 -3.78
CA ILE C 15 -0.92 46.05 -2.75
C ILE C 15 0.47 45.49 -3.03
N ILE C 16 0.52 44.19 -3.31
CA ILE C 16 1.75 43.48 -3.60
C ILE C 16 2.48 44.07 -4.81
N LEU C 17 1.73 44.49 -5.82
CA LEU C 17 2.33 45.06 -7.01
C LEU C 17 3.05 46.37 -6.64
N LYS C 18 2.41 47.18 -5.81
CA LYS C 18 3.02 48.45 -5.37
C LYS C 18 4.21 48.11 -4.46
N TRP C 19 4.01 47.15 -3.57
CA TRP C 19 5.08 46.75 -2.66
C TRP C 19 6.32 46.32 -3.44
N LEU C 20 6.11 45.61 -4.54
CA LEU C 20 7.22 45.13 -5.37
C LEU C 20 8.00 46.27 -6.02
N LYS C 21 7.29 47.27 -6.50
CA LYS C 21 7.96 48.41 -7.12
C LYS C 21 8.67 49.23 -6.04
N GLU C 22 7.92 49.61 -5.00
CA GLU C 22 8.49 50.42 -3.92
C GLU C 22 9.72 49.80 -3.26
N THR C 23 9.67 48.50 -3.02
CA THR C 23 10.75 47.77 -2.34
C THR C 23 11.92 47.34 -3.21
N TYR C 24 11.62 46.63 -4.30
CA TYR C 24 12.67 46.16 -5.21
C TYR C 24 12.94 47.14 -6.33
N ARG C 25 12.05 48.13 -6.48
CA ARG C 25 12.18 49.12 -7.55
C ARG C 25 12.47 48.40 -8.85
N ALA C 26 11.76 47.29 -9.06
CA ALA C 26 11.93 46.48 -10.26
C ALA C 26 10.75 46.65 -11.18
N GLU C 27 10.91 46.19 -12.42
CA GLU C 27 9.87 46.23 -13.44
C GLU C 27 8.91 45.07 -13.17
N VAL C 28 7.62 45.38 -13.01
CA VAL C 28 6.63 44.36 -12.70
C VAL C 28 5.69 43.91 -13.83
N ILE C 29 5.84 42.66 -14.26
CA ILE C 29 4.98 42.12 -15.31
C ILE C 29 3.84 41.36 -14.61
N ALA C 30 2.63 41.86 -14.77
CA ALA C 30 1.48 41.22 -14.13
C ALA C 30 0.95 40.10 -15.02
N PHE C 31 0.45 39.05 -14.39
CA PHE C 31 -0.11 37.92 -15.11
C PHE C 31 -1.39 37.46 -14.46
N THR C 32 -2.48 37.48 -15.23
CA THR C 32 -3.75 37.01 -14.73
C THR C 32 -4.18 35.88 -15.62
N ALA C 33 -4.63 34.79 -15.02
CA ALA C 33 -5.05 33.65 -15.82
C ALA C 33 -6.53 33.47 -15.61
N ASP C 34 -7.25 33.25 -16.71
CA ASP C 34 -8.67 33.00 -16.58
C ASP C 34 -8.80 31.49 -16.48
N ILE C 35 -9.15 31.00 -15.30
CA ILE C 35 -9.33 29.58 -15.09
C ILE C 35 -10.75 29.36 -14.61
N GLY C 36 -11.61 30.33 -14.90
CA GLY C 36 -13.00 30.23 -14.53
C GLY C 36 -13.38 30.83 -13.19
N GLN C 37 -12.67 31.87 -12.76
CA GLN C 37 -12.98 32.52 -11.47
C GLN C 37 -14.24 33.38 -11.62
N GLY C 38 -14.67 33.60 -12.86
CA GLY C 38 -15.86 34.41 -13.09
C GLY C 38 -15.51 35.88 -13.00
N GLU C 39 -14.30 36.24 -13.38
CA GLU C 39 -13.85 37.62 -13.35
C GLU C 39 -13.41 38.07 -14.73
N GLU C 40 -13.79 39.29 -15.10
CA GLU C 40 -13.38 39.81 -16.39
C GLU C 40 -11.89 40.04 -16.23
N VAL C 41 -11.12 38.99 -16.52
CA VAL C 41 -9.68 39.04 -16.39
C VAL C 41 -9.06 40.23 -17.10
N GLU C 42 -9.77 40.77 -18.08
CA GLU C 42 -9.22 41.91 -18.82
C GLU C 42 -9.14 43.14 -17.92
N GLU C 43 -10.08 43.24 -16.99
CA GLU C 43 -10.11 44.36 -16.05
C GLU C 43 -8.84 44.28 -15.21
N ALA C 44 -8.59 43.08 -14.72
CA ALA C 44 -7.41 42.84 -13.90
C ALA C 44 -6.18 43.35 -14.62
N ARG C 45 -6.08 42.98 -15.90
CA ARG C 45 -4.94 43.35 -16.73
C ARG C 45 -4.77 44.86 -16.91
N GLU C 46 -5.88 45.58 -16.95
CA GLU C 46 -5.83 47.03 -17.10
C GLU C 46 -5.51 47.60 -15.72
N LYS C 47 -6.27 47.16 -14.72
CA LYS C 47 -6.04 47.60 -13.35
C LYS C 47 -4.58 47.45 -12.92
N ALA C 48 -3.87 46.49 -13.54
CA ALA C 48 -2.47 46.25 -13.21
C ALA C 48 -1.54 47.26 -13.86
N LEU C 49 -1.86 47.66 -15.09
CA LEU C 49 -1.05 48.64 -15.79
C LEU C 49 -1.24 49.95 -15.03
N ARG C 50 -2.45 50.09 -14.50
CA ARG C 50 -2.87 51.25 -13.74
C ARG C 50 -2.39 51.18 -12.29
N THR C 51 -1.68 50.12 -11.93
CA THR C 51 -1.18 49.99 -10.56
C THR C 51 0.34 50.05 -10.62
N GLY C 52 0.89 50.17 -11.83
CA GLY C 52 2.33 50.26 -11.97
C GLY C 52 2.94 49.17 -12.83
N ALA C 53 2.09 48.30 -13.37
CA ALA C 53 2.59 47.22 -14.19
C ALA C 53 3.28 47.77 -15.43
N SER C 54 4.52 47.36 -15.64
CA SER C 54 5.27 47.79 -16.81
C SER C 54 4.74 46.99 -18.00
N LYS C 55 3.97 45.95 -17.71
CA LYS C 55 3.37 45.08 -18.72
C LYS C 55 2.43 44.10 -18.04
N ALA C 56 1.20 44.00 -18.53
CA ALA C 56 0.21 43.10 -17.95
C ALA C 56 -0.23 42.07 -18.99
N ILE C 57 -0.36 40.82 -18.55
CA ILE C 57 -0.75 39.73 -19.44
C ILE C 57 -1.95 38.96 -18.89
N ALA C 58 -2.90 38.67 -19.78
CA ALA C 58 -4.08 37.92 -19.38
C ALA C 58 -4.21 36.77 -20.38
N LEU C 59 -4.45 35.57 -19.86
CA LEU C 59 -4.59 34.41 -20.73
C LEU C 59 -5.81 33.58 -20.35
N ASP C 60 -6.53 33.12 -21.37
CA ASP C 60 -7.69 32.27 -21.17
C ASP C 60 -7.11 30.87 -21.06
N LEU C 61 -7.06 30.32 -19.85
CA LEU C 61 -6.48 28.99 -19.69
C LEU C 61 -7.50 27.93 -19.31
N LYS C 62 -8.79 28.22 -19.45
CA LYS C 62 -9.80 27.24 -19.08
C LYS C 62 -9.58 25.85 -19.67
N GLU C 63 -9.36 25.78 -20.98
CA GLU C 63 -9.17 24.49 -21.65
C GLU C 63 -7.93 23.75 -21.15
N GLU C 64 -6.78 24.42 -21.11
CA GLU C 64 -5.56 23.78 -20.63
C GLU C 64 -5.75 23.27 -19.21
N PHE C 65 -6.40 24.08 -18.38
CA PHE C 65 -6.67 23.70 -17.00
C PHE C 65 -7.37 22.34 -16.92
N VAL C 66 -8.55 22.24 -17.54
CA VAL C 66 -9.33 21.01 -17.49
C VAL C 66 -8.68 19.83 -18.24
N ARG C 67 -8.06 20.11 -19.38
CA ARG C 67 -7.44 19.07 -20.17
C ARG C 67 -6.11 18.53 -19.64
N ASP C 68 -5.21 19.43 -19.23
CA ASP C 68 -3.90 19.01 -18.74
C ASP C 68 -3.78 18.86 -17.22
N PHE C 69 -4.79 19.26 -16.46
CA PHE C 69 -4.70 19.15 -15.01
C PHE C 69 -5.87 18.45 -14.32
N VAL C 70 -7.08 18.94 -14.54
CA VAL C 70 -8.26 18.33 -13.92
C VAL C 70 -8.51 16.89 -14.40
N PHE C 71 -8.48 16.67 -15.72
CA PHE C 71 -8.74 15.33 -16.27
C PHE C 71 -7.73 14.28 -15.80
N PRO C 72 -6.41 14.58 -15.90
CA PRO C 72 -5.42 13.59 -15.45
C PRO C 72 -5.66 13.21 -13.99
N MET C 73 -6.05 14.20 -13.19
CA MET C 73 -6.31 13.97 -11.77
C MET C 73 -7.58 13.16 -11.52
N MET C 74 -8.63 13.45 -12.28
CA MET C 74 -9.88 12.72 -12.12
C MET C 74 -9.65 11.29 -12.57
N ARG C 75 -8.93 11.14 -13.67
CA ARG C 75 -8.61 9.85 -14.23
C ARG C 75 -8.02 8.93 -13.15
N ALA C 76 -7.37 9.53 -12.16
CA ALA C 76 -6.76 8.78 -11.07
C ALA C 76 -7.68 8.58 -9.86
N GLY C 77 -8.85 9.18 -9.88
CA GLY C 77 -9.78 9.04 -8.77
C GLY C 77 -9.31 9.73 -7.50
N ALA C 78 -8.59 10.83 -7.67
CA ALA C 78 -8.03 11.60 -6.57
C ALA C 78 -9.04 12.24 -5.62
N VAL C 79 -8.97 11.86 -4.35
CA VAL C 79 -9.84 12.42 -3.32
C VAL C 79 -9.04 12.56 -2.03
N TYR C 80 -8.83 13.79 -1.59
CA TYR C 80 -8.05 14.03 -0.38
C TYR C 80 -8.88 13.85 0.89
N GLU C 81 -8.38 13.00 1.77
CA GLU C 81 -9.03 12.70 3.05
C GLU C 81 -10.55 12.46 2.96
N GLY C 82 -10.95 11.66 1.98
CA GLY C 82 -12.35 11.29 1.81
C GLY C 82 -13.36 12.23 1.17
N TYR C 83 -13.06 13.52 1.02
CA TYR C 83 -14.05 14.43 0.46
C TYR C 83 -13.55 15.54 -0.46
N TYR C 84 -12.33 16.01 -0.26
CA TYR C 84 -11.82 17.09 -1.08
C TYR C 84 -11.38 16.70 -2.49
N LEU C 85 -12.07 17.29 -3.48
CA LEU C 85 -11.79 17.02 -4.87
C LEU C 85 -10.66 17.87 -5.43
N LEU C 86 -9.94 18.54 -4.54
CA LEU C 86 -8.77 19.31 -4.94
C LEU C 86 -8.97 20.46 -5.94
N GLY C 87 -10.08 21.18 -5.82
CA GLY C 87 -10.35 22.29 -6.72
C GLY C 87 -9.25 23.32 -6.82
N THR C 88 -8.75 23.76 -5.67
CA THR C 88 -7.67 24.75 -5.65
C THR C 88 -6.32 24.10 -5.92
N SER C 89 -6.10 22.93 -5.33
CA SER C 89 -4.84 22.21 -5.47
C SER C 89 -4.31 22.06 -6.90
N ILE C 90 -5.11 21.53 -7.83
CA ILE C 90 -4.62 21.35 -9.22
C ILE C 90 -4.54 22.59 -10.05
N ALA C 91 -5.07 23.71 -9.56
CA ALA C 91 -5.01 24.94 -10.34
C ALA C 91 -3.67 25.66 -10.20
N ARG C 92 -3.10 25.62 -9.00
CA ARG C 92 -1.85 26.32 -8.75
C ARG C 92 -0.69 25.95 -9.67
N PRO C 93 -0.52 24.64 -9.96
CA PRO C 93 0.58 24.23 -10.83
C PRO C 93 0.51 24.89 -12.19
N LEU C 94 -0.71 25.03 -12.69
CA LEU C 94 -0.96 25.66 -13.99
C LEU C 94 -0.45 27.10 -13.99
N ILE C 95 -0.81 27.85 -12.96
CA ILE C 95 -0.40 29.25 -12.83
C ILE C 95 1.11 29.41 -12.75
N ALA C 96 1.73 28.67 -11.84
CA ALA C 96 3.18 28.75 -11.68
C ALA C 96 3.90 28.36 -12.96
N LYS C 97 3.30 27.45 -13.72
CA LYS C 97 3.86 27.01 -15.00
C LYS C 97 4.02 28.20 -15.92
N HIS C 98 2.94 28.96 -16.10
CA HIS C 98 2.96 30.13 -16.96
C HIS C 98 3.85 31.24 -16.42
N LEU C 99 3.85 31.42 -15.10
CA LEU C 99 4.69 32.44 -14.46
C LEU C 99 6.12 32.25 -14.91
N VAL C 100 6.63 31.03 -14.73
CA VAL C 100 8.00 30.70 -15.10
C VAL C 100 8.24 30.88 -16.61
N ARG C 101 7.31 30.42 -17.43
CA ARG C 101 7.42 30.55 -18.87
C ARG C 101 7.54 32.03 -19.27
N ILE C 102 6.66 32.85 -18.72
CA ILE C 102 6.66 34.27 -19.00
C ILE C 102 7.98 34.89 -18.55
N ALA C 103 8.43 34.51 -17.36
CA ALA C 103 9.68 35.02 -16.83
C ALA C 103 10.82 34.73 -17.81
N GLU C 104 10.80 33.56 -18.42
CA GLU C 104 11.85 33.21 -19.38
C GLU C 104 11.70 34.04 -20.66
N GLU C 105 10.46 34.35 -21.02
CA GLU C 105 10.18 35.14 -22.22
C GLU C 105 10.53 36.61 -22.03
N GLU C 106 10.26 37.13 -20.83
CA GLU C 106 10.55 38.52 -20.53
C GLU C 106 11.94 38.67 -19.93
N GLY C 107 12.68 37.57 -19.86
CA GLY C 107 14.02 37.63 -19.31
C GLY C 107 14.07 38.07 -17.87
N ALA C 108 13.00 37.77 -17.13
CA ALA C 108 12.89 38.11 -15.71
C ALA C 108 13.60 37.11 -14.81
N GLU C 109 14.32 37.65 -13.84
CA GLU C 109 15.09 36.87 -12.89
C GLU C 109 14.22 36.26 -11.78
N ALA C 110 13.07 36.87 -11.50
CA ALA C 110 12.23 36.36 -10.44
C ALA C 110 10.73 36.40 -10.72
N ILE C 111 9.98 35.68 -9.88
CA ILE C 111 8.53 35.65 -9.96
C ILE C 111 7.98 35.86 -8.55
N ALA C 112 6.70 36.18 -8.45
CA ALA C 112 6.09 36.42 -7.15
C ALA C 112 4.65 35.97 -7.12
N HIS C 113 4.18 35.68 -5.91
CA HIS C 113 2.81 35.27 -5.71
C HIS C 113 2.38 35.83 -4.35
N GLY C 114 1.07 35.92 -4.13
CA GLY C 114 0.58 36.44 -2.88
C GLY C 114 -0.03 35.41 -1.95
N ALA C 115 0.42 34.17 -2.03
CA ALA C 115 -0.09 33.14 -1.12
C ALA C 115 0.57 33.44 0.23
N THR C 116 -0.13 33.20 1.33
CA THR C 116 0.46 33.50 2.64
C THR C 116 1.50 32.48 3.11
N GLY C 117 2.17 32.80 4.22
CA GLY C 117 3.19 31.90 4.74
C GLY C 117 2.67 30.78 5.60
N LYS C 118 1.35 30.72 5.78
CA LYS C 118 0.71 29.69 6.60
C LYS C 118 -0.01 28.63 5.79
N GLY C 119 -0.20 28.87 4.51
CA GLY C 119 -0.95 27.93 3.70
C GLY C 119 -0.23 26.90 2.86
N ASN C 120 -1.03 26.17 2.10
CA ASN C 120 -0.54 25.13 1.20
C ASN C 120 -0.14 25.73 -0.13
N ASP C 121 -0.87 26.77 -0.55
CA ASP C 121 -0.60 27.38 -1.85
C ASP C 121 0.82 27.81 -2.12
N GLN C 122 1.47 28.44 -1.14
CA GLN C 122 2.85 28.86 -1.33
C GLN C 122 3.72 27.67 -1.75
N VAL C 123 3.48 26.52 -1.12
CA VAL C 123 4.25 25.33 -1.45
C VAL C 123 4.00 24.91 -2.89
N ARG C 124 2.72 24.91 -3.28
CA ARG C 124 2.33 24.51 -4.63
C ARG C 124 2.97 25.41 -5.68
N PHE C 125 2.90 26.71 -5.47
CA PHE C 125 3.50 27.65 -6.40
C PHE C 125 5.01 27.43 -6.50
N GLU C 126 5.68 27.41 -5.37
CA GLU C 126 7.13 27.26 -5.36
C GLU C 126 7.70 25.92 -5.78
N LEU C 127 7.09 24.81 -5.37
CA LEU C 127 7.58 23.50 -5.80
C LEU C 127 7.46 23.44 -7.31
N THR C 128 6.36 23.96 -7.86
CA THR C 128 6.16 23.96 -9.31
C THR C 128 7.27 24.78 -9.97
N ALA C 129 7.45 26.01 -9.51
CA ALA C 129 8.47 26.90 -10.06
C ALA C 129 9.87 26.29 -10.04
N TYR C 130 10.28 25.79 -8.87
CA TYR C 130 11.60 25.19 -8.72
C TYR C 130 11.76 23.94 -9.58
N ALA C 131 10.69 23.17 -9.72
CA ALA C 131 10.74 21.96 -10.54
C ALA C 131 10.90 22.30 -12.01
N LEU C 132 10.30 23.40 -12.45
CA LEU C 132 10.38 23.82 -13.84
C LEU C 132 11.62 24.63 -14.18
N LYS C 133 12.05 25.46 -13.25
CA LYS C 133 13.25 26.29 -13.46
C LYS C 133 13.98 26.38 -12.13
N PRO C 134 14.86 25.42 -11.84
CA PRO C 134 15.63 25.37 -10.59
C PRO C 134 16.40 26.64 -10.22
N ASP C 135 16.79 27.44 -11.22
CA ASP C 135 17.53 28.67 -10.96
C ASP C 135 16.58 29.85 -10.72
N ILE C 136 15.27 29.62 -10.83
CA ILE C 136 14.33 30.72 -10.63
C ILE C 136 14.40 31.32 -9.24
N LYS C 137 14.24 32.64 -9.19
CA LYS C 137 14.24 33.37 -7.94
C LYS C 137 12.77 33.60 -7.58
N VAL C 138 12.42 33.32 -6.33
CA VAL C 138 11.03 33.48 -5.92
C VAL C 138 10.88 34.50 -4.80
N ILE C 139 9.85 35.33 -4.92
CA ILE C 139 9.56 36.37 -3.93
C ILE C 139 8.14 36.24 -3.43
N ALA C 140 8.02 35.96 -2.14
CA ALA C 140 6.71 35.83 -1.50
C ALA C 140 6.54 36.96 -0.48
N PRO C 141 5.96 38.09 -0.92
CA PRO C 141 5.73 39.26 -0.06
C PRO C 141 5.12 38.99 1.31
N TRP C 142 4.18 38.06 1.41
CA TRP C 142 3.56 37.75 2.69
C TRP C 142 4.56 37.24 3.72
N ARG C 143 5.69 36.73 3.25
CA ARG C 143 6.73 36.24 4.13
C ARG C 143 7.85 37.26 4.25
N GLU C 144 7.82 38.30 3.44
CA GLU C 144 8.88 39.30 3.47
C GLU C 144 8.54 40.67 4.04
N TRP C 145 7.28 41.08 3.93
CA TRP C 145 6.89 42.40 4.41
C TRP C 145 6.57 42.53 5.90
N SER C 146 6.55 43.78 6.38
CA SER C 146 6.30 44.08 7.80
C SER C 146 4.85 44.24 8.20
N PHE C 147 3.96 44.36 7.21
CA PHE C 147 2.54 44.53 7.47
C PHE C 147 2.00 43.57 8.52
N GLN C 148 1.30 44.12 9.51
CA GLN C 148 0.66 43.34 10.56
C GLN C 148 -0.81 43.76 10.54
N GLY C 149 -1.72 42.82 10.33
CA GLY C 149 -3.14 43.15 10.29
C GLY C 149 -3.54 43.73 8.95
N ARG C 150 -4.84 43.83 8.69
CA ARG C 150 -5.27 44.39 7.42
C ARG C 150 -5.58 45.87 7.59
N LYS C 151 -5.80 46.28 8.84
CA LYS C 151 -6.07 47.70 9.13
C LYS C 151 -4.86 48.39 8.50
N GLU C 152 -3.68 47.88 8.81
CA GLU C 152 -2.42 48.40 8.28
C GLU C 152 -2.40 48.37 6.77
N MET C 153 -2.59 47.17 6.22
CA MET C 153 -2.57 46.97 4.79
C MET C 153 -3.52 47.92 4.08
N ILE C 154 -4.70 48.14 4.65
CA ILE C 154 -5.68 49.04 4.03
C ILE C 154 -5.05 50.43 3.94
N ALA C 155 -4.36 50.82 5.01
CA ALA C 155 -3.70 52.11 5.08
C ALA C 155 -2.76 52.27 3.90
N TYR C 156 -1.78 51.37 3.82
CA TYR C 156 -0.79 51.38 2.75
C TYR C 156 -1.47 51.55 1.39
N ALA C 157 -2.54 50.79 1.16
CA ALA C 157 -3.24 50.87 -0.13
C ALA C 157 -3.76 52.29 -0.31
N GLU C 158 -4.62 52.73 0.60
CA GLU C 158 -5.18 54.10 0.53
C GLU C 158 -4.02 55.03 0.25
N ALA C 159 -2.92 54.86 0.98
CA ALA C 159 -1.74 55.68 0.76
C ALA C 159 -1.48 55.79 -0.75
N HIS C 160 -0.75 54.83 -1.31
CA HIS C 160 -0.45 54.83 -2.76
C HIS C 160 -1.68 55.04 -3.65
N GLY C 161 -2.85 55.10 -3.05
CA GLY C 161 -4.04 55.26 -3.87
C GLY C 161 -4.23 53.93 -4.57
N ILE C 162 -5.14 53.12 -4.02
CA ILE C 162 -5.47 51.80 -4.53
C ILE C 162 -6.88 51.53 -3.99
N PRO C 163 -7.86 51.36 -4.88
CA PRO C 163 -9.23 51.11 -4.42
C PRO C 163 -9.25 50.22 -3.18
N VAL C 164 -10.21 50.46 -2.29
CA VAL C 164 -10.31 49.65 -1.08
C VAL C 164 -11.76 49.35 -0.76
N PRO C 165 -12.03 48.16 -0.16
CA PRO C 165 -13.39 47.71 0.20
C PRO C 165 -14.11 48.71 1.11
N PRO C 171 -15.78 38.04 5.99
CA PRO C 171 -16.56 37.01 6.72
C PRO C 171 -15.93 35.64 6.47
N TYR C 172 -15.21 35.53 5.36
CA TYR C 172 -14.53 34.30 4.99
C TYR C 172 -13.78 34.49 3.69
N SER C 173 -12.81 33.61 3.42
CA SER C 173 -12.00 33.68 2.21
C SER C 173 -12.57 32.77 1.12
N MET C 174 -12.34 33.15 -0.14
CA MET C 174 -12.85 32.40 -1.28
C MET C 174 -11.86 32.20 -2.41
N ASP C 175 -11.95 31.05 -3.07
CA ASP C 175 -11.12 30.74 -4.23
C ASP C 175 -12.04 30.03 -5.22
N ALA C 176 -12.15 30.58 -6.43
CA ALA C 176 -13.04 30.00 -7.42
C ALA C 176 -12.41 29.75 -8.78
N ASN C 177 -12.80 28.64 -9.40
CA ASN C 177 -12.34 28.29 -10.74
C ASN C 177 -13.35 27.32 -11.35
N LEU C 178 -13.08 26.85 -12.57
CA LEU C 178 -13.99 25.95 -13.25
C LEU C 178 -14.37 24.69 -12.48
N LEU C 179 -13.49 24.24 -11.58
CA LEU C 179 -13.77 23.01 -10.84
C LEU C 179 -14.54 23.21 -9.56
N HIS C 180 -14.31 24.30 -8.84
CA HIS C 180 -15.03 24.51 -7.59
C HIS C 180 -14.89 25.91 -7.01
N ILE C 181 -15.49 26.09 -5.83
CA ILE C 181 -15.36 27.32 -5.09
C ILE C 181 -15.06 26.87 -3.67
N SER C 182 -14.00 27.44 -3.12
CA SER C 182 -13.56 27.12 -1.76
C SER C 182 -13.86 28.24 -0.79
N TYR C 183 -14.32 27.87 0.40
CA TYR C 183 -14.63 28.84 1.45
C TYR C 183 -13.96 28.41 2.75
N GLU C 184 -13.22 29.31 3.37
CA GLU C 184 -12.58 29.02 4.65
C GLU C 184 -12.15 30.28 5.37
N GLY C 185 -11.97 30.17 6.68
CA GLY C 185 -11.58 31.31 7.48
C GLY C 185 -12.77 32.06 8.05
N GLY C 186 -12.49 33.15 8.76
CA GLY C 186 -13.54 33.95 9.36
C GLY C 186 -14.54 33.15 10.17
N VAL C 187 -15.81 33.31 9.84
CA VAL C 187 -16.88 32.61 10.53
C VAL C 187 -16.79 31.09 10.34
N LEU C 188 -16.00 30.66 9.38
CA LEU C 188 -15.85 29.23 9.10
C LEU C 188 -14.85 28.51 10.00
N GLU C 189 -14.02 29.25 10.70
CA GLU C 189 -12.98 28.66 11.55
C GLU C 189 -13.44 27.85 12.74
N ASP C 190 -14.67 28.06 13.20
CA ASP C 190 -15.18 27.28 14.32
C ASP C 190 -15.80 26.01 13.74
N PRO C 191 -15.15 24.85 13.95
CA PRO C 191 -15.61 23.54 13.46
C PRO C 191 -17.01 23.10 13.86
N TRP C 192 -17.56 23.72 14.90
CA TRP C 192 -18.89 23.34 15.36
C TRP C 192 -19.96 24.26 14.75
N ALA C 193 -19.51 25.32 14.08
CA ALA C 193 -20.43 26.28 13.46
C ALA C 193 -20.80 25.95 12.02
N GLU C 194 -22.09 25.76 11.77
CA GLU C 194 -22.60 25.46 10.45
C GLU C 194 -22.27 26.66 9.58
N PRO C 195 -21.97 26.44 8.28
CA PRO C 195 -21.66 27.59 7.42
C PRO C 195 -22.86 28.55 7.40
N PRO C 196 -22.63 29.83 7.07
CA PRO C 196 -23.73 30.79 7.02
C PRO C 196 -24.63 30.66 5.78
N LYS C 197 -25.93 30.80 6.01
CA LYS C 197 -26.92 30.74 4.94
C LYS C 197 -26.47 31.75 3.89
N GLY C 198 -26.58 31.42 2.61
CA GLY C 198 -26.19 32.35 1.56
C GLY C 198 -24.73 32.48 1.16
N MET C 199 -23.87 31.59 1.66
CA MET C 199 -22.45 31.65 1.31
C MET C 199 -22.16 31.07 -0.08
N PHE C 200 -22.70 29.88 -0.35
CA PHE C 200 -22.49 29.19 -1.62
C PHE C 200 -22.91 30.03 -2.81
N ARG C 201 -22.06 30.04 -3.83
CA ARG C 201 -22.32 30.82 -5.02
C ARG C 201 -22.56 29.99 -6.28
N MET C 202 -21.80 28.91 -6.42
CA MET C 202 -21.87 28.05 -7.59
C MET C 202 -23.04 27.07 -7.56
N THR C 203 -23.48 26.68 -6.38
CA THR C 203 -24.57 25.74 -6.33
C THR C 203 -25.83 26.36 -5.76
N GLN C 204 -26.97 25.88 -6.23
CA GLN C 204 -28.25 26.35 -5.76
C GLN C 204 -28.44 25.66 -4.42
N ASP C 205 -29.11 26.32 -3.49
CA ASP C 205 -29.35 25.72 -2.20
C ASP C 205 -30.24 24.50 -2.38
N PRO C 206 -29.82 23.34 -1.84
CA PRO C 206 -30.61 22.12 -1.97
C PRO C 206 -32.11 22.40 -1.80
N GLU C 207 -32.45 23.07 -0.70
CA GLU C 207 -33.83 23.39 -0.39
C GLU C 207 -34.52 24.22 -1.47
N GLU C 208 -33.75 24.97 -2.24
CA GLU C 208 -34.33 25.78 -3.30
C GLU C 208 -34.15 25.11 -4.65
N ALA C 209 -33.86 23.80 -4.63
CA ALA C 209 -33.65 23.04 -5.87
C ALA C 209 -34.95 22.48 -6.45
N PRO C 210 -34.97 22.25 -7.77
CA PRO C 210 -36.14 21.72 -8.48
C PRO C 210 -36.87 20.64 -7.69
N ASP C 211 -38.20 20.65 -7.75
CA ASP C 211 -39.00 19.67 -7.03
C ASP C 211 -39.00 18.34 -7.78
N ALA C 212 -38.64 18.39 -9.06
CA ALA C 212 -38.58 17.19 -9.87
C ALA C 212 -37.13 16.79 -10.13
N PRO C 213 -36.84 15.49 -10.07
CA PRO C 213 -35.46 15.03 -10.30
C PRO C 213 -35.13 15.22 -11.78
N GLU C 214 -33.84 15.32 -12.09
CA GLU C 214 -33.37 15.51 -13.46
C GLU C 214 -32.31 14.47 -13.80
N TYR C 215 -32.50 13.77 -14.90
CA TYR C 215 -31.53 12.76 -15.32
C TYR C 215 -30.51 13.37 -16.26
N VAL C 216 -29.28 12.89 -16.17
CA VAL C 216 -28.19 13.35 -17.02
C VAL C 216 -27.28 12.18 -17.36
N GLU C 217 -26.74 12.18 -18.57
CA GLU C 217 -25.84 11.11 -18.98
C GLU C 217 -24.49 11.71 -19.37
N VAL C 218 -23.42 10.99 -19.04
CA VAL C 218 -22.08 11.45 -19.36
C VAL C 218 -21.34 10.30 -20.06
N GLU C 219 -20.74 10.60 -21.20
CA GLU C 219 -20.00 9.60 -21.97
C GLU C 219 -18.51 9.77 -21.72
N PHE C 220 -17.84 8.66 -21.41
CA PHE C 220 -16.40 8.67 -21.20
C PHE C 220 -15.73 7.93 -22.35
N PHE C 221 -14.58 8.42 -22.76
CA PHE C 221 -13.85 7.74 -23.82
C PHE C 221 -12.41 7.63 -23.38
N GLU C 222 -11.98 6.40 -23.09
CA GLU C 222 -10.62 6.14 -22.65
C GLU C 222 -10.19 7.01 -21.47
N GLY C 223 -11.01 7.03 -20.42
CA GLY C 223 -10.67 7.80 -19.23
C GLY C 223 -11.21 9.21 -19.07
N ASP C 224 -11.52 9.90 -20.17
CA ASP C 224 -12.02 11.27 -20.10
C ASP C 224 -13.45 11.49 -20.55
N PRO C 225 -14.14 12.48 -19.95
CA PRO C 225 -15.53 12.82 -20.28
C PRO C 225 -15.52 13.51 -21.64
N VAL C 226 -16.31 13.04 -22.58
CA VAL C 226 -16.32 13.66 -23.88
C VAL C 226 -17.66 14.19 -24.33
N ALA C 227 -18.71 13.90 -23.58
CA ALA C 227 -20.03 14.37 -23.96
C ALA C 227 -21.04 14.31 -22.82
N VAL C 228 -22.05 15.17 -22.90
CA VAL C 228 -23.10 15.23 -21.88
C VAL C 228 -24.44 15.19 -22.60
N ASN C 229 -25.29 14.26 -22.18
CA ASN C 229 -26.60 14.11 -22.77
C ASN C 229 -26.50 14.00 -24.28
N GLY C 230 -25.49 13.28 -24.75
CA GLY C 230 -25.32 13.09 -26.18
C GLY C 230 -24.63 14.20 -26.94
N GLU C 231 -24.26 15.28 -26.27
CA GLU C 231 -23.59 16.37 -26.95
C GLU C 231 -22.10 16.40 -26.65
N ARG C 232 -21.28 16.28 -27.70
CA ARG C 232 -19.84 16.31 -27.55
C ARG C 232 -19.45 17.71 -27.06
N LEU C 233 -18.59 17.78 -26.05
CA LEU C 233 -18.15 19.06 -25.50
C LEU C 233 -16.68 19.03 -25.12
N SER C 234 -15.97 20.12 -25.45
CA SER C 234 -14.56 20.24 -25.12
C SER C 234 -14.42 20.13 -23.60
N PRO C 235 -13.23 19.73 -23.12
CA PRO C 235 -13.03 19.60 -21.67
C PRO C 235 -13.62 20.74 -20.83
N ALA C 236 -13.27 21.99 -21.16
CA ALA C 236 -13.77 23.15 -20.41
C ALA C 236 -15.29 23.34 -20.53
N ALA C 237 -15.81 23.26 -21.76
CA ALA C 237 -17.24 23.42 -21.99
C ALA C 237 -18.01 22.34 -21.24
N LEU C 238 -17.43 21.14 -21.18
CA LEU C 238 -18.08 20.02 -20.51
C LEU C 238 -18.20 20.23 -18.99
N LEU C 239 -17.12 20.67 -18.37
CA LEU C 239 -17.12 20.92 -16.93
C LEU C 239 -18.12 22.02 -16.65
N GLN C 240 -18.12 23.02 -17.52
CA GLN C 240 -19.03 24.16 -17.41
C GLN C 240 -20.46 23.63 -17.51
N ARG C 241 -20.73 22.83 -18.53
CA ARG C 241 -22.08 22.29 -18.69
C ARG C 241 -22.51 21.55 -17.44
N LEU C 242 -21.65 20.69 -16.92
CA LEU C 242 -22.00 19.94 -15.72
C LEU C 242 -22.11 20.79 -14.46
N ASN C 243 -21.41 21.93 -14.42
CA ASN C 243 -21.51 22.82 -13.26
C ASN C 243 -22.93 23.40 -13.31
N GLU C 244 -23.36 23.81 -14.50
CA GLU C 244 -24.69 24.37 -14.69
C GLU C 244 -25.76 23.35 -14.27
N ILE C 245 -25.73 22.17 -14.89
CA ILE C 245 -26.71 21.14 -14.57
C ILE C 245 -26.70 20.74 -13.10
N GLY C 246 -25.51 20.48 -12.56
CA GLY C 246 -25.42 20.08 -11.17
C GLY C 246 -25.63 21.23 -10.20
N GLY C 247 -25.10 22.40 -10.53
CA GLY C 247 -25.29 23.55 -9.65
C GLY C 247 -26.76 23.84 -9.33
N ARG C 248 -27.62 23.84 -10.34
CA ARG C 248 -29.05 24.11 -10.17
C ARG C 248 -29.69 23.16 -9.17
N HIS C 249 -29.13 21.98 -9.00
CA HIS C 249 -29.67 21.00 -8.07
C HIS C 249 -28.99 20.97 -6.71
N GLY C 250 -28.00 21.85 -6.51
CA GLY C 250 -27.30 21.90 -5.23
C GLY C 250 -26.32 20.77 -4.95
N VAL C 251 -25.83 20.15 -6.03
CA VAL C 251 -24.90 19.03 -5.94
C VAL C 251 -23.44 19.41 -5.64
N GLY C 252 -22.74 18.50 -4.95
CA GLY C 252 -21.33 18.69 -4.66
C GLY C 252 -20.87 19.58 -3.51
N ARG C 253 -21.57 19.55 -2.38
CA ARG C 253 -21.18 20.36 -1.25
C ARG C 253 -20.49 19.51 -0.19
N VAL C 254 -19.28 19.95 0.16
CA VAL C 254 -18.45 19.27 1.14
C VAL C 254 -18.05 20.23 2.26
N ASP C 255 -18.11 19.73 3.50
CA ASP C 255 -17.75 20.51 4.68
C ASP C 255 -16.78 19.68 5.54
N ILE C 256 -15.48 19.99 5.49
CA ILE C 256 -14.52 19.21 6.26
C ILE C 256 -13.44 20.00 6.99
N VAL C 257 -12.79 19.33 7.93
CA VAL C 257 -11.67 19.88 8.66
C VAL C 257 -10.55 19.01 8.09
N GLU C 258 -9.69 19.62 7.28
CA GLU C 258 -8.61 18.92 6.60
C GLU C 258 -7.23 19.17 7.23
N ASN C 259 -6.30 18.27 6.93
CA ASN C 259 -4.93 18.40 7.43
C ASN C 259 -4.12 19.14 6.38
N ARG C 260 -3.53 20.27 6.78
CA ARG C 260 -2.70 21.06 5.88
C ARG C 260 -1.30 20.46 5.78
N PHE C 261 -0.62 20.73 4.67
CA PHE C 261 0.73 20.23 4.45
C PHE C 261 1.67 21.05 5.30
N VAL C 262 1.45 22.36 5.32
CA VAL C 262 2.30 23.24 6.10
C VAL C 262 1.87 23.25 7.57
N GLY C 263 1.96 22.08 8.20
CA GLY C 263 1.66 21.99 9.62
C GLY C 263 0.38 21.58 10.33
N MET C 264 -0.75 22.28 10.15
CA MET C 264 -1.93 21.88 10.93
C MET C 264 -3.30 21.68 10.27
N LYS C 265 -4.36 21.76 11.09
CA LYS C 265 -5.71 21.56 10.59
C LYS C 265 -6.43 22.83 10.16
N SER C 266 -7.37 22.67 9.23
CA SER C 266 -8.12 23.79 8.69
C SER C 266 -9.55 23.37 8.33
N ARG C 267 -10.52 24.25 8.58
CA ARG C 267 -11.92 23.98 8.27
C ARG C 267 -12.24 24.55 6.89
N GLY C 268 -12.62 23.68 5.97
CA GLY C 268 -12.94 24.12 4.62
C GLY C 268 -14.30 23.66 4.11
N VAL C 269 -14.92 24.48 3.27
CA VAL C 269 -16.21 24.19 2.70
C VAL C 269 -16.03 24.28 1.20
N TYR C 270 -16.47 23.24 0.49
CA TYR C 270 -16.30 23.21 -0.96
C TYR C 270 -17.53 22.80 -1.74
N GLU C 271 -17.72 23.44 -2.90
CA GLU C 271 -18.82 23.10 -3.75
C GLU C 271 -18.19 22.76 -5.11
N THR C 272 -18.39 21.52 -5.53
CA THR C 272 -17.84 21.02 -6.78
C THR C 272 -18.95 20.28 -7.52
N PRO C 273 -19.96 21.02 -8.03
CA PRO C 273 -21.07 20.39 -8.74
C PRO C 273 -20.70 19.49 -9.93
N GLY C 274 -20.01 20.05 -10.92
CA GLY C 274 -19.62 19.26 -12.07
C GLY C 274 -18.68 18.11 -11.70
N GLY C 275 -17.68 18.42 -10.89
CA GLY C 275 -16.71 17.42 -10.47
C GLY C 275 -17.35 16.29 -9.71
N THR C 276 -18.33 16.59 -8.86
CA THR C 276 -18.99 15.55 -8.09
C THR C 276 -19.74 14.61 -9.02
N ILE C 277 -20.38 15.17 -10.04
CA ILE C 277 -21.10 14.35 -11.02
C ILE C 277 -20.09 13.47 -11.76
N LEU C 278 -19.01 14.08 -12.22
CA LEU C 278 -17.96 13.37 -12.93
C LEU C 278 -17.35 12.22 -12.12
N TYR C 279 -17.19 12.45 -10.82
CA TYR C 279 -16.63 11.43 -9.94
C TYR C 279 -17.48 10.16 -9.91
N HIS C 280 -18.79 10.33 -9.77
CA HIS C 280 -19.71 9.21 -9.72
C HIS C 280 -19.98 8.59 -11.09
N ALA C 281 -19.93 9.41 -12.13
CA ALA C 281 -20.15 8.91 -13.48
C ALA C 281 -18.99 8.01 -13.87
N ARG C 282 -17.78 8.49 -13.62
CA ARG C 282 -16.57 7.73 -13.91
C ARG C 282 -16.58 6.36 -13.25
N ARG C 283 -16.89 6.32 -11.95
CA ARG C 283 -16.91 5.05 -11.25
C ARG C 283 -18.00 4.11 -11.77
N ALA C 284 -19.08 4.68 -12.28
CA ALA C 284 -20.19 3.91 -12.82
C ALA C 284 -19.73 3.22 -14.11
N VAL C 285 -18.97 3.94 -14.92
CA VAL C 285 -18.45 3.39 -16.16
C VAL C 285 -17.34 2.38 -15.82
N GLU C 286 -16.56 2.67 -14.77
CA GLU C 286 -15.50 1.78 -14.33
C GLU C 286 -16.06 0.46 -13.80
N SER C 287 -17.27 0.48 -13.27
CA SER C 287 -17.86 -0.73 -12.70
C SER C 287 -18.12 -1.79 -13.76
N LEU C 288 -18.10 -1.39 -15.03
CA LEU C 288 -18.33 -2.32 -16.11
C LEU C 288 -17.07 -2.57 -16.93
N THR C 289 -16.16 -1.59 -16.94
CA THR C 289 -14.97 -1.72 -17.76
C THR C 289 -13.66 -2.09 -17.10
N LEU C 290 -13.58 -2.00 -15.78
CA LEU C 290 -12.32 -2.33 -15.11
C LEU C 290 -12.35 -3.69 -14.45
N ASP C 291 -11.21 -4.36 -14.47
CA ASP C 291 -11.09 -5.66 -13.86
C ASP C 291 -11.08 -5.51 -12.34
N ARG C 292 -11.65 -6.48 -11.65
CA ARG C 292 -11.72 -6.46 -10.20
C ARG C 292 -10.39 -6.15 -9.51
N GLU C 293 -9.38 -6.98 -9.79
CA GLU C 293 -8.09 -6.79 -9.16
C GLU C 293 -7.39 -5.50 -9.56
N VAL C 294 -7.65 -5.00 -10.76
CA VAL C 294 -7.06 -3.75 -11.21
C VAL C 294 -7.69 -2.61 -10.40
N LEU C 295 -9.01 -2.68 -10.22
CA LEU C 295 -9.74 -1.67 -9.47
C LEU C 295 -9.31 -1.58 -8.00
N HIS C 296 -9.24 -2.73 -7.33
CA HIS C 296 -8.87 -2.74 -5.92
C HIS C 296 -7.47 -2.14 -5.70
N GLN C 297 -6.58 -2.33 -6.66
CA GLN C 297 -5.22 -1.80 -6.56
C GLN C 297 -5.20 -0.30 -6.82
N ARG C 298 -5.93 0.13 -7.84
CA ARG C 298 -6.00 1.53 -8.20
C ARG C 298 -6.53 2.36 -7.03
N ASP C 299 -7.59 1.89 -6.39
CA ASP C 299 -8.19 2.60 -5.26
C ASP C 299 -7.26 2.71 -4.07
N MET C 300 -6.37 1.76 -3.88
CA MET C 300 -5.47 1.85 -2.75
C MET C 300 -4.34 2.84 -3.01
N LEU C 301 -4.17 3.22 -4.26
CA LEU C 301 -3.14 4.18 -4.64
C LEU C 301 -3.69 5.60 -4.79
N SER C 302 -4.97 5.71 -5.11
CA SER C 302 -5.61 7.01 -5.28
C SER C 302 -5.31 8.00 -4.15
N PRO C 303 -5.47 7.59 -2.88
CA PRO C 303 -5.20 8.48 -1.75
C PRO C 303 -3.79 9.07 -1.77
N LYS C 304 -2.81 8.27 -2.16
CA LYS C 304 -1.43 8.74 -2.23
C LYS C 304 -1.29 9.81 -3.31
N TYR C 305 -1.92 9.55 -4.45
CA TYR C 305 -1.91 10.50 -5.55
C TYR C 305 -2.59 11.78 -5.05
N ALA C 306 -3.67 11.61 -4.28
CA ALA C 306 -4.41 12.76 -3.76
C ALA C 306 -3.55 13.68 -2.89
N GLU C 307 -2.80 13.12 -1.95
CA GLU C 307 -1.98 13.97 -1.10
C GLU C 307 -0.83 14.59 -1.89
N LEU C 308 -0.39 13.93 -2.94
CA LEU C 308 0.68 14.48 -3.76
C LEU C 308 0.16 15.78 -4.40
N VAL C 309 -1.06 15.72 -4.93
CA VAL C 309 -1.67 16.88 -5.55
C VAL C 309 -1.87 17.97 -4.50
N TYR C 310 -2.41 17.57 -3.34
CA TYR C 310 -2.67 18.48 -2.24
C TYR C 310 -1.41 19.19 -1.75
N TYR C 311 -0.33 18.43 -1.59
CA TYR C 311 0.92 19.00 -1.11
C TYR C 311 1.64 19.90 -2.10
N GLY C 312 1.31 19.76 -3.39
CA GLY C 312 1.96 20.59 -4.39
C GLY C 312 2.94 19.87 -5.30
N PHE C 313 3.02 18.54 -5.18
CA PHE C 313 3.94 17.77 -5.99
C PHE C 313 3.29 17.31 -7.30
N TRP C 314 3.04 18.26 -8.19
CA TRP C 314 2.42 17.95 -9.47
C TRP C 314 3.50 17.62 -10.48
N TYR C 315 4.43 18.55 -10.68
CA TYR C 315 5.55 18.32 -11.58
C TYR C 315 6.64 17.67 -10.75
N ALA C 316 6.35 16.45 -10.30
CA ALA C 316 7.28 15.68 -9.49
C ALA C 316 7.32 14.26 -10.07
N PRO C 317 8.48 13.59 -9.95
CA PRO C 317 8.59 12.24 -10.49
C PRO C 317 7.63 11.18 -9.92
N GLU C 318 7.36 11.22 -8.62
CA GLU C 318 6.44 10.27 -7.98
C GLU C 318 5.03 10.38 -8.53
N ARG C 319 4.60 11.60 -8.82
CA ARG C 319 3.24 11.80 -9.33
C ARG C 319 3.16 11.38 -10.78
N GLU C 320 4.18 11.70 -11.56
CA GLU C 320 4.17 11.32 -12.96
C GLU C 320 4.26 9.80 -13.10
N ALA C 321 4.92 9.14 -12.14
CA ALA C 321 5.05 7.69 -12.17
C ALA C 321 3.68 7.08 -11.92
N LEU C 322 3.02 7.53 -10.85
CA LEU C 322 1.68 7.03 -10.55
C LEU C 322 0.74 7.34 -11.73
N GLN C 323 0.95 8.50 -12.36
CA GLN C 323 0.10 8.89 -13.50
C GLN C 323 0.15 7.84 -14.60
N ALA C 324 1.32 7.22 -14.78
CA ALA C 324 1.48 6.19 -15.79
C ALA C 324 0.58 4.99 -15.45
N TYR C 325 0.48 4.67 -14.17
CA TYR C 325 -0.37 3.56 -13.74
C TYR C 325 -1.84 3.92 -13.98
N PHE C 326 -2.24 5.10 -13.53
CA PHE C 326 -3.62 5.55 -13.68
C PHE C 326 -4.05 5.73 -15.14
N ASP C 327 -3.21 6.32 -15.96
CA ASP C 327 -3.53 6.51 -17.38
C ASP C 327 -3.73 5.15 -18.07
N HIS C 328 -2.90 4.17 -17.69
CA HIS C 328 -2.98 2.83 -18.24
C HIS C 328 -4.35 2.23 -17.93
N VAL C 329 -4.74 2.30 -16.66
CA VAL C 329 -6.02 1.77 -16.22
C VAL C 329 -7.20 2.54 -16.83
N ALA C 330 -7.08 3.86 -16.88
CA ALA C 330 -8.15 4.72 -17.39
C ALA C 330 -8.46 4.51 -18.87
N ARG C 331 -7.46 4.12 -19.64
CA ARG C 331 -7.65 3.93 -21.07
C ARG C 331 -8.84 2.99 -21.39
N SER C 332 -9.19 2.12 -20.46
CA SER C 332 -10.30 1.18 -20.66
C SER C 332 -11.66 1.75 -20.28
N VAL C 333 -11.67 2.90 -19.60
CA VAL C 333 -12.94 3.50 -19.19
C VAL C 333 -13.69 4.19 -20.32
N THR C 334 -14.49 3.41 -21.03
CA THR C 334 -15.28 3.90 -22.16
C THR C 334 -16.72 3.42 -22.01
N GLY C 335 -17.66 4.36 -21.98
CA GLY C 335 -19.06 4.01 -21.83
C GLY C 335 -19.88 5.21 -21.40
N VAL C 336 -21.08 4.96 -20.90
CA VAL C 336 -21.96 6.04 -20.49
C VAL C 336 -22.57 5.80 -19.14
N ALA C 337 -22.61 6.84 -18.33
CA ALA C 337 -23.21 6.77 -17.01
C ALA C 337 -24.51 7.57 -17.05
N ARG C 338 -25.55 7.05 -16.39
CA ARG C 338 -26.83 7.76 -16.31
C ARG C 338 -27.03 8.05 -14.84
N LEU C 339 -27.11 9.34 -14.50
CA LEU C 339 -27.30 9.73 -13.12
C LEU C 339 -28.58 10.52 -12.87
N LYS C 340 -29.08 10.44 -11.64
CA LYS C 340 -30.29 11.14 -11.25
C LYS C 340 -29.94 12.20 -10.21
N LEU C 341 -30.24 13.45 -10.53
CA LEU C 341 -29.93 14.57 -9.63
C LEU C 341 -31.18 14.99 -8.89
N TYR C 342 -31.10 15.09 -7.57
CA TYR C 342 -32.24 15.51 -6.80
C TYR C 342 -31.85 16.16 -5.49
N LYS C 343 -32.14 17.46 -5.39
CA LYS C 343 -31.88 18.24 -4.19
C LYS C 343 -30.59 17.93 -3.45
N GLY C 344 -29.47 18.31 -4.06
CA GLY C 344 -28.17 18.08 -3.44
C GLY C 344 -27.52 16.72 -3.65
N ASN C 345 -28.31 15.73 -4.02
CA ASN C 345 -27.75 14.40 -4.21
C ASN C 345 -27.52 13.98 -5.66
N VAL C 346 -26.58 13.06 -5.84
CA VAL C 346 -26.28 12.52 -7.16
C VAL C 346 -26.44 11.02 -7.02
N TYR C 347 -27.37 10.43 -7.77
CA TYR C 347 -27.59 8.99 -7.72
C TYR C 347 -27.30 8.36 -9.07
N VAL C 348 -26.49 7.31 -9.06
CA VAL C 348 -26.20 6.58 -10.27
C VAL C 348 -27.43 5.69 -10.46
N VAL C 349 -28.02 5.69 -11.64
CA VAL C 349 -29.20 4.84 -11.89
C VAL C 349 -29.00 3.89 -13.08
N GLY C 350 -27.92 4.11 -13.82
CA GLY C 350 -27.65 3.26 -14.96
C GLY C 350 -26.25 3.47 -15.53
N ARG C 351 -25.76 2.47 -16.25
CA ARG C 351 -24.45 2.56 -16.86
C ARG C 351 -24.35 1.52 -17.95
N LYS C 352 -23.61 1.84 -19.00
CA LYS C 352 -23.43 0.91 -20.12
C LYS C 352 -22.05 1.09 -20.74
N ALA C 353 -21.56 0.04 -21.38
CA ALA C 353 -20.23 0.13 -21.98
C ALA C 353 -20.12 -0.79 -23.18
N PRO C 354 -19.52 -0.30 -24.27
CA PRO C 354 -19.35 -1.11 -25.49
C PRO C 354 -18.52 -2.35 -25.19
N LYS C 355 -17.55 -2.23 -24.29
CA LYS C 355 -16.70 -3.36 -23.92
C LYS C 355 -16.91 -3.75 -22.46
N SER C 356 -18.17 -3.82 -22.05
CA SER C 356 -18.54 -4.17 -20.69
C SER C 356 -18.12 -5.60 -20.33
N LEU C 357 -17.64 -5.80 -19.11
CA LEU C 357 -17.20 -7.11 -18.66
C LEU C 357 -18.34 -7.79 -17.90
N TYR C 358 -19.50 -7.14 -17.93
CA TYR C 358 -20.66 -7.66 -17.22
C TYR C 358 -21.47 -8.59 -18.13
N ARG C 359 -21.75 -9.79 -17.62
CA ARG C 359 -22.54 -10.77 -18.36
C ARG C 359 -23.73 -11.14 -17.49
N GLY C 370 -19.10 -20.82 -18.74
CA GLY C 370 -17.87 -21.28 -18.02
C GLY C 370 -18.04 -21.28 -16.51
N TYR C 371 -19.29 -21.32 -16.05
CA TYR C 371 -19.54 -21.31 -14.61
C TYR C 371 -20.32 -22.49 -14.05
N ASP C 372 -19.60 -23.46 -13.49
CA ASP C 372 -20.23 -24.62 -12.89
C ASP C 372 -20.14 -24.51 -11.37
N GLN C 373 -21.29 -24.46 -10.71
CA GLN C 373 -21.35 -24.30 -9.25
C GLN C 373 -20.46 -25.23 -8.42
N LYS C 374 -20.27 -26.47 -8.85
CA LYS C 374 -19.42 -27.34 -8.05
C LYS C 374 -17.97 -26.82 -7.98
N ASP C 375 -17.59 -26.01 -8.96
CA ASP C 375 -16.24 -25.44 -8.97
C ASP C 375 -16.05 -24.59 -7.70
N ALA C 376 -17.13 -23.94 -7.29
CA ALA C 376 -17.11 -23.09 -6.11
C ALA C 376 -16.59 -23.82 -4.89
N GLU C 377 -17.06 -25.04 -4.68
CA GLU C 377 -16.63 -25.82 -3.52
C GLU C 377 -15.12 -26.03 -3.50
N GLY C 378 -14.54 -26.30 -4.66
CA GLY C 378 -13.10 -26.51 -4.75
C GLY C 378 -12.36 -25.23 -4.43
N PHE C 379 -12.91 -24.12 -4.93
CA PHE C 379 -12.37 -22.79 -4.71
C PHE C 379 -12.31 -22.55 -3.21
N ILE C 380 -13.44 -22.78 -2.55
CA ILE C 380 -13.59 -22.60 -1.11
C ILE C 380 -12.64 -23.47 -0.27
N LYS C 381 -12.52 -24.73 -0.62
CA LYS C 381 -11.66 -25.65 0.12
C LYS C 381 -10.19 -25.23 0.11
N ILE C 382 -9.69 -24.80 -1.05
CA ILE C 382 -8.31 -24.36 -1.21
C ILE C 382 -8.08 -23.06 -0.43
N GLN C 383 -9.04 -22.14 -0.52
CA GLN C 383 -8.95 -20.87 0.19
C GLN C 383 -8.96 -21.13 1.69
N ALA C 384 -9.71 -22.15 2.10
CA ALA C 384 -9.85 -22.48 3.51
C ALA C 384 -8.68 -23.21 4.15
N LEU C 385 -7.87 -23.87 3.32
CA LEU C 385 -6.76 -24.66 3.83
C LEU C 385 -5.91 -24.02 4.91
N ARG C 386 -5.28 -22.88 4.61
CA ARG C 386 -4.43 -22.24 5.60
C ARG C 386 -5.18 -21.95 6.90
N LEU C 387 -6.47 -21.64 6.80
CA LEU C 387 -7.28 -21.36 7.99
C LEU C 387 -7.48 -22.63 8.83
N ARG C 388 -7.75 -23.74 8.16
CA ARG C 388 -7.96 -25.01 8.86
C ARG C 388 -6.68 -25.44 9.57
N VAL C 389 -5.55 -25.35 8.88
CA VAL C 389 -4.26 -25.73 9.46
C VAL C 389 -4.02 -24.91 10.72
N ARG C 390 -4.30 -23.62 10.64
CA ARG C 390 -4.11 -22.71 11.76
C ARG C 390 -4.91 -23.13 12.99
N ALA C 391 -6.19 -23.45 12.77
CA ALA C 391 -7.04 -23.87 13.87
C ALA C 391 -6.55 -25.18 14.45
N LEU C 392 -6.23 -26.13 13.57
CA LEU C 392 -5.74 -27.42 14.04
C LEU C 392 -4.50 -27.26 14.89
N VAL C 393 -3.57 -26.41 14.46
CA VAL C 393 -2.35 -26.20 15.24
C VAL C 393 -2.71 -25.60 16.60
N GLU C 394 -3.74 -24.77 16.63
CA GLU C 394 -4.15 -24.20 17.91
C GLU C 394 -4.67 -25.38 18.73
N ARG C 395 -4.71 -26.53 18.07
CA ARG C 395 -5.19 -27.78 18.66
C ARG C 395 -6.56 -27.50 19.20
N MET D 1 -27.08 -39.26 12.15
CA MET D 1 -26.39 -38.04 11.66
C MET D 1 -27.22 -36.80 11.96
N LYS D 2 -26.58 -35.73 12.39
CA LYS D 2 -27.30 -34.50 12.67
C LYS D 2 -26.75 -33.40 11.82
N ILE D 3 -27.63 -32.53 11.34
CA ILE D 3 -27.20 -31.41 10.53
C ILE D 3 -27.82 -30.13 11.07
N VAL D 4 -27.00 -29.12 11.37
CA VAL D 4 -27.51 -27.84 11.86
C VAL D 4 -27.71 -26.96 10.63
N LEU D 5 -28.95 -26.59 10.37
CA LEU D 5 -29.25 -25.78 9.21
C LEU D 5 -29.50 -24.32 9.56
N ALA D 6 -28.88 -23.42 8.81
CA ALA D 6 -29.12 -22.01 9.03
C ALA D 6 -30.46 -21.82 8.32
N TYR D 7 -31.52 -21.79 9.12
CA TYR D 7 -32.88 -21.67 8.63
C TYR D 7 -33.41 -20.25 8.79
N SER D 8 -33.82 -19.63 7.69
CA SER D 8 -34.34 -18.26 7.75
C SER D 8 -35.86 -18.27 7.84
N GLY D 9 -36.48 -19.35 7.38
CA GLY D 9 -37.92 -19.47 7.46
C GLY D 9 -38.66 -19.34 6.15
N GLY D 10 -37.93 -19.03 5.08
CA GLY D 10 -38.58 -18.87 3.78
C GLY D 10 -38.81 -20.17 3.03
N LEU D 11 -39.27 -20.04 1.79
CA LEU D 11 -39.56 -21.19 0.94
C LEU D 11 -38.32 -22.05 0.68
N ASP D 12 -37.24 -21.41 0.27
CA ASP D 12 -36.01 -22.14 -0.01
C ASP D 12 -35.41 -22.91 1.16
N THR D 13 -35.21 -22.27 2.30
CA THR D 13 -34.63 -22.99 3.42
C THR D 13 -35.60 -24.04 3.95
N SER D 14 -36.87 -23.91 3.58
CA SER D 14 -37.87 -24.89 4.00
C SER D 14 -37.71 -26.11 3.09
N ILE D 15 -37.64 -25.84 1.78
CA ILE D 15 -37.43 -26.90 0.80
C ILE D 15 -36.12 -27.61 1.18
N ILE D 16 -35.12 -26.82 1.53
CA ILE D 16 -33.81 -27.35 1.92
C ILE D 16 -33.90 -28.22 3.16
N LEU D 17 -34.78 -27.84 4.09
CA LEU D 17 -34.91 -28.60 5.33
C LEU D 17 -35.42 -30.01 4.98
N LYS D 18 -36.42 -30.08 4.10
CA LYS D 18 -36.98 -31.35 3.65
C LYS D 18 -35.91 -32.13 2.88
N TRP D 19 -35.27 -31.43 1.94
CA TRP D 19 -34.24 -32.03 1.10
C TRP D 19 -33.16 -32.71 1.94
N LEU D 20 -32.71 -32.07 3.00
CA LEU D 20 -31.67 -32.62 3.86
C LEU D 20 -32.11 -33.90 4.53
N LYS D 21 -33.37 -33.98 4.89
CA LYS D 21 -33.88 -35.16 5.56
C LYS D 21 -33.92 -36.32 4.56
N GLU D 22 -34.52 -36.09 3.39
CA GLU D 22 -34.60 -37.13 2.38
C GLU D 22 -33.24 -37.58 1.86
N THR D 23 -32.38 -36.61 1.56
CA THR D 23 -31.05 -36.90 1.04
C THR D 23 -30.06 -37.55 1.99
N TYR D 24 -30.02 -37.08 3.23
CA TYR D 24 -29.07 -37.61 4.20
C TYR D 24 -29.69 -38.47 5.27
N ARG D 25 -31.01 -38.41 5.39
CA ARG D 25 -31.71 -39.18 6.41
C ARG D 25 -31.10 -38.89 7.77
N ALA D 26 -30.86 -37.60 8.04
CA ALA D 26 -30.28 -37.21 9.32
C ALA D 26 -31.27 -36.29 10.04
N GLU D 27 -31.02 -36.03 11.32
CA GLU D 27 -31.88 -35.10 12.09
C GLU D 27 -31.44 -33.72 11.64
N VAL D 28 -32.38 -32.79 11.48
CA VAL D 28 -32.02 -31.45 11.07
C VAL D 28 -32.35 -30.40 12.13
N ILE D 29 -31.34 -29.90 12.82
CA ILE D 29 -31.53 -28.88 13.84
C ILE D 29 -31.60 -27.54 13.13
N ALA D 30 -32.75 -26.88 13.18
CA ALA D 30 -32.92 -25.59 12.53
C ALA D 30 -32.45 -24.45 13.44
N PHE D 31 -31.77 -23.46 12.87
CA PHE D 31 -31.29 -22.32 13.64
C PHE D 31 -31.65 -21.05 12.89
N THR D 32 -32.42 -20.20 13.56
CA THR D 32 -32.84 -18.94 12.98
C THR D 32 -32.31 -17.84 13.89
N ALA D 33 -31.65 -16.85 13.30
CA ALA D 33 -31.09 -15.77 14.09
C ALA D 33 -31.77 -14.45 13.80
N ASP D 34 -32.04 -13.69 14.86
CA ASP D 34 -32.64 -12.38 14.72
C ASP D 34 -31.50 -11.40 14.67
N ILE D 35 -31.30 -10.78 13.51
CA ILE D 35 -30.26 -9.78 13.32
C ILE D 35 -30.93 -8.56 12.72
N GLY D 36 -32.24 -8.47 12.95
CA GLY D 36 -33.02 -7.34 12.48
C GLY D 36 -33.61 -7.38 11.09
N GLN D 37 -33.98 -8.57 10.61
CA GLN D 37 -34.57 -8.68 9.26
C GLN D 37 -36.02 -8.23 9.25
N GLY D 38 -36.61 -8.07 10.42
CA GLY D 38 -38.01 -7.65 10.48
C GLY D 38 -39.00 -8.80 10.38
N GLU D 39 -38.57 -9.98 10.80
CA GLU D 39 -39.42 -11.18 10.79
C GLU D 39 -39.53 -11.58 12.23
N GLU D 40 -40.56 -12.36 12.56
CA GLU D 40 -40.66 -12.83 13.92
C GLU D 40 -39.99 -14.19 13.85
N VAL D 41 -38.80 -14.29 14.43
CA VAL D 41 -38.04 -15.53 14.39
C VAL D 41 -38.71 -16.71 15.08
N GLU D 42 -39.50 -16.44 16.11
CA GLU D 42 -40.16 -17.54 16.79
C GLU D 42 -41.11 -18.22 15.83
N GLU D 43 -41.57 -17.48 14.82
CA GLU D 43 -42.46 -18.08 13.84
C GLU D 43 -41.65 -19.04 12.99
N ALA D 44 -40.53 -18.54 12.46
CA ALA D 44 -39.66 -19.39 11.64
C ALA D 44 -39.32 -20.65 12.44
N ARG D 45 -39.09 -20.47 13.74
CA ARG D 45 -38.74 -21.60 14.61
C ARG D 45 -39.84 -22.66 14.62
N GLU D 46 -41.09 -22.22 14.78
CA GLU D 46 -42.22 -23.15 14.83
C GLU D 46 -42.46 -23.75 13.46
N LYS D 47 -42.28 -22.94 12.42
CA LYS D 47 -42.44 -23.44 11.07
C LYS D 47 -41.37 -24.50 10.78
N ALA D 48 -40.21 -24.33 11.39
CA ALA D 48 -39.11 -25.28 11.20
C ALA D 48 -39.48 -26.66 11.74
N LEU D 49 -40.14 -26.68 12.90
CA LEU D 49 -40.56 -27.92 13.53
C LEU D 49 -41.65 -28.57 12.69
N ARG D 50 -42.58 -27.72 12.24
CA ARG D 50 -43.68 -28.17 11.42
C ARG D 50 -43.08 -28.78 10.15
N THR D 51 -42.14 -28.08 9.57
CA THR D 51 -41.51 -28.52 8.34
C THR D 51 -40.72 -29.81 8.55
N GLY D 52 -40.46 -30.18 9.80
CA GLY D 52 -39.74 -31.41 10.03
C GLY D 52 -38.49 -31.39 10.88
N ALA D 53 -38.06 -30.21 11.31
CA ALA D 53 -36.85 -30.11 12.13
C ALA D 53 -37.03 -30.87 13.44
N SER D 54 -35.97 -31.56 13.88
CA SER D 54 -36.06 -32.32 15.12
C SER D 54 -35.86 -31.40 16.31
N LYS D 55 -35.33 -30.21 16.03
CA LYS D 55 -35.08 -29.19 17.05
C LYS D 55 -34.84 -27.85 16.37
N ALA D 56 -35.57 -26.83 16.81
CA ALA D 56 -35.42 -25.49 16.25
C ALA D 56 -34.96 -24.56 17.36
N ILE D 57 -34.02 -23.70 17.01
CA ILE D 57 -33.46 -22.74 17.96
C ILE D 57 -33.60 -21.36 17.35
N ALA D 58 -33.93 -20.38 18.18
CA ALA D 58 -34.07 -19.01 17.71
C ALA D 58 -33.34 -18.18 18.74
N LEU D 59 -32.47 -17.27 18.28
CA LEU D 59 -31.72 -16.43 19.19
C LEU D 59 -31.74 -14.98 18.72
N ASP D 60 -31.83 -14.08 19.69
CA ASP D 60 -31.84 -12.64 19.43
C ASP D 60 -30.37 -12.22 19.37
N LEU D 61 -29.86 -11.97 18.16
CA LEU D 61 -28.44 -11.61 18.05
C LEU D 61 -28.13 -10.18 17.63
N LYS D 62 -29.13 -9.31 17.67
CA LYS D 62 -28.91 -7.92 17.26
C LYS D 62 -27.74 -7.23 17.95
N GLU D 63 -27.67 -7.35 19.28
CA GLU D 63 -26.61 -6.72 20.03
C GLU D 63 -25.22 -7.28 19.68
N GLU D 64 -25.12 -8.61 19.57
CA GLU D 64 -23.85 -9.24 19.21
C GLU D 64 -23.46 -8.81 17.79
N PHE D 65 -24.45 -8.76 16.91
CA PHE D 65 -24.21 -8.36 15.53
C PHE D 65 -23.53 -6.99 15.43
N VAL D 66 -24.13 -6.00 16.07
CA VAL D 66 -23.59 -4.64 16.01
C VAL D 66 -22.33 -4.45 16.83
N ARG D 67 -22.32 -5.01 18.03
CA ARG D 67 -21.19 -4.89 18.95
C ARG D 67 -19.91 -5.58 18.48
N ASP D 68 -20.02 -6.86 18.10
CA ASP D 68 -18.83 -7.62 17.70
C ASP D 68 -18.53 -7.76 16.22
N PHE D 69 -19.36 -7.19 15.37
CA PHE D 69 -19.12 -7.30 13.93
C PHE D 69 -19.23 -5.97 13.20
N VAL D 70 -20.39 -5.32 13.26
CA VAL D 70 -20.58 -4.04 12.59
C VAL D 70 -19.62 -2.96 13.13
N PHE D 71 -19.52 -2.83 14.45
CA PHE D 71 -18.66 -1.82 15.07
C PHE D 71 -17.17 -2.01 14.76
N PRO D 72 -16.63 -3.23 14.97
CA PRO D 72 -15.20 -3.41 14.67
C PRO D 72 -14.92 -3.04 13.21
N MET D 73 -15.84 -3.43 12.31
CA MET D 73 -15.72 -3.15 10.89
C MET D 73 -15.80 -1.66 10.59
N MET D 74 -16.69 -0.96 11.28
CA MET D 74 -16.83 0.48 11.06
C MET D 74 -15.60 1.24 11.52
N ARG D 75 -15.00 0.80 12.62
CA ARG D 75 -13.79 1.44 13.14
C ARG D 75 -12.72 1.52 12.05
N ALA D 76 -12.72 0.52 11.16
CA ALA D 76 -11.73 0.49 10.08
C ALA D 76 -12.08 1.39 8.91
N GLY D 77 -13.33 1.88 8.86
CA GLY D 77 -13.74 2.75 7.76
C GLY D 77 -13.92 1.92 6.51
N ALA D 78 -14.34 0.67 6.72
CA ALA D 78 -14.52 -0.30 5.64
C ALA D 78 -15.57 0.05 4.60
N VAL D 79 -15.15 0.12 3.34
CA VAL D 79 -16.06 0.42 2.24
C VAL D 79 -15.57 -0.34 1.01
N TYR D 80 -16.42 -1.20 0.48
CA TYR D 80 -16.06 -1.99 -0.68
C TYR D 80 -16.33 -1.28 -2.00
N GLU D 81 -15.30 -1.21 -2.82
CA GLU D 81 -15.37 -0.58 -4.13
C GLU D 81 -16.11 0.75 -4.19
N GLY D 82 -15.69 1.68 -3.34
CA GLY D 82 -16.27 3.00 -3.35
C GLY D 82 -17.61 3.27 -2.67
N TYR D 83 -18.53 2.31 -2.67
CA TYR D 83 -19.83 2.58 -2.08
C TYR D 83 -20.48 1.54 -1.17
N TYR D 84 -20.08 0.27 -1.25
CA TYR D 84 -20.74 -0.75 -0.44
C TYR D 84 -20.29 -0.82 1.02
N LEU D 85 -21.24 -0.58 1.92
CA LEU D 85 -20.97 -0.60 3.35
C LEU D 85 -21.00 -1.99 3.97
N LEU D 86 -21.01 -3.00 3.11
CA LEU D 86 -20.96 -4.40 3.53
C LEU D 86 -22.06 -4.90 4.47
N GLY D 87 -23.29 -4.43 4.25
CA GLY D 87 -24.40 -4.84 5.11
C GLY D 87 -24.58 -6.34 5.26
N THR D 88 -24.52 -7.09 4.15
CA THR D 88 -24.69 -8.54 4.21
C THR D 88 -23.41 -9.26 4.59
N SER D 89 -22.29 -8.77 4.08
CA SER D 89 -20.99 -9.37 4.34
C SER D 89 -20.65 -9.63 5.83
N ILE D 90 -20.84 -8.63 6.69
CA ILE D 90 -20.53 -8.80 8.13
C ILE D 90 -21.52 -9.62 8.92
N ALA D 91 -22.69 -9.87 8.36
CA ALA D 91 -23.70 -10.67 9.07
C ALA D 91 -23.42 -12.17 9.02
N ARG D 92 -23.03 -12.65 7.86
CA ARG D 92 -22.74 -14.08 7.66
C ARG D 92 -21.81 -14.72 8.68
N PRO D 93 -20.65 -14.08 8.98
CA PRO D 93 -19.71 -14.65 9.96
C PRO D 93 -20.37 -14.95 11.31
N LEU D 94 -21.28 -14.06 11.72
CA LEU D 94 -22.00 -14.20 12.99
C LEU D 94 -22.85 -15.48 12.97
N ILE D 95 -23.64 -15.63 11.91
CA ILE D 95 -24.49 -16.80 11.74
C ILE D 95 -23.68 -18.09 11.75
N ALA D 96 -22.65 -18.14 10.91
CA ALA D 96 -21.79 -19.31 10.83
C ALA D 96 -21.19 -19.63 12.17
N LYS D 97 -20.82 -18.57 12.91
CA LYS D 97 -20.23 -18.75 14.23
C LYS D 97 -21.20 -19.53 15.11
N HIS D 98 -22.48 -19.20 15.02
CA HIS D 98 -23.47 -19.92 15.82
C HIS D 98 -23.77 -21.33 15.30
N LEU D 99 -23.83 -21.51 13.99
CA LEU D 99 -24.10 -22.85 13.42
C LEU D 99 -23.11 -23.86 13.96
N VAL D 100 -21.83 -23.48 13.95
CA VAL D 100 -20.78 -24.36 14.42
C VAL D 100 -20.85 -24.58 15.94
N ARG D 101 -21.19 -23.52 16.67
CA ARG D 101 -21.31 -23.59 18.12
C ARG D 101 -22.39 -24.62 18.46
N ILE D 102 -23.56 -24.43 17.86
CA ILE D 102 -24.70 -25.32 18.06
C ILE D 102 -24.35 -26.75 17.68
N ALA D 103 -23.68 -26.91 16.54
CA ALA D 103 -23.28 -28.23 16.08
C ALA D 103 -22.40 -28.94 17.12
N GLU D 104 -21.46 -28.20 17.71
CA GLU D 104 -20.58 -28.79 18.73
C GLU D 104 -21.41 -29.14 19.95
N GLU D 105 -22.49 -28.38 20.16
CA GLU D 105 -23.34 -28.62 21.30
C GLU D 105 -24.29 -29.79 21.09
N GLU D 106 -24.83 -29.91 19.88
CA GLU D 106 -25.76 -30.99 19.56
C GLU D 106 -25.10 -32.28 19.09
N GLY D 107 -23.77 -32.25 18.95
CA GLY D 107 -23.08 -33.43 18.47
C GLY D 107 -23.44 -33.66 17.00
N ALA D 108 -23.55 -32.57 16.25
CA ALA D 108 -23.89 -32.62 14.84
C ALA D 108 -22.59 -32.51 14.03
N GLU D 109 -22.36 -33.50 13.16
CA GLU D 109 -21.13 -33.48 12.37
C GLU D 109 -21.15 -32.48 11.22
N ALA D 110 -22.33 -32.01 10.85
CA ALA D 110 -22.40 -31.07 9.73
C ALA D 110 -23.33 -29.88 9.93
N ILE D 111 -23.15 -28.90 9.06
CA ILE D 111 -23.97 -27.70 9.05
C ILE D 111 -24.36 -27.51 7.60
N ALA D 112 -25.42 -26.74 7.37
CA ALA D 112 -25.87 -26.50 6.02
C ALA D 112 -26.42 -25.08 5.90
N HIS D 113 -26.43 -24.55 4.69
CA HIS D 113 -26.94 -23.21 4.42
C HIS D 113 -27.54 -23.19 3.02
N GLY D 114 -28.35 -22.17 2.74
CA GLY D 114 -28.98 -22.09 1.44
C GLY D 114 -28.42 -21.06 0.48
N ALA D 115 -27.16 -20.67 0.66
CA ALA D 115 -26.57 -19.70 -0.26
C ALA D 115 -26.29 -20.45 -1.56
N THR D 116 -26.37 -19.76 -2.69
CA THR D 116 -26.14 -20.38 -3.99
C THR D 116 -24.66 -20.63 -4.32
N GLY D 117 -24.43 -21.35 -5.41
CA GLY D 117 -23.07 -21.66 -5.82
C GLY D 117 -22.43 -20.52 -6.58
N LYS D 118 -23.23 -19.52 -6.95
CA LYS D 118 -22.77 -18.37 -7.72
C LYS D 118 -22.43 -17.13 -6.88
N GLY D 119 -22.78 -17.15 -5.60
CA GLY D 119 -22.54 -15.97 -4.78
C GLY D 119 -21.36 -15.93 -3.82
N ASN D 120 -21.32 -14.85 -3.06
CA ASN D 120 -20.27 -14.62 -2.07
C ASN D 120 -20.61 -15.27 -0.73
N ASP D 121 -21.88 -15.27 -0.37
CA ASP D 121 -22.31 -15.82 0.91
C ASP D 121 -21.84 -17.23 1.20
N GLN D 122 -21.86 -18.12 0.20
CA GLN D 122 -21.41 -19.48 0.42
C GLN D 122 -19.97 -19.47 0.96
N VAL D 123 -19.14 -18.63 0.35
CA VAL D 123 -17.75 -18.51 0.76
C VAL D 123 -17.65 -17.99 2.19
N ARG D 124 -18.48 -17.01 2.52
CA ARG D 124 -18.48 -16.43 3.86
C ARG D 124 -18.89 -17.47 4.91
N PHE D 125 -19.99 -18.18 4.69
CA PHE D 125 -20.41 -19.21 5.66
C PHE D 125 -19.33 -20.27 5.86
N GLU D 126 -18.81 -20.79 4.76
CA GLU D 126 -17.82 -21.87 4.81
C GLU D 126 -16.42 -21.51 5.30
N LEU D 127 -15.89 -20.36 4.88
CA LEU D 127 -14.57 -19.96 5.37
C LEU D 127 -14.65 -19.77 6.89
N THR D 128 -15.75 -19.22 7.41
CA THR D 128 -15.81 -19.06 8.86
C THR D 128 -16.08 -20.40 9.54
N ALA D 129 -16.86 -21.26 8.90
CA ALA D 129 -17.14 -22.58 9.47
C ALA D 129 -15.84 -23.38 9.62
N TYR D 130 -15.06 -23.48 8.54
CA TYR D 130 -13.79 -24.22 8.57
C TYR D 130 -12.75 -23.58 9.47
N ALA D 131 -12.73 -22.24 9.52
CA ALA D 131 -11.77 -21.53 10.36
C ALA D 131 -12.02 -21.76 11.84
N LEU D 132 -13.29 -21.88 12.21
CA LEU D 132 -13.66 -22.10 13.60
C LEU D 132 -13.64 -23.58 14.00
N LYS D 133 -13.98 -24.45 13.06
CA LYS D 133 -14.01 -25.90 13.32
C LYS D 133 -13.57 -26.60 12.03
N PRO D 134 -12.25 -26.81 11.85
CA PRO D 134 -11.66 -27.45 10.67
C PRO D 134 -12.21 -28.81 10.26
N ASP D 135 -12.66 -29.60 11.23
CA ASP D 135 -13.19 -30.92 10.95
C ASP D 135 -14.67 -30.94 10.57
N ILE D 136 -15.32 -29.79 10.68
CA ILE D 136 -16.74 -29.69 10.35
C ILE D 136 -17.00 -29.99 8.87
N LYS D 137 -18.18 -30.56 8.59
CA LYS D 137 -18.56 -30.86 7.22
C LYS D 137 -19.64 -29.86 6.82
N VAL D 138 -19.61 -29.42 5.57
CA VAL D 138 -20.58 -28.46 5.11
C VAL D 138 -21.40 -29.01 3.96
N ILE D 139 -22.69 -28.74 4.01
CA ILE D 139 -23.59 -29.20 2.96
C ILE D 139 -24.27 -27.97 2.41
N ALA D 140 -24.14 -27.78 1.09
CA ALA D 140 -24.75 -26.66 0.41
C ALA D 140 -25.63 -27.23 -0.68
N PRO D 141 -26.88 -27.54 -0.35
CA PRO D 141 -27.85 -28.10 -1.29
C PRO D 141 -27.87 -27.46 -2.67
N TRP D 142 -27.72 -26.14 -2.75
CA TRP D 142 -27.74 -25.48 -4.05
C TRP D 142 -26.66 -26.02 -4.96
N ARG D 143 -25.56 -26.50 -4.39
CA ARG D 143 -24.49 -27.05 -5.20
C ARG D 143 -24.63 -28.56 -5.42
N GLU D 144 -25.50 -29.21 -4.65
CA GLU D 144 -25.66 -30.66 -4.76
C GLU D 144 -26.93 -31.20 -5.44
N TRP D 145 -28.05 -30.48 -5.37
CA TRP D 145 -29.30 -30.98 -5.93
C TRP D 145 -29.56 -30.86 -7.44
N SER D 146 -30.68 -31.43 -7.87
CA SER D 146 -31.07 -31.46 -9.27
C SER D 146 -32.10 -30.48 -9.84
N PHE D 147 -32.85 -29.79 -8.98
CA PHE D 147 -33.85 -28.85 -9.48
C PHE D 147 -33.31 -28.05 -10.68
N GLN D 148 -34.08 -28.02 -11.77
CA GLN D 148 -33.68 -27.28 -12.96
C GLN D 148 -34.57 -26.07 -13.13
N GLY D 149 -35.18 -25.61 -12.06
CA GLY D 149 -36.04 -24.46 -12.18
C GLY D 149 -36.89 -24.16 -10.97
N ARG D 150 -37.36 -22.93 -10.91
CA ARG D 150 -38.20 -22.46 -9.83
C ARG D 150 -39.43 -23.35 -9.75
N LYS D 151 -40.03 -23.59 -10.90
CA LYS D 151 -41.23 -24.41 -11.01
C LYS D 151 -41.05 -25.78 -10.35
N GLU D 152 -39.94 -26.45 -10.64
CA GLU D 152 -39.69 -27.78 -10.07
C GLU D 152 -39.65 -27.71 -8.55
N MET D 153 -39.06 -26.64 -8.03
CA MET D 153 -38.95 -26.45 -6.59
C MET D 153 -40.29 -26.24 -5.90
N ILE D 154 -41.15 -25.39 -6.48
CA ILE D 154 -42.46 -25.12 -5.91
C ILE D 154 -43.23 -26.43 -5.86
N ALA D 155 -43.16 -27.18 -6.96
CA ALA D 155 -43.83 -28.48 -7.02
C ALA D 155 -43.33 -29.37 -5.89
N TYR D 156 -42.02 -29.48 -5.78
CA TYR D 156 -41.40 -30.30 -4.74
C TYR D 156 -41.84 -29.87 -3.34
N ALA D 157 -42.14 -28.58 -3.19
CA ALA D 157 -42.58 -28.03 -1.92
C ALA D 157 -43.97 -28.56 -1.59
N GLU D 158 -44.82 -28.59 -2.61
CA GLU D 158 -46.19 -29.09 -2.45
C GLU D 158 -46.13 -30.59 -2.20
N ALA D 159 -45.39 -31.31 -3.04
CA ALA D 159 -45.25 -32.75 -2.85
C ALA D 159 -45.02 -33.02 -1.35
N HIS D 160 -44.38 -32.08 -0.68
CA HIS D 160 -44.10 -32.22 0.75
C HIS D 160 -44.99 -31.32 1.60
N GLY D 161 -45.88 -30.59 0.94
CA GLY D 161 -46.79 -29.72 1.64
C GLY D 161 -46.15 -28.57 2.39
N ILE D 162 -45.56 -27.64 1.64
CA ILE D 162 -44.91 -26.48 2.24
C ILE D 162 -45.52 -25.22 1.64
N PRO D 163 -46.02 -24.30 2.48
CA PRO D 163 -46.63 -23.06 1.98
C PRO D 163 -45.81 -22.50 0.83
N VAL D 164 -46.47 -21.90 -0.15
CA VAL D 164 -45.77 -21.36 -1.31
C VAL D 164 -46.38 -20.03 -1.79
N PRO D 165 -45.71 -19.34 -2.74
CA PRO D 165 -46.15 -18.07 -3.31
C PRO D 165 -47.63 -18.03 -3.72
N PRO D 171 -39.59 -10.35 -8.20
CA PRO D 171 -39.01 -9.51 -9.28
C PRO D 171 -37.53 -9.18 -8.96
N TYR D 172 -37.14 -9.49 -7.74
CA TYR D 172 -35.77 -9.27 -7.27
C TYR D 172 -35.60 -9.90 -5.89
N SER D 173 -34.36 -10.23 -5.55
CA SER D 173 -34.06 -10.86 -4.26
C SER D 173 -33.59 -9.81 -3.27
N MET D 174 -33.83 -10.03 -1.98
CA MET D 174 -33.39 -9.07 -1.00
C MET D 174 -32.96 -9.68 0.32
N ASP D 175 -31.99 -9.03 0.97
CA ASP D 175 -31.48 -9.49 2.26
C ASP D 175 -31.57 -8.28 3.20
N ALA D 176 -32.22 -8.48 4.34
CA ALA D 176 -32.37 -7.38 5.28
C ALA D 176 -31.92 -7.71 6.69
N ASN D 177 -31.20 -6.78 7.31
CA ASN D 177 -30.74 -6.94 8.69
C ASN D 177 -30.63 -5.54 9.30
N LEU D 178 -30.21 -5.46 10.56
CA LEU D 178 -30.10 -4.17 11.24
C LEU D 178 -29.24 -3.13 10.54
N LEU D 179 -28.33 -3.56 9.68
CA LEU D 179 -27.43 -2.64 8.99
C LEU D 179 -27.95 -2.12 7.67
N HIS D 180 -28.66 -2.98 6.92
CA HIS D 180 -29.17 -2.56 5.63
C HIS D 180 -30.15 -3.56 5.01
N ILE D 181 -30.55 -3.25 3.79
CA ILE D 181 -31.40 -4.13 3.02
C ILE D 181 -30.77 -4.11 1.65
N SER D 182 -30.51 -5.31 1.14
CA SER D 182 -29.90 -5.52 -0.17
C SER D 182 -30.95 -5.96 -1.15
N TYR D 183 -30.83 -5.50 -2.40
CA TYR D 183 -31.75 -5.88 -3.46
C TYR D 183 -30.90 -6.21 -4.69
N GLU D 184 -31.20 -7.33 -5.33
CA GLU D 184 -30.46 -7.72 -6.53
C GLU D 184 -31.14 -8.87 -7.28
N GLY D 185 -30.80 -9.02 -8.56
CA GLY D 185 -31.39 -10.07 -9.36
C GLY D 185 -32.63 -9.54 -10.05
N GLY D 186 -33.38 -10.43 -10.70
CA GLY D 186 -34.58 -10.00 -11.40
C GLY D 186 -34.33 -8.84 -12.36
N VAL D 187 -35.21 -7.84 -12.29
CA VAL D 187 -35.09 -6.68 -13.16
C VAL D 187 -33.83 -5.85 -12.90
N LEU D 188 -33.24 -6.04 -11.74
CA LEU D 188 -32.02 -5.31 -11.37
C LEU D 188 -30.79 -5.78 -12.14
N GLU D 189 -30.91 -6.91 -12.84
CA GLU D 189 -29.78 -7.47 -13.58
C GLU D 189 -29.38 -6.60 -14.77
N ASP D 190 -30.26 -5.68 -15.16
CA ASP D 190 -29.93 -4.79 -16.27
C ASP D 190 -29.31 -3.52 -15.67
N PRO D 191 -27.97 -3.44 -15.65
CA PRO D 191 -27.26 -2.28 -15.10
C PRO D 191 -27.67 -0.92 -15.64
N TRP D 192 -28.36 -0.92 -16.78
CA TRP D 192 -28.80 0.32 -17.39
C TRP D 192 -30.22 0.67 -16.95
N ALA D 193 -30.86 -0.26 -16.25
CA ALA D 193 -32.22 -0.06 -15.77
C ALA D 193 -32.25 0.44 -14.34
N GLU D 194 -32.96 1.55 -14.11
CA GLU D 194 -33.07 2.11 -12.76
C GLU D 194 -33.92 1.18 -11.91
N PRO D 195 -33.62 1.07 -10.61
CA PRO D 195 -34.44 0.19 -9.78
C PRO D 195 -35.90 0.63 -9.87
N PRO D 196 -36.83 -0.32 -9.78
CA PRO D 196 -38.27 0.00 -9.87
C PRO D 196 -38.80 0.92 -8.77
N LYS D 197 -39.70 1.81 -9.16
CA LYS D 197 -40.30 2.75 -8.21
C LYS D 197 -40.94 1.97 -7.08
N GLY D 198 -40.76 2.46 -5.86
CA GLY D 198 -41.36 1.80 -4.71
C GLY D 198 -40.65 0.56 -4.19
N MET D 199 -39.46 0.30 -4.69
CA MET D 199 -38.70 -0.88 -4.27
C MET D 199 -38.17 -0.82 -2.85
N PHE D 200 -37.56 0.30 -2.47
CA PHE D 200 -36.99 0.45 -1.14
C PHE D 200 -37.98 0.24 -0.01
N ARG D 201 -37.48 -0.32 1.09
CA ARG D 201 -38.33 -0.62 2.23
C ARG D 201 -37.84 0.02 3.53
N MET D 202 -36.54 0.14 3.69
CA MET D 202 -35.97 0.70 4.92
C MET D 202 -35.88 2.22 4.94
N THR D 203 -35.78 2.83 3.76
CA THR D 203 -35.68 4.27 3.68
C THR D 203 -36.88 4.85 2.97
N GLN D 204 -37.43 5.93 3.51
CA GLN D 204 -38.55 6.57 2.85
C GLN D 204 -37.95 7.18 1.62
N ASP D 205 -38.77 7.37 0.59
CA ASP D 205 -38.28 7.96 -0.63
C ASP D 205 -38.05 9.46 -0.48
N PRO D 206 -36.87 9.95 -0.88
CA PRO D 206 -36.52 11.36 -0.78
C PRO D 206 -37.57 12.33 -1.31
N GLU D 207 -38.19 12.02 -2.45
CA GLU D 207 -39.20 12.92 -3.01
C GLU D 207 -40.36 13.05 -2.04
N GLU D 208 -40.39 12.18 -1.03
CA GLU D 208 -41.45 12.18 -0.03
C GLU D 208 -40.91 12.47 1.36
N ALA D 209 -39.63 12.81 1.46
CA ALA D 209 -39.01 13.09 2.76
C ALA D 209 -39.41 14.49 3.25
N PRO D 210 -39.35 14.71 4.58
CA PRO D 210 -39.69 16.00 5.18
C PRO D 210 -39.12 17.20 4.44
N ASP D 211 -39.90 18.28 4.41
CA ASP D 211 -39.49 19.51 3.73
C ASP D 211 -38.47 20.29 4.51
N ALA D 212 -38.37 20.00 5.79
CA ALA D 212 -37.42 20.69 6.63
C ALA D 212 -36.30 19.74 7.02
N PRO D 213 -35.05 20.22 7.00
CA PRO D 213 -33.90 19.38 7.36
C PRO D 213 -34.05 18.97 8.81
N GLU D 214 -33.32 17.94 9.22
CA GLU D 214 -33.35 17.52 10.60
C GLU D 214 -31.89 17.41 11.03
N TYR D 215 -31.59 17.82 12.26
CA TYR D 215 -30.22 17.75 12.74
C TYR D 215 -30.07 16.60 13.72
N VAL D 216 -28.93 15.93 13.65
CA VAL D 216 -28.65 14.82 14.53
C VAL D 216 -27.20 14.87 14.95
N GLU D 217 -26.94 14.55 16.21
CA GLU D 217 -25.59 14.53 16.75
C GLU D 217 -25.29 13.13 17.26
N VAL D 218 -24.07 12.65 16.99
CA VAL D 218 -23.67 11.33 17.42
C VAL D 218 -22.36 11.44 18.20
N GLU D 219 -22.33 10.83 19.38
CA GLU D 219 -21.14 10.86 20.21
C GLU D 219 -20.35 9.57 20.03
N PHE D 220 -19.03 9.71 19.88
CA PHE D 220 -18.16 8.54 19.76
C PHE D 220 -17.26 8.56 21.00
N PHE D 221 -17.03 7.40 21.62
CA PHE D 221 -16.16 7.40 22.79
C PHE D 221 -14.74 6.94 22.50
N GLU D 222 -14.58 5.75 21.97
CA GLU D 222 -13.23 5.32 21.66
C GLU D 222 -13.28 4.51 20.39
N GLY D 223 -13.84 5.11 19.35
CA GLY D 223 -13.99 4.43 18.08
C GLY D 223 -15.42 3.96 17.84
N ASP D 224 -16.21 3.87 18.90
CA ASP D 224 -17.60 3.43 18.75
C ASP D 224 -18.63 4.49 19.14
N PRO D 225 -19.74 4.55 18.38
CA PRO D 225 -20.81 5.52 18.66
C PRO D 225 -21.56 5.08 19.92
N VAL D 226 -21.63 5.95 20.92
CA VAL D 226 -22.30 5.61 22.17
C VAL D 226 -23.61 6.37 22.46
N ALA D 227 -23.89 7.44 21.74
CA ALA D 227 -25.12 8.19 21.98
C ALA D 227 -25.61 8.95 20.77
N VAL D 228 -26.92 9.23 20.76
CA VAL D 228 -27.56 9.95 19.68
C VAL D 228 -28.37 11.08 20.31
N ASN D 229 -28.17 12.29 19.82
CA ASN D 229 -28.85 13.47 20.34
C ASN D 229 -28.83 13.47 21.87
N GLY D 230 -27.70 13.08 22.44
CA GLY D 230 -27.57 13.07 23.89
C GLY D 230 -28.07 11.87 24.66
N GLU D 231 -28.70 10.92 23.98
CA GLU D 231 -29.21 9.74 24.69
C GLU D 231 -28.27 8.54 24.52
N ARG D 232 -27.79 8.00 25.63
CA ARG D 232 -26.91 6.83 25.57
C ARG D 232 -27.75 5.69 25.02
N LEU D 233 -27.20 4.95 24.07
CA LEU D 233 -27.91 3.82 23.47
C LEU D 233 -26.97 2.63 23.29
N SER D 234 -27.50 1.42 23.47
CA SER D 234 -26.70 0.23 23.30
C SER D 234 -26.39 0.14 21.81
N PRO D 235 -25.37 -0.63 21.43
CA PRO D 235 -25.00 -0.77 20.02
C PRO D 235 -26.18 -1.03 19.08
N ALA D 236 -26.96 -2.07 19.36
CA ALA D 236 -28.09 -2.40 18.52
C ALA D 236 -29.17 -1.31 18.56
N ALA D 237 -29.43 -0.79 19.76
CA ALA D 237 -30.43 0.26 19.94
C ALA D 237 -30.01 1.53 19.19
N LEU D 238 -28.72 1.83 19.23
CA LEU D 238 -28.21 3.01 18.55
C LEU D 238 -28.31 2.87 17.03
N LEU D 239 -28.07 1.68 16.50
CA LEU D 239 -28.16 1.49 15.05
C LEU D 239 -29.61 1.64 14.64
N GLN D 240 -30.51 1.10 15.46
CA GLN D 240 -31.94 1.17 15.18
C GLN D 240 -32.37 2.63 15.14
N ARG D 241 -32.02 3.38 16.18
CA ARG D 241 -32.37 4.80 16.27
C ARG D 241 -31.96 5.55 15.02
N LEU D 242 -30.71 5.38 14.59
CA LEU D 242 -30.22 6.08 13.41
C LEU D 242 -30.87 5.62 12.10
N ASN D 243 -31.37 4.39 12.07
CA ASN D 243 -32.04 3.90 10.87
C ASN D 243 -33.37 4.67 10.75
N GLU D 244 -34.03 4.86 11.89
CA GLU D 244 -35.31 5.58 11.94
C GLU D 244 -35.13 7.01 11.47
N ILE D 245 -34.19 7.70 12.07
CA ILE D 245 -33.93 9.09 11.72
C ILE D 245 -33.48 9.22 10.27
N GLY D 246 -32.58 8.34 9.85
CA GLY D 246 -32.07 8.41 8.48
C GLY D 246 -33.07 7.91 7.45
N GLY D 247 -33.77 6.83 7.80
CA GLY D 247 -34.75 6.29 6.87
C GLY D 247 -35.80 7.34 6.55
N ARG D 248 -36.33 8.01 7.58
CA ARG D 248 -37.36 9.02 7.37
C ARG D 248 -36.92 10.01 6.30
N HIS D 249 -35.63 10.29 6.25
CA HIS D 249 -35.13 11.23 5.26
C HIS D 249 -34.63 10.57 3.99
N GLY D 250 -34.79 9.25 3.91
CA GLY D 250 -34.35 8.52 2.72
C GLY D 250 -32.85 8.52 2.51
N VAL D 251 -32.10 8.46 3.60
CA VAL D 251 -30.64 8.48 3.54
C VAL D 251 -29.98 7.10 3.36
N GLY D 252 -28.83 7.10 2.66
CA GLY D 252 -28.07 5.88 2.46
C GLY D 252 -28.40 4.94 1.32
N ARG D 253 -28.73 5.50 0.16
CA ARG D 253 -29.07 4.69 -1.01
C ARG D 253 -27.92 4.65 -2.02
N VAL D 254 -27.57 3.45 -2.46
CA VAL D 254 -26.48 3.29 -3.44
C VAL D 254 -26.82 2.23 -4.49
N ASP D 255 -26.38 2.49 -5.71
CA ASP D 255 -26.64 1.62 -6.85
C ASP D 255 -25.31 1.29 -7.56
N ILE D 256 -24.84 0.06 -7.39
CA ILE D 256 -23.56 -0.33 -8.00
C ILE D 256 -23.46 -1.71 -8.65
N VAL D 257 -22.54 -1.81 -9.60
CA VAL D 257 -22.24 -3.09 -10.24
C VAL D 257 -20.93 -3.45 -9.54
N GLU D 258 -20.98 -4.48 -8.69
CA GLU D 258 -19.80 -4.92 -7.94
C GLU D 258 -19.11 -6.17 -8.49
N ASN D 259 -17.90 -6.42 -8.01
CA ASN D 259 -17.13 -7.60 -8.42
C ASN D 259 -17.24 -8.66 -7.32
N ARG D 260 -17.90 -9.78 -7.62
CA ARG D 260 -18.03 -10.85 -6.62
C ARG D 260 -16.67 -11.55 -6.47
N PHE D 261 -16.47 -12.25 -5.37
CA PHE D 261 -15.22 -12.95 -5.11
C PHE D 261 -15.07 -14.17 -6.03
N VAL D 262 -16.20 -14.68 -6.48
CA VAL D 262 -16.24 -15.85 -7.34
C VAL D 262 -15.87 -15.55 -8.80
N GLY D 263 -15.72 -14.28 -9.16
CA GLY D 263 -15.33 -13.98 -10.52
C GLY D 263 -16.15 -13.08 -11.43
N MET D 264 -17.45 -12.96 -11.22
CA MET D 264 -18.24 -12.10 -12.11
C MET D 264 -18.79 -10.84 -11.46
N LYS D 265 -19.23 -9.92 -12.31
CA LYS D 265 -19.81 -8.66 -11.85
C LYS D 265 -21.28 -8.88 -11.54
N SER D 266 -21.85 -8.02 -10.70
CA SER D 266 -23.24 -8.14 -10.30
C SER D 266 -23.86 -6.78 -10.00
N ARG D 267 -25.11 -6.58 -10.38
CA ARG D 267 -25.78 -5.30 -10.14
C ARG D 267 -26.45 -5.32 -8.76
N GLY D 268 -26.01 -4.41 -7.89
CA GLY D 268 -26.57 -4.35 -6.56
C GLY D 268 -27.06 -2.96 -6.14
N VAL D 269 -28.17 -2.95 -5.40
CA VAL D 269 -28.76 -1.73 -4.88
C VAL D 269 -28.87 -1.92 -3.37
N TYR D 270 -28.41 -0.94 -2.61
CA TYR D 270 -28.44 -1.04 -1.16
C TYR D 270 -28.91 0.23 -0.44
N GLU D 271 -29.56 0.04 0.71
CA GLU D 271 -30.01 1.16 1.52
C GLU D 271 -29.47 0.91 2.92
N THR D 272 -28.64 1.86 3.38
CA THR D 272 -27.97 1.78 4.67
C THR D 272 -28.07 3.11 5.42
N PRO D 273 -29.30 3.52 5.80
CA PRO D 273 -29.54 4.79 6.52
C PRO D 273 -28.65 5.06 7.74
N GLY D 274 -28.81 4.28 8.79
CA GLY D 274 -28.00 4.48 9.99
C GLY D 274 -26.50 4.36 9.73
N GLY D 275 -26.11 3.34 8.97
CA GLY D 275 -24.71 3.15 8.68
C GLY D 275 -24.10 4.30 7.91
N THR D 276 -24.88 4.92 7.03
CA THR D 276 -24.38 6.02 6.23
C THR D 276 -24.19 7.26 7.11
N ILE D 277 -25.04 7.41 8.11
CA ILE D 277 -24.93 8.53 9.02
C ILE D 277 -23.66 8.31 9.84
N LEU D 278 -23.51 7.10 10.36
CA LEU D 278 -22.35 6.74 11.16
C LEU D 278 -21.04 6.89 10.40
N TYR D 279 -21.07 6.55 9.11
CA TYR D 279 -19.87 6.66 8.30
C TYR D 279 -19.32 8.08 8.34
N HIS D 280 -20.17 9.04 7.98
CA HIS D 280 -19.79 10.44 7.96
C HIS D 280 -19.55 11.04 9.35
N ALA D 281 -20.32 10.58 10.36
CA ALA D 281 -20.17 11.08 11.72
C ALA D 281 -18.79 10.69 12.25
N ARG D 282 -18.38 9.47 11.92
CA ARG D 282 -17.08 8.96 12.36
C ARG D 282 -15.96 9.79 11.76
N ARG D 283 -15.99 10.01 10.44
CA ARG D 283 -14.96 10.77 9.79
C ARG D 283 -14.92 12.22 10.29
N ALA D 284 -16.09 12.79 10.54
CA ALA D 284 -16.19 14.16 11.03
C ALA D 284 -15.44 14.25 12.36
N VAL D 285 -15.63 13.27 13.22
CA VAL D 285 -14.94 13.26 14.50
C VAL D 285 -13.45 12.94 14.29
N GLU D 286 -13.15 12.07 13.33
CA GLU D 286 -11.76 11.71 13.05
C GLU D 286 -10.99 12.93 12.56
N SER D 287 -11.68 13.86 11.90
CA SER D 287 -11.04 15.05 11.37
C SER D 287 -10.45 15.95 12.46
N LEU D 288 -10.92 15.79 13.70
CA LEU D 288 -10.40 16.60 14.79
C LEU D 288 -9.47 15.78 15.69
N THR D 289 -9.72 14.47 15.76
CA THR D 289 -8.93 13.61 16.65
C THR D 289 -7.79 12.77 16.08
N LEU D 290 -7.69 12.63 14.77
CA LEU D 290 -6.62 11.82 14.20
C LEU D 290 -5.51 12.64 13.57
N ASP D 291 -4.27 12.19 13.78
CA ASP D 291 -3.11 12.83 13.21
C ASP D 291 -3.13 12.65 11.69
N ARG D 292 -2.61 13.64 10.96
CA ARG D 292 -2.58 13.62 9.50
C ARG D 292 -2.01 12.33 8.92
N GLU D 293 -0.76 12.04 9.24
CA GLU D 293 -0.12 10.84 8.72
C GLU D 293 -0.82 9.55 9.16
N VAL D 294 -1.33 9.52 10.38
CA VAL D 294 -2.03 8.33 10.84
C VAL D 294 -3.24 8.10 9.94
N LEU D 295 -4.00 9.17 9.69
CA LEU D 295 -5.18 9.08 8.85
C LEU D 295 -4.86 8.62 7.44
N HIS D 296 -3.85 9.21 6.83
CA HIS D 296 -3.47 8.87 5.47
C HIS D 296 -3.10 7.39 5.30
N GLN D 297 -2.43 6.81 6.30
CA GLN D 297 -2.04 5.41 6.25
C GLN D 297 -3.27 4.53 6.45
N ARG D 298 -4.12 4.93 7.38
CA ARG D 298 -5.34 4.18 7.69
C ARG D 298 -6.25 4.08 6.46
N ASP D 299 -6.42 5.19 5.75
CA ASP D 299 -7.28 5.20 4.56
C ASP D 299 -6.77 4.33 3.42
N MET D 300 -5.46 4.14 3.33
CA MET D 300 -4.91 3.32 2.27
C MET D 300 -5.02 1.82 2.61
N LEU D 301 -5.30 1.52 3.87
CA LEU D 301 -5.46 0.14 4.29
C LEU D 301 -6.96 -0.23 4.34
N SER D 302 -7.81 0.77 4.52
CA SER D 302 -9.25 0.53 4.59
C SER D 302 -9.79 -0.38 3.49
N PRO D 303 -9.42 -0.11 2.22
CA PRO D 303 -9.88 -0.93 1.08
C PRO D 303 -9.55 -2.42 1.18
N LYS D 304 -8.35 -2.74 1.67
CA LYS D 304 -7.93 -4.13 1.80
C LYS D 304 -8.81 -4.82 2.85
N TYR D 305 -9.00 -4.15 3.98
CA TYR D 305 -9.83 -4.70 5.06
C TYR D 305 -11.23 -4.96 4.51
N ALA D 306 -11.73 -4.03 3.70
CA ALA D 306 -13.05 -4.13 3.11
C ALA D 306 -13.19 -5.38 2.24
N GLU D 307 -12.24 -5.58 1.34
CA GLU D 307 -12.31 -6.74 0.47
C GLU D 307 -12.20 -8.02 1.26
N LEU D 308 -11.49 -7.98 2.39
CA LEU D 308 -11.36 -9.17 3.25
C LEU D 308 -12.74 -9.53 3.77
N VAL D 309 -13.44 -8.53 4.31
CA VAL D 309 -14.78 -8.70 4.85
C VAL D 309 -15.74 -9.16 3.76
N TYR D 310 -15.63 -8.56 2.59
CA TYR D 310 -16.49 -8.90 1.47
C TYR D 310 -16.30 -10.34 1.00
N TYR D 311 -15.04 -10.77 0.90
CA TYR D 311 -14.73 -12.13 0.46
C TYR D 311 -15.13 -13.18 1.49
N GLY D 312 -15.18 -12.79 2.75
CA GLY D 312 -15.55 -13.74 3.78
C GLY D 312 -14.43 -14.07 4.73
N PHE D 313 -13.31 -13.33 4.64
CA PHE D 313 -12.19 -13.60 5.54
C PHE D 313 -12.29 -12.81 6.86
N TRP D 314 -13.34 -13.08 7.64
CA TRP D 314 -13.53 -12.41 8.91
C TRP D 314 -12.68 -13.09 9.97
N TYR D 315 -12.90 -14.38 10.18
CA TYR D 315 -12.10 -15.12 11.15
C TYR D 315 -10.87 -15.66 10.43
N ALA D 316 -10.06 -14.71 9.96
CA ALA D 316 -8.81 -14.97 9.25
C ALA D 316 -7.75 -14.12 9.93
N PRO D 317 -6.51 -14.61 10.00
CA PRO D 317 -5.43 -13.87 10.64
C PRO D 317 -5.05 -12.51 10.05
N GLU D 318 -5.26 -12.32 8.74
CA GLU D 318 -4.93 -11.06 8.09
C GLU D 318 -5.88 -9.96 8.54
N ARG D 319 -7.16 -10.31 8.63
CA ARG D 319 -8.18 -9.35 9.03
C ARG D 319 -7.99 -8.98 10.49
N GLU D 320 -7.73 -9.97 11.34
CA GLU D 320 -7.53 -9.70 12.75
C GLU D 320 -6.25 -8.89 12.98
N ALA D 321 -5.28 -9.02 12.07
CA ALA D 321 -4.03 -8.28 12.19
C ALA D 321 -4.30 -6.82 11.86
N LEU D 322 -4.99 -6.59 10.75
CA LEU D 322 -5.34 -5.24 10.36
C LEU D 322 -6.21 -4.64 11.45
N GLN D 323 -7.08 -5.46 12.03
CA GLN D 323 -7.99 -4.99 13.09
C GLN D 323 -7.21 -4.38 14.23
N ALA D 324 -6.04 -4.95 14.52
CA ALA D 324 -5.21 -4.44 15.61
C ALA D 324 -4.77 -3.02 15.30
N TYR D 325 -4.48 -2.75 14.03
CA TYR D 325 -4.07 -1.41 13.63
C TYR D 325 -5.27 -0.45 13.70
N PHE D 326 -6.38 -0.85 13.10
CA PHE D 326 -7.58 -0.01 13.07
C PHE D 326 -8.09 0.32 14.47
N ASP D 327 -8.12 -0.67 15.35
CA ASP D 327 -8.59 -0.43 16.71
C ASP D 327 -7.65 0.57 17.40
N HIS D 328 -6.34 0.41 17.22
CA HIS D 328 -5.36 1.31 17.82
C HIS D 328 -5.62 2.75 17.40
N VAL D 329 -5.82 2.96 16.10
CA VAL D 329 -6.10 4.30 15.58
C VAL D 329 -7.45 4.80 16.09
N ALA D 330 -8.45 3.92 16.06
CA ALA D 330 -9.81 4.25 16.49
C ALA D 330 -9.95 4.60 17.97
N ARG D 331 -9.00 4.18 18.79
CA ARG D 331 -9.07 4.46 20.22
C ARG D 331 -9.14 5.97 20.50
N SER D 332 -8.59 6.76 19.58
CA SER D 332 -8.57 8.22 19.72
C SER D 332 -9.85 8.91 19.23
N VAL D 333 -10.74 8.17 18.58
CA VAL D 333 -11.97 8.76 18.05
C VAL D 333 -13.02 9.03 19.12
N THR D 334 -12.85 10.14 19.83
CA THR D 334 -13.76 10.55 20.90
C THR D 334 -14.26 11.96 20.64
N GLY D 335 -15.57 12.12 20.53
CA GLY D 335 -16.11 13.44 20.27
C GLY D 335 -17.54 13.39 19.75
N VAL D 336 -17.98 14.48 19.15
CA VAL D 336 -19.34 14.54 18.61
C VAL D 336 -19.40 15.10 17.21
N ALA D 337 -20.25 14.49 16.40
CA ALA D 337 -20.46 14.94 15.03
C ALA D 337 -21.90 15.48 14.96
N ARG D 338 -22.08 16.56 14.20
CA ARG D 338 -23.41 17.15 14.02
C ARG D 338 -23.68 17.08 12.53
N LEU D 339 -24.75 16.39 12.16
CA LEU D 339 -25.07 16.24 10.76
C LEU D 339 -26.47 16.77 10.44
N LYS D 340 -26.66 17.17 9.20
CA LYS D 340 -27.92 17.71 8.72
C LYS D 340 -28.50 16.81 7.63
N LEU D 341 -29.64 16.18 7.91
CA LEU D 341 -30.30 15.28 6.98
C LEU D 341 -31.38 15.99 6.14
N TYR D 342 -31.29 15.87 4.82
CA TYR D 342 -32.27 16.49 3.94
C TYR D 342 -32.46 15.77 2.61
N LYS D 343 -33.61 15.11 2.46
CA LYS D 343 -33.96 14.39 1.24
C LYS D 343 -32.85 13.54 0.63
N GLY D 344 -32.58 12.39 1.26
CA GLY D 344 -31.57 11.47 0.77
C GLY D 344 -30.13 11.83 1.05
N ASN D 345 -29.88 13.08 1.44
CA ASN D 345 -28.52 13.53 1.69
C ASN D 345 -28.18 13.71 3.17
N VAL D 346 -26.91 13.48 3.49
CA VAL D 346 -26.40 13.63 4.85
C VAL D 346 -25.26 14.64 4.80
N TYR D 347 -25.44 15.77 5.47
CA TYR D 347 -24.41 16.80 5.47
C TYR D 347 -23.80 17.02 6.84
N VAL D 348 -22.49 16.87 6.95
CA VAL D 348 -21.80 17.13 8.19
C VAL D 348 -21.78 18.67 8.29
N VAL D 349 -22.24 19.23 9.41
CA VAL D 349 -22.24 20.69 9.57
C VAL D 349 -21.40 21.12 10.77
N GLY D 350 -20.97 20.17 11.57
CA GLY D 350 -20.16 20.51 12.73
C GLY D 350 -19.61 19.32 13.48
N ARG D 351 -18.51 19.52 14.19
CA ARG D 351 -17.89 18.46 14.97
C ARG D 351 -17.04 19.04 16.10
N LYS D 352 -17.00 18.34 17.21
CA LYS D 352 -16.19 18.77 18.35
C LYS D 352 -15.61 17.58 19.07
N ALA D 353 -14.50 17.79 19.77
CA ALA D 353 -13.87 16.70 20.50
C ALA D 353 -13.04 17.19 21.68
N PRO D 354 -13.11 16.45 22.80
CA PRO D 354 -12.38 16.78 24.03
C PRO D 354 -10.91 17.00 23.75
N LYS D 355 -10.33 16.19 22.87
CA LYS D 355 -8.92 16.32 22.54
C LYS D 355 -8.69 16.66 21.09
N SER D 356 -9.47 17.59 20.56
CA SER D 356 -9.32 18.03 19.20
C SER D 356 -7.89 18.53 19.01
N LEU D 357 -7.32 18.25 17.84
CA LEU D 357 -5.97 18.70 17.53
C LEU D 357 -6.07 19.99 16.76
N TYR D 358 -7.29 20.49 16.66
CA TYR D 358 -7.58 21.73 15.95
C TYR D 358 -7.52 22.91 16.92
N ARG D 359 -6.52 23.76 16.80
CA ARG D 359 -6.43 24.94 17.65
C ARG D 359 -6.90 26.12 16.80
N GLY D 370 4.57 28.51 17.37
CA GLY D 370 4.54 27.22 16.62
C GLY D 370 5.51 27.26 15.45
N TYR D 371 5.38 28.31 14.64
CA TYR D 371 6.25 28.50 13.49
C TYR D 371 5.89 29.82 12.84
N ASP D 372 6.85 30.40 12.12
CA ASP D 372 6.64 31.67 11.46
C ASP D 372 6.84 31.59 9.96
N GLN D 373 6.90 32.75 9.33
CA GLN D 373 7.04 32.86 7.90
C GLN D 373 8.34 32.27 7.38
N LYS D 374 9.44 32.59 8.02
CA LYS D 374 10.72 32.06 7.59
C LYS D 374 10.70 30.53 7.51
N ASP D 375 10.21 29.88 8.55
CA ASP D 375 10.14 28.41 8.61
C ASP D 375 9.60 27.78 7.35
N ALA D 376 8.47 28.29 6.87
CA ALA D 376 7.84 27.78 5.67
C ALA D 376 8.80 27.83 4.48
N GLU D 377 9.57 28.90 4.38
CA GLU D 377 10.53 29.03 3.29
C GLU D 377 11.59 27.92 3.33
N GLY D 378 12.05 27.57 4.53
CA GLY D 378 13.05 26.54 4.67
C GLY D 378 12.45 25.17 4.36
N PHE D 379 11.22 24.97 4.79
CA PHE D 379 10.49 23.73 4.54
C PHE D 379 10.44 23.56 3.03
N ILE D 380 10.00 24.61 2.35
CA ILE D 380 9.89 24.61 0.90
C ILE D 380 11.22 24.32 0.20
N LYS D 381 12.28 24.98 0.65
CA LYS D 381 13.60 24.77 0.04
C LYS D 381 14.08 23.32 0.13
N ILE D 382 13.97 22.74 1.32
CA ILE D 382 14.39 21.36 1.55
C ILE D 382 13.54 20.38 0.71
N GLN D 383 12.24 20.63 0.63
CA GLN D 383 11.31 19.79 -0.12
C GLN D 383 11.56 19.89 -1.63
N ALA D 384 12.05 21.04 -2.06
CA ALA D 384 12.30 21.30 -3.48
C ALA D 384 13.63 20.78 -3.99
N LEU D 385 14.58 20.62 -3.07
CA LEU D 385 15.92 20.16 -3.42
C LEU D 385 15.99 19.08 -4.49
N ARG D 386 15.37 17.92 -4.25
CA ARG D 386 15.45 16.82 -5.23
C ARG D 386 14.84 17.14 -6.59
N LEU D 387 13.84 18.01 -6.62
CA LEU D 387 13.22 18.37 -7.88
C LEU D 387 14.17 19.29 -8.68
N ARG D 388 14.89 20.15 -7.99
CA ARG D 388 15.84 21.05 -8.66
C ARG D 388 17.02 20.27 -9.21
N VAL D 389 17.53 19.33 -8.44
CA VAL D 389 18.66 18.52 -8.91
C VAL D 389 18.19 17.75 -10.13
N ARG D 390 16.94 17.29 -10.10
CA ARG D 390 16.36 16.55 -11.21
C ARG D 390 16.40 17.43 -12.46
N ALA D 391 15.82 18.62 -12.34
CA ALA D 391 15.78 19.56 -13.46
C ALA D 391 17.19 19.92 -13.93
N LEU D 392 18.08 20.20 -12.99
CA LEU D 392 19.44 20.53 -13.36
C LEU D 392 20.10 19.40 -14.13
N VAL D 393 19.96 18.17 -13.63
CA VAL D 393 20.56 17.02 -14.31
C VAL D 393 19.97 16.85 -15.70
N GLU D 394 18.68 17.09 -15.82
CA GLU D 394 18.03 16.98 -17.10
C GLU D 394 18.57 18.16 -17.92
N ARG D 395 19.22 19.08 -17.21
CA ARG D 395 19.79 20.30 -17.80
C ARG D 395 19.44 20.47 -19.24
#